data_1S26
#
_entry.id   1S26
#
_cell.length_a   117.555
_cell.length_b   167.605
_cell.length_c   345.346
_cell.angle_alpha   90.00
_cell.angle_beta   90.00
_cell.angle_gamma   90.00
#
_symmetry.space_group_name_H-M   'I 2 2 2'
#
loop_
_entity.id
_entity.type
_entity.pdbx_description
1 polymer 'Calmodulin-sensitive adenylate cyclase'
2 polymer Calmodulin
3 non-polymer 'YTTERBIUM (III) ION'
4 non-polymer 'DIPHOSPHOMETHYLPHOSPHONIC ACID ADENOSYL ESTER'
5 non-polymer 'CALCIUM ION'
#
loop_
_entity_poly.entity_id
_entity_poly.type
_entity_poly.pdbx_seq_one_letter_code
_entity_poly.pdbx_strand_id
1 'polypeptide(L)'
;DRIDVLKGEKALKASGLVPEHADAFKKIARELNTYILFRPVNKLATNLIKSGVATKGLNVHGKSSDWGPVAGYIPFDQDL
SKKHGQQLAVEKGNLENKKSITEHEGEIGKIPLKLDHLRIEELKENGIILKGKKEIDNGKKYYLLESNNQVYEFRISDEN
NEVQYKTKEGKITVLGEKFNWRNIEVMAKNVEGVLKPLTADYDLFALAPSLTEIKKQIPQKEWDKVVNTPNSLEKQKGVT
NLLIKYGIERKPDSTKGTLSNWQKQMLDRLNEAVKYTGYTGGDVVNHGTEQDNEEFPEKDNEIFIINPEGEFILTKNWEM
TGRFIEKNITGKDYLYYFNRSYNKIAPGNKAYIEWTDPITKAKINTIPTSAEFIKNLSSIRRSSNVGVYKDSGDKDEFAK
KESVKKIAGYLSDYYNSANHIFSQEKKRKISIFRGIQAYNEIENVLKSKQIAPEYKNYFQYLKERITNQVQLLLTHQKSN
IEFKLLYKQLNFTENETDNFEVFQKIIDEK
;
A,B,C
2 'polypeptide(L)'
;ADQLTEEQIAEFKEAFSLFDKDGDGTITTKELGTVMRSLGQNPTEAELQDMINEVDADGNGTIDFPEFLTMMARKMKDTD
SEEEIREAFRVFDKDGNGYISAAELRHVMTNLGEKLTDEEVDEMIREADIDGDGQVNYEEFVQMMTAK
;
D,E,F
#
# COMPACT_ATOMS: atom_id res chain seq x y z
N ARG A 2 -2.14 -47.34 5.38
CA ARG A 2 -2.87 -46.83 6.58
C ARG A 2 -2.50 -45.38 6.91
N ILE A 3 -3.51 -44.55 7.13
CA ILE A 3 -3.30 -43.15 7.49
C ILE A 3 -4.19 -42.77 8.65
N ASP A 4 -3.55 -42.33 9.72
CA ASP A 4 -4.17 -41.92 10.98
C ASP A 4 -5.25 -40.83 10.88
N VAL A 5 -6.47 -41.20 10.50
CA VAL A 5 -7.56 -40.25 10.36
C VAL A 5 -8.60 -40.55 11.45
N LEU A 6 -9.51 -39.61 11.72
CA LEU A 6 -10.56 -39.88 12.71
C LEU A 6 -11.76 -40.39 11.93
N LYS A 7 -12.70 -41.04 12.61
CA LYS A 7 -13.88 -41.55 11.92
C LYS A 7 -15.15 -41.34 12.71
N GLY A 8 -16.28 -41.55 12.03
CA GLY A 8 -17.59 -41.39 12.64
C GLY A 8 -17.72 -40.33 13.72
N GLU A 9 -18.57 -40.61 14.69
CA GLU A 9 -18.85 -39.71 15.80
C GLU A 9 -17.66 -38.87 16.24
N LYS A 10 -16.51 -39.47 16.49
CA LYS A 10 -15.36 -38.70 16.92
C LYS A 10 -14.98 -37.65 15.89
N ALA A 11 -15.14 -37.98 14.61
CA ALA A 11 -14.83 -37.04 13.52
C ALA A 11 -15.88 -35.94 13.42
N LEU A 12 -17.15 -36.30 13.54
CA LEU A 12 -18.23 -35.32 13.49
C LEU A 12 -18.07 -34.29 14.61
N LYS A 13 -17.57 -34.74 15.76
CA LYS A 13 -17.39 -33.84 16.90
C LYS A 13 -16.35 -32.78 16.61
N ALA A 14 -15.29 -33.17 15.91
CA ALA A 14 -14.22 -32.24 15.59
C ALA A 14 -14.54 -31.32 14.41
N SER A 15 -15.64 -31.59 13.71
CA SER A 15 -16.01 -30.83 12.55
C SER A 15 -16.67 -29.47 12.82
N GLY A 16 -17.48 -29.38 13.87
CA GLY A 16 -18.13 -28.12 14.10
C GLY A 16 -19.51 -28.12 13.47
N LEU A 17 -19.78 -29.10 12.62
CA LEU A 17 -21.08 -29.19 11.97
C LEU A 17 -22.13 -29.69 12.95
N VAL A 18 -23.37 -29.30 12.70
CA VAL A 18 -24.48 -29.74 13.52
C VAL A 18 -24.66 -31.21 13.11
N PRO A 19 -24.76 -32.13 14.09
CA PRO A 19 -24.93 -33.56 13.80
C PRO A 19 -26.07 -33.88 12.81
N GLU A 20 -27.25 -33.37 13.11
CA GLU A 20 -28.43 -33.58 12.27
C GLU A 20 -28.05 -33.23 10.84
N HIS A 21 -27.43 -32.08 10.67
CA HIS A 21 -27.00 -31.59 9.35
C HIS A 21 -25.99 -32.50 8.65
N ALA A 22 -24.98 -32.95 9.38
CA ALA A 22 -23.99 -33.81 8.76
C ALA A 22 -24.66 -35.11 8.32
N ASP A 23 -25.69 -35.53 9.07
CA ASP A 23 -26.41 -36.75 8.75
C ASP A 23 -27.19 -36.55 7.48
N ALA A 24 -27.88 -35.42 7.40
CA ALA A 24 -28.66 -35.08 6.23
C ALA A 24 -27.74 -35.03 5.01
N PHE A 25 -26.47 -34.72 5.25
CA PHE A 25 -25.47 -34.65 4.17
C PHE A 25 -24.97 -36.00 3.74
N LYS A 26 -25.22 -37.04 4.55
CA LYS A 26 -24.79 -38.39 4.19
C LYS A 26 -25.55 -38.81 2.94
N LYS A 27 -26.83 -38.45 2.90
CA LYS A 27 -27.69 -38.74 1.78
C LYS A 27 -27.04 -38.28 0.49
N ILE A 28 -26.89 -36.97 0.35
CA ILE A 28 -26.31 -36.39 -0.85
C ILE A 28 -25.00 -37.02 -1.30
N ALA A 29 -24.12 -37.34 -0.34
CA ALA A 29 -22.84 -37.93 -0.70
C ALA A 29 -23.05 -39.27 -1.40
N ARG A 30 -24.06 -40.02 -0.97
CA ARG A 30 -24.35 -41.33 -1.57
C ARG A 30 -25.06 -41.13 -2.90
N GLU A 31 -26.19 -40.44 -2.83
CA GLU A 31 -27.00 -40.18 -4.02
C GLU A 31 -26.14 -39.75 -5.18
N LEU A 32 -25.53 -38.57 -5.09
CA LEU A 32 -24.69 -38.17 -6.13
C LEU A 32 -23.53 -39.03 -5.59
N ASN A 33 -22.76 -39.66 -6.37
CA ASN A 33 -21.69 -40.33 -5.76
C ASN A 33 -20.53 -39.29 -5.73
N THR A 34 -20.32 -38.47 -4.64
CA THR A 34 -19.36 -37.38 -4.66
C THR A 34 -18.88 -37.02 -3.26
N TYR A 35 -17.56 -36.88 -3.09
CA TYR A 35 -16.96 -36.52 -1.80
C TYR A 35 -17.22 -35.07 -1.42
N ILE A 36 -17.67 -34.84 -0.19
CA ILE A 36 -17.91 -33.49 0.29
C ILE A 36 -16.90 -33.18 1.40
N LEU A 37 -16.02 -32.20 1.17
CA LEU A 37 -15.02 -31.84 2.16
C LEU A 37 -15.23 -30.45 2.73
N PHE A 38 -15.35 -30.37 4.06
CA PHE A 38 -15.55 -29.10 4.76
C PHE A 38 -14.32 -28.60 5.51
N ARG A 39 -14.33 -27.29 5.77
CA ARG A 39 -13.28 -26.63 6.52
C ARG A 39 -13.82 -26.52 7.94
N PRO A 40 -12.94 -26.29 8.91
CA PRO A 40 -13.35 -26.17 10.30
C PRO A 40 -14.55 -25.28 10.43
N VAL A 41 -15.43 -25.54 11.41
CA VAL A 41 -16.58 -24.69 11.65
C VAL A 41 -16.54 -24.26 13.11
N ASN A 42 -16.44 -22.96 13.35
CA ASN A 42 -16.41 -22.41 14.70
C ASN A 42 -17.21 -23.33 15.66
N LYS A 43 -16.53 -24.00 16.58
CA LYS A 43 -17.23 -24.88 17.50
C LYS A 43 -18.25 -24.15 18.37
N LEU A 44 -18.06 -22.86 18.59
CA LEU A 44 -19.03 -22.15 19.42
C LEU A 44 -20.20 -21.65 18.58
N ALA A 45 -20.17 -21.94 17.27
CA ALA A 45 -21.25 -21.51 16.39
C ALA A 45 -22.27 -22.62 16.14
N THR A 46 -21.85 -23.87 16.33
CA THR A 46 -22.72 -25.03 16.12
C THR A 46 -24.12 -24.91 16.73
N ASN A 47 -24.21 -24.61 18.03
CA ASN A 47 -25.52 -24.46 18.67
C ASN A 47 -26.30 -23.29 18.10
N LEU A 48 -25.62 -22.18 17.80
CA LEU A 48 -26.34 -21.06 17.23
C LEU A 48 -26.95 -21.51 15.90
N ILE A 49 -26.13 -22.13 15.04
CA ILE A 49 -26.62 -22.59 13.75
C ILE A 49 -27.81 -23.53 13.95
N LYS A 50 -27.64 -24.49 14.84
CA LYS A 50 -28.70 -25.45 15.12
C LYS A 50 -29.98 -24.76 15.57
N SER A 51 -29.86 -23.74 16.42
CA SER A 51 -31.06 -23.09 16.88
C SER A 51 -31.63 -22.18 15.79
N GLY A 52 -31.06 -22.26 14.60
CA GLY A 52 -31.59 -21.45 13.51
C GLY A 52 -31.05 -20.05 13.27
N VAL A 53 -29.90 -19.70 13.82
CA VAL A 53 -29.35 -18.38 13.57
C VAL A 53 -28.92 -18.32 12.11
N ALA A 54 -29.09 -17.17 11.47
CA ALA A 54 -28.69 -17.01 10.06
C ALA A 54 -27.19 -17.09 9.87
N THR A 55 -26.72 -17.77 8.83
CA THR A 55 -25.29 -17.85 8.58
C THR A 55 -24.89 -16.69 7.67
N LYS A 56 -23.60 -16.53 7.43
CA LYS A 56 -23.12 -15.41 6.64
C LYS A 56 -22.54 -15.68 5.26
N GLY A 57 -22.81 -14.76 4.35
CA GLY A 57 -22.30 -14.89 2.99
C GLY A 57 -21.02 -14.12 2.74
N LEU A 58 -20.58 -14.07 1.48
CA LEU A 58 -19.35 -13.37 1.14
C LEU A 58 -19.42 -11.86 1.31
N ASN A 59 -20.62 -11.32 1.51
CA ASN A 59 -20.79 -9.88 1.71
C ASN A 59 -20.46 -9.49 3.15
N VAL A 60 -20.01 -10.45 3.95
CA VAL A 60 -19.60 -10.21 5.32
C VAL A 60 -18.30 -10.98 5.56
N HIS A 61 -17.17 -10.29 5.64
CA HIS A 61 -15.89 -10.97 5.84
C HIS A 61 -15.34 -10.89 7.25
N GLY A 62 -16.04 -10.18 8.14
CA GLY A 62 -15.59 -10.08 9.51
C GLY A 62 -15.57 -11.46 10.11
N LYS A 63 -14.57 -11.77 10.94
CA LYS A 63 -14.46 -13.09 11.55
C LYS A 63 -15.37 -13.26 12.74
N SER A 64 -15.71 -14.51 13.05
CA SER A 64 -16.58 -14.82 14.18
C SER A 64 -15.76 -14.88 15.45
N SER A 65 -16.44 -14.85 16.59
CA SER A 65 -15.74 -14.93 17.87
C SER A 65 -15.79 -16.37 18.38
N ASP A 66 -14.86 -16.72 19.25
CA ASP A 66 -14.81 -18.05 19.79
C ASP A 66 -14.51 -17.91 21.28
N TRP A 67 -14.90 -16.77 21.86
CA TRP A 67 -14.68 -16.54 23.28
C TRP A 67 -15.58 -15.44 23.76
N GLY A 68 -15.73 -15.33 25.09
CA GLY A 68 -16.56 -14.28 25.66
C GLY A 68 -18.04 -14.37 25.32
N PRO A 69 -18.85 -13.48 25.90
CA PRO A 69 -20.29 -13.46 25.65
C PRO A 69 -20.71 -13.41 24.19
N VAL A 70 -19.81 -13.03 23.29
CA VAL A 70 -20.16 -12.94 21.88
C VAL A 70 -19.65 -14.11 21.04
N ALA A 71 -19.24 -15.18 21.72
CA ALA A 71 -18.75 -16.38 21.03
C ALA A 71 -19.82 -16.89 20.07
N GLY A 72 -19.41 -17.14 18.83
CA GLY A 72 -20.35 -17.63 17.83
C GLY A 72 -20.87 -16.57 16.88
N TYR A 73 -21.01 -15.34 17.37
CA TYR A 73 -21.50 -14.29 16.51
C TYR A 73 -20.33 -13.53 15.85
N ILE A 74 -20.65 -12.59 14.96
CA ILE A 74 -19.64 -11.81 14.27
C ILE A 74 -19.64 -10.42 14.89
N PRO A 75 -18.74 -10.17 15.85
CA PRO A 75 -18.71 -8.85 16.48
C PRO A 75 -18.28 -7.72 15.55
N PHE A 76 -19.00 -6.59 15.62
CA PHE A 76 -18.68 -5.43 14.80
C PHE A 76 -17.27 -5.02 15.14
N ASP A 77 -16.98 -4.97 16.44
CA ASP A 77 -15.65 -4.64 16.94
C ASP A 77 -14.84 -5.94 16.80
N GLN A 78 -14.02 -6.05 15.76
CA GLN A 78 -13.26 -7.28 15.53
C GLN A 78 -12.25 -7.70 16.57
N ASP A 79 -12.06 -6.89 17.61
CA ASP A 79 -11.11 -7.28 18.62
C ASP A 79 -11.81 -8.22 19.58
N LEU A 80 -13.10 -8.43 19.37
CA LEU A 80 -13.86 -9.35 20.21
C LEU A 80 -13.94 -10.69 19.49
N SER A 81 -13.46 -10.71 18.25
CA SER A 81 -13.46 -11.92 17.43
C SER A 81 -12.29 -12.81 17.81
N LYS A 82 -12.18 -13.95 17.13
CA LYS A 82 -11.10 -14.85 17.44
C LYS A 82 -9.77 -14.22 17.05
N LYS A 83 -9.79 -13.17 16.24
CA LYS A 83 -8.55 -12.53 15.87
C LYS A 83 -8.12 -11.52 16.93
N HIS A 84 -8.69 -11.67 18.13
CA HIS A 84 -8.38 -10.82 19.27
C HIS A 84 -6.89 -10.65 19.49
N GLY A 85 -6.47 -9.43 19.82
CA GLY A 85 -5.06 -9.19 20.07
C GLY A 85 -4.12 -9.03 18.88
N GLN A 86 -4.58 -9.36 17.68
CA GLN A 86 -3.72 -9.23 16.50
C GLN A 86 -4.06 -7.97 15.68
N GLN A 87 -3.42 -6.85 16.02
CA GLN A 87 -3.68 -5.56 15.37
C GLN A 87 -3.95 -5.49 13.87
N LEU A 88 -3.12 -6.14 13.06
CA LEU A 88 -3.35 -6.04 11.63
C LEU A 88 -4.63 -6.76 11.24
N ALA A 89 -4.90 -7.89 11.88
CA ALA A 89 -6.10 -8.66 11.56
C ALA A 89 -7.33 -7.92 12.06
N VAL A 90 -7.28 -7.43 13.28
CA VAL A 90 -8.43 -6.68 13.77
C VAL A 90 -8.79 -5.53 12.83
N GLU A 91 -7.77 -4.77 12.42
CA GLU A 91 -7.95 -3.63 11.52
C GLU A 91 -8.57 -4.05 10.20
N LYS A 92 -8.08 -5.15 9.62
CA LYS A 92 -8.64 -5.63 8.37
C LYS A 92 -10.07 -6.07 8.64
N GLY A 93 -10.28 -6.65 9.82
CA GLY A 93 -11.60 -7.11 10.20
C GLY A 93 -12.58 -5.96 10.28
N ASN A 94 -12.21 -4.94 11.05
CA ASN A 94 -13.06 -3.78 11.15
C ASN A 94 -13.29 -3.11 9.79
N LEU A 95 -12.25 -3.00 8.96
CA LEU A 95 -12.46 -2.35 7.67
C LEU A 95 -13.48 -3.15 6.88
N GLU A 96 -13.48 -4.47 7.07
CA GLU A 96 -14.43 -5.32 6.38
C GLU A 96 -15.85 -5.07 6.88
N ASN A 97 -16.02 -5.06 8.21
CA ASN A 97 -17.36 -4.82 8.76
C ASN A 97 -17.84 -3.47 8.32
N LYS A 98 -16.93 -2.50 8.28
CA LYS A 98 -17.30 -1.16 7.88
C LYS A 98 -17.80 -1.13 6.47
N LYS A 99 -17.13 -1.83 5.56
CA LYS A 99 -17.61 -1.88 4.18
C LYS A 99 -18.97 -2.59 4.11
N SER A 100 -19.12 -3.69 4.83
CA SER A 100 -20.39 -4.41 4.77
C SER A 100 -21.56 -3.51 5.18
N ILE A 101 -21.35 -2.71 6.21
CA ILE A 101 -22.40 -1.83 6.70
C ILE A 101 -22.80 -0.70 5.76
N THR A 102 -21.85 -0.25 4.96
CA THR A 102 -22.09 0.85 4.03
C THR A 102 -22.29 0.40 2.60
N GLU A 103 -21.34 -0.32 2.03
CA GLU A 103 -21.43 -0.80 0.66
C GLU A 103 -22.64 -1.71 0.42
N HIS A 104 -23.28 -2.17 1.49
CA HIS A 104 -24.46 -3.02 1.37
C HIS A 104 -25.55 -2.49 2.28
N GLU A 105 -25.55 -1.18 2.46
CA GLU A 105 -26.55 -0.53 3.30
C GLU A 105 -27.93 -1.11 3.05
N GLY A 106 -28.62 -1.48 4.12
CA GLY A 106 -29.94 -2.04 4.00
C GLY A 106 -29.96 -3.55 4.05
N GLU A 107 -28.94 -4.20 3.46
CA GLU A 107 -28.86 -5.65 3.47
C GLU A 107 -28.10 -6.14 4.72
N ILE A 108 -27.03 -5.43 5.07
CA ILE A 108 -26.23 -5.78 6.24
C ILE A 108 -26.19 -4.62 7.22
N GLY A 109 -26.46 -4.91 8.48
CA GLY A 109 -26.43 -3.87 9.49
C GLY A 109 -25.70 -4.36 10.72
N LYS A 110 -25.99 -3.75 11.86
CA LYS A 110 -25.40 -4.17 13.10
C LYS A 110 -26.41 -3.89 14.19
N ILE A 111 -26.47 -4.75 15.19
CA ILE A 111 -27.43 -4.60 16.30
C ILE A 111 -26.79 -5.07 17.60
N PRO A 112 -27.39 -4.65 18.74
CA PRO A 112 -26.90 -5.01 20.08
C PRO A 112 -27.01 -6.50 20.34
N LEU A 113 -25.97 -7.09 20.90
CA LEU A 113 -25.98 -8.52 21.19
C LEU A 113 -26.96 -8.77 22.32
N LYS A 114 -27.78 -9.78 22.15
CA LYS A 114 -28.74 -10.16 23.18
C LYS A 114 -28.50 -11.61 23.55
N LEU A 115 -28.00 -11.85 24.75
CA LEU A 115 -27.77 -13.20 25.20
C LEU A 115 -28.99 -13.62 26.00
N ASP A 116 -29.74 -14.57 25.47
CA ASP A 116 -30.93 -15.01 26.17
C ASP A 116 -30.61 -16.05 27.22
N HIS A 117 -31.63 -16.35 27.99
CA HIS A 117 -31.60 -17.30 29.08
C HIS A 117 -30.89 -18.62 28.69
N LEU A 118 -31.32 -19.24 27.59
CA LEU A 118 -30.72 -20.50 27.14
C LEU A 118 -29.28 -20.44 26.66
N ARG A 119 -28.91 -19.35 25.99
CA ARG A 119 -27.55 -19.23 25.51
C ARG A 119 -26.58 -19.09 26.68
N ILE A 120 -26.96 -18.36 27.71
CA ILE A 120 -26.10 -18.18 28.87
C ILE A 120 -25.73 -19.56 29.41
N GLU A 121 -26.74 -20.41 29.53
CA GLU A 121 -26.51 -21.77 30.03
C GLU A 121 -25.50 -22.50 29.14
N GLU A 122 -25.71 -22.46 27.82
CA GLU A 122 -24.77 -23.12 26.91
C GLU A 122 -23.35 -22.58 27.07
N LEU A 123 -23.24 -21.28 27.31
CA LEU A 123 -21.91 -20.72 27.47
C LEU A 123 -21.31 -21.18 28.78
N LYS A 124 -22.14 -21.43 29.79
CA LYS A 124 -21.62 -21.92 31.06
C LYS A 124 -21.08 -23.35 30.83
N GLU A 125 -21.88 -24.19 30.20
CA GLU A 125 -21.46 -25.58 29.93
C GLU A 125 -20.16 -25.62 29.14
N ASN A 126 -19.97 -24.64 28.27
CA ASN A 126 -18.77 -24.58 27.46
C ASN A 126 -17.64 -23.90 28.22
N GLY A 127 -17.91 -23.50 29.46
CA GLY A 127 -16.91 -22.83 30.26
C GLY A 127 -16.33 -21.62 29.52
N ILE A 128 -17.21 -20.78 28.96
CA ILE A 128 -16.80 -19.59 28.22
C ILE A 128 -17.04 -18.32 29.04
N ILE A 129 -18.13 -18.31 29.81
CA ILE A 129 -18.45 -17.19 30.65
C ILE A 129 -19.31 -17.66 31.81
N LEU A 130 -19.28 -16.91 32.90
CA LEU A 130 -20.05 -17.25 34.08
C LEU A 130 -20.84 -16.02 34.53
N LYS A 131 -22.10 -16.21 34.85
CA LYS A 131 -22.96 -15.15 35.30
C LYS A 131 -22.47 -14.71 36.69
N GLY A 132 -21.97 -13.48 36.80
CA GLY A 132 -21.46 -12.97 38.05
C GLY A 132 -22.42 -12.23 38.97
N LYS A 133 -21.86 -11.34 39.80
CA LYS A 133 -22.66 -10.58 40.76
C LYS A 133 -23.49 -9.48 40.13
N LYS A 134 -24.51 -9.02 40.86
CA LYS A 134 -25.37 -7.96 40.37
C LYS A 134 -24.66 -6.61 40.49
N GLU A 135 -25.25 -5.59 39.87
CA GLU A 135 -24.71 -4.25 39.88
C GLU A 135 -25.78 -3.30 39.37
N ILE A 136 -25.82 -2.10 39.93
CA ILE A 136 -26.79 -1.10 39.51
C ILE A 136 -26.07 0.12 38.99
N ASP A 137 -26.57 0.67 37.90
CA ASP A 137 -25.98 1.83 37.27
C ASP A 137 -27.11 2.72 36.73
N ASN A 138 -27.14 3.97 37.20
CA ASN A 138 -28.17 4.92 36.80
C ASN A 138 -29.53 4.25 36.79
N GLY A 139 -29.83 3.53 37.87
CA GLY A 139 -31.11 2.85 37.99
C GLY A 139 -31.38 1.73 37.00
N LYS A 140 -30.33 0.96 36.70
CA LYS A 140 -30.45 -0.17 35.78
C LYS A 140 -29.75 -1.39 36.38
N LYS A 141 -30.43 -2.53 36.35
CA LYS A 141 -29.86 -3.76 36.91
C LYS A 141 -28.96 -4.52 35.95
N TYR A 142 -27.75 -4.82 36.39
CA TYR A 142 -26.81 -5.57 35.56
C TYR A 142 -26.18 -6.71 36.32
N TYR A 143 -25.79 -7.76 35.61
CA TYR A 143 -25.12 -8.89 36.21
C TYR A 143 -23.84 -9.00 35.42
N LEU A 144 -22.71 -9.05 36.11
CA LEU A 144 -21.45 -9.16 35.41
C LEU A 144 -21.30 -10.51 34.71
N LEU A 145 -20.46 -10.54 33.69
CA LEU A 145 -20.19 -11.76 32.96
C LEU A 145 -18.67 -11.87 32.97
N GLU A 146 -18.17 -12.86 33.70
CA GLU A 146 -16.72 -13.05 33.81
C GLU A 146 -16.16 -13.92 32.70
N SER A 147 -14.90 -13.68 32.38
CA SER A 147 -14.20 -14.43 31.34
C SER A 147 -12.73 -14.31 31.71
N ASN A 148 -11.93 -15.31 31.38
CA ASN A 148 -10.53 -15.24 31.72
C ASN A 148 -9.81 -14.20 30.87
N ASN A 149 -10.57 -13.30 30.25
CA ASN A 149 -9.95 -12.29 29.41
C ASN A 149 -9.34 -11.19 30.27
N GLN A 150 -8.22 -10.66 29.78
CA GLN A 150 -7.48 -9.62 30.47
C GLN A 150 -7.79 -8.15 30.11
N VAL A 151 -8.08 -7.89 28.83
CA VAL A 151 -8.37 -6.54 28.38
C VAL A 151 -9.77 -5.99 28.65
N TYR A 152 -10.78 -6.84 28.54
CA TYR A 152 -12.16 -6.39 28.72
C TYR A 152 -12.90 -6.91 29.92
N GLU A 153 -14.10 -6.39 30.11
CA GLU A 153 -15.01 -6.75 31.19
C GLU A 153 -16.41 -6.59 30.59
N PHE A 154 -17.29 -7.54 30.87
CA PHE A 154 -18.65 -7.48 30.32
C PHE A 154 -19.71 -7.58 31.41
N ARG A 155 -20.94 -7.20 31.06
CA ARG A 155 -22.04 -7.29 31.99
C ARG A 155 -23.28 -7.32 31.11
N ILE A 156 -24.38 -7.88 31.60
CA ILE A 156 -25.61 -7.96 30.81
C ILE A 156 -26.76 -7.27 31.49
N SER A 157 -27.61 -6.64 30.69
CA SER A 157 -28.77 -5.93 31.20
C SER A 157 -29.86 -6.89 31.61
N ASP A 158 -30.44 -6.64 32.78
CA ASP A 158 -31.50 -7.49 33.31
C ASP A 158 -32.83 -7.23 32.61
N GLU A 159 -33.01 -6.02 32.11
CA GLU A 159 -34.24 -5.65 31.44
C GLU A 159 -34.43 -6.22 30.05
N ASN A 160 -33.48 -5.97 29.16
CA ASN A 160 -33.60 -6.44 27.77
C ASN A 160 -32.54 -7.44 27.32
N ASN A 161 -31.69 -7.86 28.25
CA ASN A 161 -30.65 -8.85 27.96
C ASN A 161 -29.52 -8.39 27.06
N GLU A 162 -29.27 -7.09 27.03
CA GLU A 162 -28.20 -6.57 26.18
C GLU A 162 -26.87 -6.67 26.90
N VAL A 163 -25.83 -7.06 26.17
CA VAL A 163 -24.51 -7.22 26.76
C VAL A 163 -23.63 -6.00 26.50
N GLN A 164 -22.88 -5.56 27.49
CA GLN A 164 -22.03 -4.41 27.28
C GLN A 164 -20.61 -4.74 27.65
N TYR A 165 -19.67 -3.96 27.13
CA TYR A 165 -18.28 -4.18 27.49
C TYR A 165 -17.55 -2.86 27.63
N LYS A 166 -16.41 -2.93 28.31
CA LYS A 166 -15.56 -1.76 28.53
C LYS A 166 -14.14 -2.24 28.79
N THR A 167 -13.17 -1.36 28.58
CA THR A 167 -11.78 -1.73 28.83
C THR A 167 -11.55 -1.75 30.33
N LYS A 168 -10.51 -2.49 30.73
CA LYS A 168 -10.16 -2.62 32.14
C LYS A 168 -9.20 -1.54 32.62
N GLU A 169 -9.27 -1.25 33.93
CA GLU A 169 -8.43 -0.24 34.55
C GLU A 169 -6.96 -0.43 34.18
N GLY A 170 -6.38 0.60 33.59
CA GLY A 170 -4.98 0.55 33.19
C GLY A 170 -4.75 -0.16 31.87
N LYS A 171 -5.70 -0.99 31.46
CA LYS A 171 -5.57 -1.74 30.22
C LYS A 171 -5.82 -0.95 28.92
N ILE A 172 -5.16 -1.37 27.86
CA ILE A 172 -5.35 -0.72 26.57
C ILE A 172 -5.76 -1.73 25.49
N THR A 173 -6.42 -1.24 24.45
CA THR A 173 -6.87 -2.08 23.36
C THR A 173 -5.76 -2.28 22.36
N VAL A 174 -5.88 -3.28 21.50
CA VAL A 174 -4.87 -3.52 20.48
C VAL A 174 -4.68 -2.23 19.70
N LEU A 175 -5.80 -1.58 19.41
CA LEU A 175 -5.80 -0.32 18.67
C LEU A 175 -5.43 0.86 19.59
N GLY A 176 -5.04 0.54 20.82
CA GLY A 176 -4.63 1.58 21.75
C GLY A 176 -5.74 2.40 22.34
N GLU A 177 -6.92 1.81 22.48
CA GLU A 177 -8.07 2.53 23.03
C GLU A 177 -8.43 2.18 24.46
N LYS A 178 -9.30 3.01 25.02
CA LYS A 178 -9.82 2.83 26.35
C LYS A 178 -11.18 3.47 26.29
N PHE A 179 -12.15 2.88 26.97
CA PHE A 179 -13.50 3.40 26.97
C PHE A 179 -14.29 2.68 28.03
N ASN A 180 -15.39 3.28 28.43
CA ASN A 180 -16.22 2.71 29.45
C ASN A 180 -17.25 1.77 28.87
N TRP A 181 -18.34 1.63 29.58
CA TRP A 181 -19.49 0.83 29.24
C TRP A 181 -20.10 1.16 27.88
N ARG A 182 -20.36 0.13 27.07
CA ARG A 182 -20.99 0.34 25.77
C ARG A 182 -21.45 -1.00 25.19
N ASN A 183 -22.58 -1.00 24.50
CA ASN A 183 -23.10 -2.22 23.92
C ASN A 183 -22.08 -2.92 23.04
N ILE A 184 -22.26 -4.23 22.89
CA ILE A 184 -21.44 -5.06 22.04
C ILE A 184 -22.31 -5.22 20.82
N GLU A 185 -21.87 -4.72 19.68
CA GLU A 185 -22.66 -4.83 18.47
C GLU A 185 -22.24 -6.02 17.61
N VAL A 186 -23.23 -6.66 16.98
CA VAL A 186 -22.95 -7.81 16.14
C VAL A 186 -23.46 -7.56 14.71
N MET A 187 -22.82 -8.20 13.73
CA MET A 187 -23.21 -8.05 12.32
C MET A 187 -24.54 -8.74 12.07
N ALA A 188 -25.45 -8.05 11.37
CA ALA A 188 -26.77 -8.61 11.10
C ALA A 188 -27.18 -8.46 9.65
N LYS A 189 -28.10 -9.30 9.22
CA LYS A 189 -28.60 -9.22 7.85
C LYS A 189 -30.07 -8.86 7.94
N ASN A 190 -30.60 -8.27 6.86
CA ASN A 190 -32.00 -7.87 6.84
C ASN A 190 -32.90 -9.03 6.42
N VAL A 191 -33.94 -9.28 7.22
CA VAL A 191 -34.88 -10.34 6.91
C VAL A 191 -36.29 -9.82 7.18
N GLU A 192 -37.02 -9.57 6.09
CA GLU A 192 -38.38 -9.05 6.17
C GLU A 192 -38.39 -7.75 6.98
N GLY A 193 -37.47 -6.84 6.66
CA GLY A 193 -37.40 -5.57 7.34
C GLY A 193 -36.86 -5.59 8.77
N VAL A 194 -36.31 -6.72 9.19
CA VAL A 194 -35.77 -6.84 10.54
C VAL A 194 -34.34 -7.36 10.53
N LEU A 195 -33.49 -6.72 11.32
CA LEU A 195 -32.09 -7.12 11.40
C LEU A 195 -31.95 -8.34 12.29
N LYS A 196 -31.39 -9.41 11.73
CA LYS A 196 -31.17 -10.63 12.48
C LYS A 196 -29.68 -10.94 12.54
N PRO A 197 -29.15 -11.30 13.74
CA PRO A 197 -27.73 -11.62 13.93
C PRO A 197 -27.23 -12.80 13.11
N LEU A 198 -25.97 -12.73 12.72
CA LEU A 198 -25.34 -13.76 11.90
C LEU A 198 -24.35 -14.58 12.70
N THR A 199 -24.03 -15.78 12.20
CA THR A 199 -23.05 -16.65 12.82
C THR A 199 -22.29 -17.32 11.68
N ALA A 200 -21.33 -18.17 11.99
CA ALA A 200 -20.54 -18.82 10.96
C ALA A 200 -21.44 -19.68 10.10
N ASP A 201 -20.96 -20.06 8.92
CA ASP A 201 -21.75 -20.93 8.06
C ASP A 201 -20.85 -22.15 7.73
N TYR A 202 -21.23 -23.00 6.79
CA TYR A 202 -20.39 -24.14 6.45
C TYR A 202 -19.57 -23.84 5.21
N ASP A 203 -18.26 -23.93 5.31
CA ASP A 203 -17.42 -23.64 4.17
C ASP A 203 -16.87 -24.88 3.49
N LEU A 204 -17.30 -25.13 2.26
CA LEU A 204 -16.81 -26.29 1.55
C LEU A 204 -15.34 -26.10 1.25
N PHE A 205 -14.53 -27.10 1.58
CA PHE A 205 -13.11 -27.03 1.30
C PHE A 205 -12.95 -27.53 -0.13
N ALA A 206 -13.70 -28.56 -0.47
CA ALA A 206 -13.66 -29.12 -1.81
C ALA A 206 -14.88 -29.98 -2.09
N LEU A 207 -15.07 -30.33 -3.35
CA LEU A 207 -16.14 -31.21 -3.78
C LEU A 207 -15.53 -32.09 -4.85
N ALA A 208 -15.53 -33.40 -4.65
CA ALA A 208 -14.98 -34.32 -5.66
C ALA A 208 -16.05 -35.29 -6.12
N PRO A 209 -16.67 -35.02 -7.28
CA PRO A 209 -17.71 -35.86 -7.85
C PRO A 209 -17.12 -36.92 -8.78
N SER A 210 -17.80 -38.06 -8.89
CA SER A 210 -17.29 -39.14 -9.75
C SER A 210 -17.47 -38.74 -11.22
N LEU A 211 -16.54 -39.18 -12.07
CA LEU A 211 -16.61 -38.86 -13.49
C LEU A 211 -17.94 -39.26 -14.12
N THR A 212 -18.50 -40.39 -13.70
CA THR A 212 -19.78 -40.80 -14.24
C THR A 212 -20.84 -39.76 -13.87
N GLU A 213 -20.75 -39.25 -12.65
CA GLU A 213 -21.68 -38.23 -12.16
C GLU A 213 -21.54 -36.93 -12.98
N ILE A 214 -20.35 -36.71 -13.53
CA ILE A 214 -20.13 -35.53 -14.35
C ILE A 214 -20.78 -35.74 -15.70
N LYS A 215 -20.69 -36.96 -16.24
CA LYS A 215 -21.29 -37.30 -17.52
C LYS A 215 -22.72 -36.76 -17.59
N LYS A 216 -23.51 -37.07 -16.57
CA LYS A 216 -24.91 -36.64 -16.53
C LYS A 216 -25.05 -35.14 -16.75
N GLN A 217 -23.95 -34.42 -16.63
CA GLN A 217 -23.98 -32.99 -16.77
C GLN A 217 -23.92 -32.60 -18.25
N ILE A 218 -23.51 -33.55 -19.09
CA ILE A 218 -23.38 -33.29 -20.52
C ILE A 218 -24.63 -33.68 -21.31
N PRO A 219 -25.11 -32.77 -22.21
CA PRO A 219 -26.30 -33.02 -23.04
C PRO A 219 -25.98 -34.29 -23.85
N GLN A 220 -26.94 -35.20 -23.99
CA GLN A 220 -26.60 -36.50 -24.51
C GLN A 220 -26.55 -36.42 -26.04
N LYS A 221 -26.21 -35.28 -26.64
CA LYS A 221 -26.28 -35.19 -28.10
C LYS A 221 -25.21 -34.27 -28.63
N GLU A 222 -24.55 -33.70 -27.63
CA GLU A 222 -23.39 -32.89 -27.79
C GLU A 222 -22.25 -33.88 -27.67
N TRP A 223 -22.44 -34.85 -26.77
CA TRP A 223 -21.43 -35.87 -26.53
C TRP A 223 -21.37 -36.78 -27.73
N ASP A 224 -22.54 -37.15 -28.23
CA ASP A 224 -22.66 -38.02 -29.39
C ASP A 224 -21.88 -37.47 -30.57
N LYS A 225 -22.02 -36.18 -30.82
CA LYS A 225 -21.34 -35.53 -31.94
C LYS A 225 -19.81 -35.62 -31.81
N VAL A 226 -19.32 -36.03 -30.65
CA VAL A 226 -17.89 -36.15 -30.42
C VAL A 226 -17.49 -37.61 -30.40
N VAL A 227 -18.32 -38.42 -29.77
CA VAL A 227 -18.10 -39.86 -29.66
C VAL A 227 -17.97 -40.48 -31.05
N ASN A 228 -18.55 -39.80 -32.06
CA ASN A 228 -18.54 -40.27 -33.44
C ASN A 228 -17.62 -39.49 -34.37
N THR A 229 -16.54 -38.94 -33.85
CA THR A 229 -15.65 -38.21 -34.73
C THR A 229 -14.65 -39.19 -35.31
N PRO A 230 -14.63 -39.33 -36.64
CA PRO A 230 -13.71 -40.24 -37.32
C PRO A 230 -12.26 -40.00 -36.87
N ASN A 231 -11.75 -38.79 -37.12
CA ASN A 231 -10.38 -38.45 -36.72
C ASN A 231 -10.24 -38.56 -35.21
N SER A 232 -9.20 -39.24 -34.75
CA SER A 232 -8.96 -39.43 -33.32
C SER A 232 -8.46 -38.18 -32.60
N LEU A 233 -7.38 -37.61 -33.12
CA LEU A 233 -6.77 -36.43 -32.51
C LEU A 233 -7.77 -35.30 -32.24
N GLU A 234 -8.81 -35.20 -33.06
CA GLU A 234 -9.81 -34.16 -32.85
C GLU A 234 -10.87 -34.71 -31.89
N LYS A 235 -11.06 -36.03 -31.91
CA LYS A 235 -12.03 -36.69 -31.03
C LYS A 235 -11.60 -36.57 -29.58
N GLN A 236 -10.30 -36.75 -29.34
CA GLN A 236 -9.76 -36.65 -28.00
C GLN A 236 -9.93 -35.22 -27.50
N LYS A 237 -9.32 -34.27 -28.20
CA LYS A 237 -9.43 -32.87 -27.84
C LYS A 237 -10.88 -32.49 -27.58
N GLY A 238 -11.77 -33.11 -28.34
CA GLY A 238 -13.19 -32.83 -28.19
C GLY A 238 -13.77 -33.42 -26.93
N VAL A 239 -13.28 -34.60 -26.54
CA VAL A 239 -13.76 -35.24 -25.32
C VAL A 239 -13.27 -34.45 -24.12
N THR A 240 -12.00 -34.04 -24.20
CA THR A 240 -11.38 -33.27 -23.14
C THR A 240 -12.13 -31.95 -22.95
N ASN A 241 -12.45 -31.29 -24.06
CA ASN A 241 -13.16 -30.04 -23.97
C ASN A 241 -14.54 -30.13 -23.34
N LEU A 242 -15.12 -31.32 -23.34
CA LEU A 242 -16.45 -31.46 -22.72
C LEU A 242 -16.29 -31.62 -21.22
N LEU A 243 -15.16 -32.21 -20.82
CA LEU A 243 -14.82 -32.44 -19.41
C LEU A 243 -14.59 -31.05 -18.82
N ILE A 244 -13.75 -30.28 -19.51
CA ILE A 244 -13.44 -28.92 -19.09
C ILE A 244 -14.75 -28.15 -18.97
N LYS A 245 -15.51 -28.17 -20.05
CA LYS A 245 -16.76 -27.46 -20.10
C LYS A 245 -17.86 -27.82 -19.10
N TYR A 246 -18.09 -29.10 -18.85
CA TYR A 246 -19.17 -29.49 -17.94
C TYR A 246 -18.75 -29.92 -16.54
N GLY A 247 -17.46 -29.94 -16.27
CA GLY A 247 -17.00 -30.34 -14.95
C GLY A 247 -15.86 -29.53 -14.33
N ILE A 248 -14.92 -29.06 -15.15
CA ILE A 248 -13.78 -28.35 -14.64
C ILE A 248 -13.91 -26.85 -14.54
N GLU A 249 -14.47 -26.25 -15.58
CA GLU A 249 -14.64 -24.81 -15.66
C GLU A 249 -15.54 -24.14 -14.62
N ARG A 250 -15.05 -23.06 -14.03
CA ARG A 250 -15.82 -22.31 -13.01
C ARG A 250 -15.95 -20.87 -13.48
N LYS A 251 -16.91 -20.15 -12.92
CA LYS A 251 -17.12 -18.74 -13.26
C LYS A 251 -17.56 -17.96 -12.04
N PRO A 252 -17.20 -16.66 -11.99
CA PRO A 252 -17.59 -15.84 -10.85
C PRO A 252 -19.09 -15.55 -10.82
N ASP A 253 -19.68 -15.69 -9.65
CA ASP A 253 -21.10 -15.44 -9.44
C ASP A 253 -21.21 -14.19 -8.61
N SER A 254 -22.35 -13.51 -8.72
CA SER A 254 -22.57 -12.26 -8.00
C SER A 254 -22.45 -12.35 -6.48
N THR A 255 -22.81 -13.50 -5.88
CA THR A 255 -22.74 -13.66 -4.43
C THR A 255 -22.17 -14.98 -3.92
N LYS A 256 -22.07 -15.98 -4.79
CA LYS A 256 -21.56 -17.27 -4.38
C LYS A 256 -20.10 -17.42 -4.76
N GLY A 257 -19.45 -16.29 -5.05
CA GLY A 257 -18.04 -16.32 -5.43
C GLY A 257 -17.83 -17.14 -6.70
N THR A 258 -16.63 -17.63 -6.92
CA THR A 258 -16.37 -18.43 -8.11
C THR A 258 -16.71 -19.90 -7.91
N LEU A 259 -17.51 -20.46 -8.80
CA LEU A 259 -17.88 -21.89 -8.77
C LEU A 259 -18.39 -22.36 -10.12
N SER A 260 -18.42 -23.67 -10.32
CA SER A 260 -18.92 -24.27 -11.55
C SER A 260 -20.44 -24.44 -11.45
N ASN A 261 -21.06 -25.06 -12.46
CA ASN A 261 -22.50 -25.27 -12.41
C ASN A 261 -22.92 -26.50 -11.59
N TRP A 262 -22.18 -27.60 -11.69
CA TRP A 262 -22.56 -28.76 -10.89
C TRP A 262 -22.44 -28.35 -9.41
N GLN A 263 -21.46 -27.49 -9.12
CA GLN A 263 -21.25 -27.00 -7.75
C GLN A 263 -22.47 -26.20 -7.26
N LYS A 264 -23.08 -25.42 -8.15
CA LYS A 264 -24.27 -24.65 -7.79
C LYS A 264 -25.39 -25.60 -7.39
N GLN A 265 -25.57 -26.68 -8.15
CA GLN A 265 -26.61 -27.67 -7.87
C GLN A 265 -26.34 -28.33 -6.52
N MET A 266 -25.09 -28.75 -6.34
CA MET A 266 -24.68 -29.38 -5.10
C MET A 266 -25.01 -28.43 -3.97
N LEU A 267 -24.68 -27.16 -4.14
CA LEU A 267 -24.96 -26.15 -3.13
C LEU A 267 -26.44 -26.23 -2.74
N ASP A 268 -27.30 -26.11 -3.76
CA ASP A 268 -28.73 -26.15 -3.58
C ASP A 268 -29.21 -27.43 -2.90
N ARG A 269 -28.73 -28.57 -3.35
CA ARG A 269 -29.17 -29.82 -2.72
C ARG A 269 -28.83 -29.77 -1.24
N LEU A 270 -27.60 -29.37 -0.93
CA LEU A 270 -27.12 -29.28 0.45
C LEU A 270 -27.99 -28.36 1.30
N ASN A 271 -28.31 -27.17 0.79
CA ASN A 271 -29.16 -26.28 1.58
C ASN A 271 -30.56 -26.83 1.74
N GLU A 272 -31.04 -27.56 0.75
CA GLU A 272 -32.38 -28.17 0.81
C GLU A 272 -32.37 -29.31 1.84
N ALA A 273 -31.29 -30.08 1.83
CA ALA A 273 -31.15 -31.19 2.75
C ALA A 273 -31.35 -30.77 4.22
N VAL A 274 -30.77 -29.65 4.63
CA VAL A 274 -30.91 -29.21 6.01
C VAL A 274 -32.26 -28.62 6.27
N LYS A 275 -32.85 -27.98 5.25
CA LYS A 275 -34.18 -27.41 5.43
C LYS A 275 -35.17 -28.54 5.73
N TYR A 276 -35.00 -29.67 5.06
CA TYR A 276 -35.90 -30.79 5.29
C TYR A 276 -35.82 -31.24 6.74
N THR A 277 -34.65 -31.02 7.38
CA THR A 277 -34.44 -31.43 8.75
C THR A 277 -34.93 -30.38 9.72
N GLY A 278 -35.39 -29.25 9.21
CA GLY A 278 -35.90 -28.21 10.10
C GLY A 278 -35.19 -26.87 10.22
N TYR A 279 -33.95 -26.76 9.76
CA TYR A 279 -33.23 -25.49 9.85
C TYR A 279 -34.11 -24.38 9.25
N THR A 280 -34.36 -23.36 10.05
CA THR A 280 -35.23 -22.26 9.64
C THR A 280 -34.51 -20.97 9.30
N GLY A 281 -33.19 -20.96 9.35
CA GLY A 281 -32.45 -19.72 9.11
C GLY A 281 -32.10 -19.36 7.68
N GLY A 282 -32.32 -20.28 6.74
CA GLY A 282 -32.01 -19.98 5.35
C GLY A 282 -30.92 -20.90 4.86
N ASP A 283 -29.99 -20.39 4.08
CA ASP A 283 -28.94 -21.25 3.61
C ASP A 283 -27.87 -21.44 4.68
N VAL A 284 -27.15 -22.54 4.58
CA VAL A 284 -26.12 -22.90 5.52
C VAL A 284 -24.78 -23.02 4.80
N VAL A 285 -24.84 -23.14 3.48
CA VAL A 285 -23.65 -23.22 2.62
C VAL A 285 -23.91 -22.04 1.70
N ASN A 286 -23.07 -21.01 1.74
CA ASN A 286 -23.34 -19.82 0.95
C ASN A 286 -22.46 -19.48 -0.23
N HIS A 287 -21.53 -20.35 -0.59
CA HIS A 287 -20.67 -20.00 -1.73
C HIS A 287 -19.77 -21.12 -2.17
N GLY A 288 -19.02 -20.88 -3.24
CA GLY A 288 -18.16 -21.92 -3.77
C GLY A 288 -17.14 -22.47 -2.79
N THR A 289 -16.34 -23.42 -3.27
CA THR A 289 -15.30 -24.06 -2.45
C THR A 289 -13.99 -23.28 -2.29
N GLU A 290 -13.19 -23.73 -1.33
CA GLU A 290 -11.90 -23.15 -1.00
C GLU A 290 -10.89 -23.26 -2.11
N GLN A 291 -11.15 -24.11 -3.10
CA GLN A 291 -10.17 -24.28 -4.18
C GLN A 291 -10.14 -23.17 -5.17
N ASP A 292 -11.08 -22.24 -5.03
CA ASP A 292 -11.14 -21.12 -5.93
C ASP A 292 -10.84 -19.86 -5.19
N ASN A 293 -10.42 -20.03 -3.94
CA ASN A 293 -10.05 -18.92 -3.08
C ASN A 293 -8.57 -18.79 -3.37
N GLU A 294 -8.26 -18.19 -4.52
CA GLU A 294 -6.89 -18.01 -4.99
C GLU A 294 -6.14 -16.80 -4.43
N GLU A 295 -6.87 -15.76 -4.02
CA GLU A 295 -6.26 -14.55 -3.45
C GLU A 295 -5.91 -14.66 -1.95
N PHE A 296 -6.82 -15.17 -1.15
CA PHE A 296 -6.59 -15.31 0.28
C PHE A 296 -6.78 -16.71 0.78
N PRO A 297 -6.04 -17.67 0.20
CA PRO A 297 -6.13 -19.08 0.60
C PRO A 297 -5.85 -19.37 2.05
N GLU A 298 -6.66 -20.24 2.64
CA GLU A 298 -6.50 -20.65 4.02
C GLU A 298 -5.94 -22.07 4.02
N LYS A 299 -5.23 -22.42 5.08
CA LYS A 299 -4.68 -23.76 5.19
C LYS A 299 -5.05 -24.30 6.56
N ASP A 300 -6.02 -25.20 6.60
CA ASP A 300 -6.49 -25.79 7.85
C ASP A 300 -5.85 -27.10 8.16
N ASN A 301 -5.60 -27.37 9.44
CA ASN A 301 -5.00 -28.63 9.81
C ASN A 301 -5.98 -29.76 9.62
N GLU A 302 -7.24 -29.53 9.99
CA GLU A 302 -8.23 -30.60 9.86
C GLU A 302 -9.39 -30.42 8.86
N ILE A 303 -9.54 -31.36 7.95
CA ILE A 303 -10.64 -31.31 6.99
C ILE A 303 -11.67 -32.40 7.29
N PHE A 304 -12.95 -32.02 7.34
CA PHE A 304 -14.03 -32.98 7.62
C PHE A 304 -14.57 -33.48 6.29
N ILE A 305 -14.44 -34.78 6.07
CA ILE A 305 -14.87 -35.41 4.82
C ILE A 305 -16.06 -36.38 4.93
N ILE A 306 -16.97 -36.31 3.97
CA ILE A 306 -18.10 -37.21 3.92
C ILE A 306 -17.92 -37.92 2.57
N ASN A 307 -17.60 -39.22 2.59
CA ASN A 307 -17.40 -39.95 1.34
C ASN A 307 -18.70 -40.44 0.70
N PRO A 308 -18.64 -40.83 -0.58
CA PRO A 308 -19.83 -41.31 -1.28
C PRO A 308 -20.56 -42.49 -0.60
N GLU A 309 -19.94 -43.10 0.39
CA GLU A 309 -20.58 -44.19 1.12
C GLU A 309 -21.25 -43.63 2.38
N GLY A 310 -21.25 -42.31 2.54
CA GLY A 310 -21.87 -41.70 3.70
C GLY A 310 -21.10 -41.79 5.00
N GLU A 311 -19.81 -42.02 4.93
CA GLU A 311 -19.00 -42.13 6.14
C GLU A 311 -18.33 -40.81 6.54
N PHE A 312 -17.96 -40.68 7.81
CA PHE A 312 -17.33 -39.46 8.29
C PHE A 312 -15.84 -39.62 8.54
N ILE A 313 -15.04 -38.80 7.87
CA ILE A 313 -13.60 -38.86 8.04
C ILE A 313 -13.14 -37.47 8.41
N LEU A 314 -12.03 -37.38 9.14
CA LEU A 314 -11.50 -36.09 9.51
C LEU A 314 -9.99 -36.23 9.52
N THR A 315 -9.30 -35.51 8.64
CA THR A 315 -7.85 -35.59 8.59
C THR A 315 -7.25 -34.77 9.73
N LYS A 316 -6.04 -35.17 10.16
CA LYS A 316 -5.34 -34.51 11.26
C LYS A 316 -4.46 -33.34 10.83
N ASN A 317 -3.77 -33.47 9.71
CA ASN A 317 -2.90 -32.40 9.25
C ASN A 317 -2.81 -32.28 7.72
N TRP A 318 -2.48 -31.08 7.25
CA TRP A 318 -2.38 -30.83 5.82
C TRP A 318 -1.78 -31.96 5.00
N GLU A 319 -0.69 -32.54 5.48
CA GLU A 319 -0.07 -33.62 4.74
C GLU A 319 -1.06 -34.77 4.62
N MET A 320 -1.75 -35.08 5.73
CA MET A 320 -2.73 -36.16 5.72
C MET A 320 -3.91 -35.87 4.79
N THR A 321 -4.32 -34.60 4.70
CA THR A 321 -5.41 -34.24 3.82
C THR A 321 -4.96 -34.52 2.40
N GLY A 322 -3.68 -34.31 2.15
CA GLY A 322 -3.15 -34.56 0.82
C GLY A 322 -3.08 -36.04 0.49
N ARG A 323 -2.70 -36.87 1.46
CA ARG A 323 -2.61 -38.31 1.24
C ARG A 323 -4.00 -38.85 0.91
N PHE A 324 -4.97 -38.49 1.74
CA PHE A 324 -6.34 -38.95 1.55
C PHE A 324 -6.82 -38.63 0.15
N ILE A 325 -6.82 -37.36 -0.19
CA ILE A 325 -7.30 -36.94 -1.50
C ILE A 325 -6.57 -37.68 -2.61
N GLU A 326 -5.31 -37.98 -2.39
CA GLU A 326 -4.50 -38.63 -3.40
C GLU A 326 -4.90 -40.07 -3.59
N LYS A 327 -5.01 -40.78 -2.47
CA LYS A 327 -5.35 -42.17 -2.48
C LYS A 327 -6.80 -42.51 -2.77
N ASN A 328 -7.74 -41.64 -2.44
CA ASN A 328 -9.13 -41.97 -2.66
C ASN A 328 -9.88 -41.14 -3.67
N ILE A 329 -9.29 -40.06 -4.14
CA ILE A 329 -10.00 -39.20 -5.08
C ILE A 329 -9.26 -39.01 -6.38
N THR A 330 -8.21 -38.21 -6.33
CA THR A 330 -7.43 -37.88 -7.50
C THR A 330 -6.81 -39.08 -8.22
N GLY A 331 -6.82 -40.23 -7.57
CA GLY A 331 -6.26 -41.41 -8.20
C GLY A 331 -7.30 -42.51 -8.18
N LYS A 332 -8.56 -42.12 -8.31
CA LYS A 332 -9.63 -43.07 -8.24
C LYS A 332 -10.86 -42.69 -9.06
N ASP A 333 -10.66 -42.16 -10.25
CA ASP A 333 -11.80 -41.81 -11.10
C ASP A 333 -12.82 -40.83 -10.53
N TYR A 334 -12.32 -39.69 -10.05
CA TYR A 334 -13.17 -38.64 -9.51
C TYR A 334 -12.71 -37.29 -10.04
N LEU A 335 -13.65 -36.39 -10.32
CA LEU A 335 -13.26 -35.07 -10.79
C LEU A 335 -12.68 -34.27 -9.63
N TYR A 336 -11.51 -33.69 -9.86
CA TYR A 336 -10.84 -32.91 -8.83
C TYR A 336 -9.83 -31.93 -9.40
N TYR A 337 -9.69 -30.81 -8.70
CA TYR A 337 -8.69 -29.80 -9.08
C TYR A 337 -8.31 -29.09 -7.80
N PHE A 338 -7.03 -28.80 -7.65
CA PHE A 338 -6.57 -28.09 -6.47
C PHE A 338 -6.35 -26.63 -6.79
N ASN A 339 -6.51 -25.81 -5.76
CA ASN A 339 -6.31 -24.37 -5.79
C ASN A 339 -5.10 -23.97 -6.66
N ARG A 340 -5.32 -23.07 -7.60
CA ARG A 340 -4.27 -22.63 -8.49
C ARG A 340 -3.18 -21.85 -7.80
N SER A 341 -3.48 -21.32 -6.62
CA SER A 341 -2.48 -20.57 -5.89
C SER A 341 -1.48 -21.44 -5.17
N TYR A 342 -1.83 -22.69 -4.91
CA TYR A 342 -0.91 -23.57 -4.22
C TYR A 342 0.40 -23.60 -4.98
N ASN A 343 1.48 -23.82 -4.26
CA ASN A 343 2.83 -23.83 -4.82
C ASN A 343 3.23 -22.49 -5.45
N LYS A 344 2.61 -21.44 -4.97
CA LYS A 344 2.87 -20.10 -5.45
C LYS A 344 2.69 -19.15 -4.27
N ILE A 345 2.92 -17.86 -4.50
CA ILE A 345 2.67 -16.92 -3.43
C ILE A 345 1.32 -16.27 -3.72
N ALA A 346 0.29 -16.68 -2.99
CA ALA A 346 -1.02 -16.07 -3.19
C ALA A 346 -0.81 -14.55 -3.13
N PRO A 347 -1.46 -13.80 -4.04
CA PRO A 347 -1.34 -12.34 -4.08
C PRO A 347 -1.95 -11.64 -2.86
N GLY A 348 -3.16 -12.05 -2.52
CA GLY A 348 -3.89 -11.43 -1.43
C GLY A 348 -3.20 -11.41 -0.10
N ASN A 349 -3.05 -12.58 0.51
CA ASN A 349 -2.42 -12.75 1.81
C ASN A 349 -0.96 -13.26 1.79
N LYS A 350 -0.36 -13.32 0.61
CA LYS A 350 1.02 -13.81 0.47
C LYS A 350 1.22 -15.23 0.99
N ALA A 351 0.15 -16.01 1.10
CA ALA A 351 0.29 -17.38 1.59
C ALA A 351 1.07 -18.28 0.60
N TYR A 352 1.84 -19.22 1.14
CA TYR A 352 2.57 -20.15 0.28
C TYR A 352 2.28 -21.58 0.69
N ILE A 353 1.12 -22.08 0.24
CA ILE A 353 0.67 -23.43 0.52
C ILE A 353 1.15 -24.48 -0.50
N GLU A 354 1.90 -25.47 -0.02
CA GLU A 354 2.40 -26.49 -0.91
C GLU A 354 1.39 -27.59 -1.17
N TRP A 355 1.48 -28.22 -2.34
CA TRP A 355 0.58 -29.30 -2.72
C TRP A 355 1.30 -30.10 -3.76
N THR A 356 1.12 -31.41 -3.76
CA THR A 356 1.80 -32.29 -4.73
C THR A 356 1.26 -32.16 -6.12
N ASP A 357 2.10 -31.75 -7.05
CA ASP A 357 1.69 -31.59 -8.43
C ASP A 357 2.45 -32.57 -9.33
N PRO A 358 1.77 -33.60 -9.83
CA PRO A 358 2.45 -34.55 -10.70
C PRO A 358 3.14 -33.94 -11.93
N ILE A 359 2.53 -32.94 -12.58
CA ILE A 359 3.17 -32.32 -13.74
C ILE A 359 4.61 -31.86 -13.47
N THR A 360 4.88 -31.42 -12.24
CA THR A 360 6.23 -30.95 -11.92
C THR A 360 7.22 -32.09 -11.70
N LYS A 361 6.75 -33.20 -11.15
CA LYS A 361 7.58 -34.37 -10.92
C LYS A 361 8.26 -34.76 -12.24
N ALA A 362 7.51 -34.60 -13.34
CA ALA A 362 7.99 -34.94 -14.66
C ALA A 362 8.87 -33.87 -15.29
N LYS A 363 8.79 -32.65 -14.78
CA LYS A 363 9.58 -31.55 -15.32
C LYS A 363 11.06 -31.94 -15.53
N ILE A 364 11.69 -32.50 -14.51
CA ILE A 364 13.09 -32.89 -14.59
C ILE A 364 13.43 -33.79 -15.76
N ASN A 365 12.47 -34.53 -16.29
CA ASN A 365 12.75 -35.43 -17.40
C ASN A 365 12.12 -35.10 -18.73
N THR A 366 11.56 -33.91 -18.84
CA THR A 366 10.97 -33.52 -20.11
C THR A 366 11.61 -32.21 -20.54
N ILE A 367 11.63 -31.93 -21.84
CA ILE A 367 12.22 -30.69 -22.29
C ILE A 367 11.12 -29.65 -22.46
N PRO A 368 11.44 -28.39 -22.16
CA PRO A 368 10.49 -27.27 -22.26
C PRO A 368 10.09 -26.88 -23.66
N THR A 369 8.83 -26.47 -23.79
CA THR A 369 8.31 -26.00 -25.05
C THR A 369 8.90 -24.60 -25.23
N SER A 370 8.80 -24.03 -26.42
CA SER A 370 9.36 -22.69 -26.63
C SER A 370 8.72 -21.70 -25.66
N ALA A 371 7.40 -21.67 -25.61
CA ALA A 371 6.70 -20.77 -24.71
C ALA A 371 7.35 -20.85 -23.33
N GLU A 372 7.27 -22.01 -22.69
CA GLU A 372 7.88 -22.16 -21.37
C GLU A 372 9.31 -21.63 -21.37
N PHE A 373 10.00 -21.74 -22.51
CA PHE A 373 11.37 -21.25 -22.59
C PHE A 373 11.41 -19.75 -22.51
N ILE A 374 10.43 -19.12 -23.14
CA ILE A 374 10.34 -17.66 -23.17
C ILE A 374 9.80 -17.12 -21.85
N LYS A 375 8.63 -17.59 -21.43
CA LYS A 375 8.03 -17.15 -20.19
C LYS A 375 8.97 -17.36 -19.00
N ASN A 376 10.10 -18.00 -19.22
CA ASN A 376 11.08 -18.23 -18.17
C ASN A 376 12.27 -17.33 -18.42
N LEU A 377 12.05 -16.34 -19.27
CA LEU A 377 13.04 -15.34 -19.61
C LEU A 377 12.29 -14.02 -19.39
N SER A 378 11.04 -14.17 -18.96
CA SER A 378 10.14 -13.05 -18.67
C SER A 378 9.99 -12.95 -17.16
N SER A 379 10.19 -14.07 -16.48
CA SER A 379 10.11 -14.11 -15.04
C SER A 379 11.54 -14.10 -14.53
N ILE A 380 12.45 -14.55 -15.38
CA ILE A 380 13.87 -14.57 -15.03
C ILE A 380 14.35 -13.11 -15.12
N ARG A 381 13.71 -12.36 -16.01
CA ARG A 381 14.03 -10.96 -16.20
C ARG A 381 13.24 -10.12 -15.22
N ARG A 382 13.32 -10.52 -13.95
CA ARG A 382 12.68 -9.83 -12.84
C ARG A 382 13.90 -9.34 -12.07
N SER A 383 14.65 -10.30 -11.55
CA SER A 383 15.87 -9.96 -10.81
C SER A 383 16.88 -9.49 -11.85
N SER A 384 16.59 -8.35 -12.48
CA SER A 384 17.43 -7.72 -13.50
C SER A 384 16.58 -6.77 -14.35
N SER A 403 21.98 -13.23 -29.47
CA SER A 403 20.56 -13.48 -29.69
C SER A 403 20.35 -14.76 -30.51
N VAL A 404 20.17 -15.87 -29.80
CA VAL A 404 19.94 -17.17 -30.42
C VAL A 404 18.47 -17.57 -30.29
N LYS A 405 17.67 -17.20 -31.28
CA LYS A 405 16.26 -17.54 -31.28
C LYS A 405 16.18 -18.98 -31.82
N LYS A 406 17.35 -19.51 -32.18
CA LYS A 406 17.45 -20.85 -32.71
C LYS A 406 17.00 -21.89 -31.68
N ILE A 407 17.25 -21.59 -30.40
CA ILE A 407 16.84 -22.50 -29.35
C ILE A 407 15.32 -22.50 -29.18
N ALA A 408 14.72 -21.31 -29.10
CA ALA A 408 13.28 -21.21 -28.95
C ALA A 408 12.57 -21.72 -30.20
N GLY A 409 13.36 -22.14 -31.18
CA GLY A 409 12.83 -22.67 -32.42
C GLY A 409 12.90 -24.18 -32.38
N TYR A 410 14.09 -24.70 -32.08
CA TYR A 410 14.29 -26.14 -31.98
C TYR A 410 13.23 -26.70 -31.04
N LEU A 411 13.15 -26.15 -29.84
CA LEU A 411 12.18 -26.59 -28.87
C LEU A 411 10.79 -26.56 -29.49
N SER A 412 10.56 -25.61 -30.40
CA SER A 412 9.27 -25.52 -31.08
C SER A 412 9.21 -26.65 -32.11
N ASP A 413 10.37 -27.10 -32.57
CA ASP A 413 10.46 -28.19 -33.53
C ASP A 413 10.23 -29.52 -32.82
N TYR A 414 10.82 -29.67 -31.63
CA TYR A 414 10.67 -30.89 -30.87
C TYR A 414 9.21 -31.25 -30.64
N TYR A 415 8.39 -30.26 -30.27
CA TYR A 415 6.98 -30.53 -30.06
C TYR A 415 6.18 -30.16 -31.28
N ASN A 416 6.45 -30.86 -32.38
CA ASN A 416 5.75 -30.61 -33.65
C ASN A 416 4.65 -31.63 -33.94
N SER A 417 3.41 -31.17 -33.95
CA SER A 417 2.26 -32.02 -34.21
C SER A 417 2.37 -32.83 -35.49
N ALA A 418 3.19 -32.36 -36.42
CA ALA A 418 3.34 -33.08 -37.68
C ALA A 418 3.87 -34.48 -37.40
N ASN A 419 4.63 -34.63 -36.31
CA ASN A 419 5.20 -35.92 -35.93
C ASN A 419 4.20 -37.08 -35.94
N HIS A 420 2.91 -36.77 -35.98
CA HIS A 420 1.89 -37.82 -35.91
C HIS A 420 1.70 -38.69 -37.14
N ILE A 421 2.43 -38.43 -38.21
CA ILE A 421 2.29 -39.29 -39.38
C ILE A 421 3.47 -40.24 -39.47
N PHE A 422 4.36 -40.22 -38.48
CA PHE A 422 5.51 -41.11 -38.48
C PHE A 422 5.35 -42.23 -37.48
N SER A 423 6.33 -43.14 -37.48
CA SER A 423 6.30 -44.28 -36.56
C SER A 423 7.03 -43.92 -35.29
N GLN A 424 6.68 -44.60 -34.19
CA GLN A 424 7.32 -44.35 -32.91
C GLN A 424 8.83 -44.36 -33.14
N GLU A 425 9.32 -45.39 -33.79
CA GLU A 425 10.74 -45.52 -34.10
C GLU A 425 11.23 -44.21 -34.72
N LYS A 426 10.47 -43.73 -35.70
CA LYS A 426 10.81 -42.50 -36.40
C LYS A 426 10.83 -41.35 -35.40
N LYS A 427 9.70 -41.14 -34.73
CA LYS A 427 9.52 -40.08 -33.74
C LYS A 427 10.72 -39.98 -32.80
N ARG A 428 11.04 -41.09 -32.13
CA ARG A 428 12.16 -41.10 -31.20
C ARG A 428 13.46 -40.63 -31.87
N LYS A 429 13.66 -41.02 -33.11
CA LYS A 429 14.87 -40.63 -33.83
C LYS A 429 14.97 -39.13 -34.06
N ILE A 430 13.98 -38.55 -34.74
CA ILE A 430 14.00 -37.11 -35.02
C ILE A 430 13.95 -36.25 -33.76
N SER A 431 13.31 -36.75 -32.71
CA SER A 431 13.22 -36.02 -31.45
C SER A 431 14.59 -36.07 -30.77
N ILE A 432 15.14 -37.28 -30.64
CA ILE A 432 16.45 -37.43 -30.03
C ILE A 432 17.45 -36.54 -30.80
N PHE A 433 17.11 -36.20 -32.03
CA PHE A 433 17.99 -35.34 -32.81
C PHE A 433 17.68 -33.87 -32.50
N ARG A 434 16.42 -33.48 -32.70
CA ARG A 434 15.97 -32.11 -32.45
C ARG A 434 16.36 -31.68 -31.04
N GLY A 435 16.55 -32.66 -30.17
CA GLY A 435 16.95 -32.37 -28.80
C GLY A 435 18.41 -32.01 -28.76
N ILE A 436 19.28 -32.92 -29.19
CA ILE A 436 20.71 -32.67 -29.22
C ILE A 436 20.96 -31.35 -29.94
N GLN A 437 20.07 -31.02 -30.86
CA GLN A 437 20.20 -29.76 -31.60
C GLN A 437 20.10 -28.59 -30.61
N ALA A 438 19.03 -28.58 -29.83
CA ALA A 438 18.82 -27.53 -28.83
C ALA A 438 19.92 -27.57 -27.78
N TYR A 439 20.39 -28.76 -27.45
CA TYR A 439 21.46 -28.93 -26.47
C TYR A 439 22.77 -28.37 -27.01
N ASN A 440 22.76 -27.99 -28.28
CA ASN A 440 23.94 -27.44 -28.94
C ASN A 440 23.97 -25.93 -28.83
N GLU A 441 22.93 -25.27 -29.33
CA GLU A 441 22.82 -23.81 -29.28
C GLU A 441 23.02 -23.31 -27.85
N ILE A 442 22.40 -23.97 -26.88
CA ILE A 442 22.52 -23.60 -25.48
C ILE A 442 23.97 -23.70 -25.03
N GLU A 443 24.65 -24.74 -25.51
CA GLU A 443 26.05 -24.98 -25.18
C GLU A 443 26.95 -23.80 -25.57
N ASN A 444 26.88 -23.39 -26.84
CA ASN A 444 27.73 -22.29 -27.30
C ASN A 444 27.32 -20.92 -26.76
N VAL A 445 26.10 -20.82 -26.21
CA VAL A 445 25.67 -19.55 -25.64
C VAL A 445 26.39 -19.41 -24.30
N LEU A 446 26.49 -20.53 -23.58
CA LEU A 446 27.20 -20.55 -22.30
C LEU A 446 28.69 -20.43 -22.58
N LYS A 447 29.05 -20.66 -23.84
CA LYS A 447 30.44 -20.59 -24.27
C LYS A 447 30.84 -19.14 -24.51
N SER A 448 29.84 -18.27 -24.55
CA SER A 448 30.07 -16.85 -24.76
C SER A 448 30.31 -16.22 -23.39
N LYS A 449 29.62 -15.11 -23.11
CA LYS A 449 29.77 -14.44 -21.82
C LYS A 449 28.65 -14.90 -20.87
N GLN A 450 28.95 -15.27 -19.61
CA GLN A 450 27.94 -15.62 -18.56
C GLN A 450 27.26 -14.31 -18.44
N ILE A 451 26.33 -14.05 -19.28
CA ILE A 451 25.83 -12.67 -19.24
C ILE A 451 25.40 -12.26 -17.86
N ALA A 452 24.34 -12.93 -17.44
CA ALA A 452 23.77 -12.79 -16.12
C ALA A 452 24.19 -13.98 -15.29
N PRO A 453 24.77 -13.72 -14.11
CA PRO A 453 25.23 -14.79 -13.22
C PRO A 453 24.19 -15.90 -13.01
N GLU A 454 22.92 -15.51 -12.87
CA GLU A 454 21.86 -16.49 -12.65
C GLU A 454 21.20 -17.07 -13.91
N TYR A 455 21.60 -16.57 -15.07
CA TYR A 455 21.06 -17.10 -16.33
C TYR A 455 21.83 -18.39 -16.59
N LYS A 456 23.12 -18.39 -16.23
CA LYS A 456 23.97 -19.55 -16.41
C LYS A 456 23.32 -20.78 -15.81
N ASN A 457 22.44 -20.58 -14.84
CA ASN A 457 21.76 -21.69 -14.19
C ASN A 457 20.64 -22.23 -15.06
N TYR A 458 19.80 -21.34 -15.56
CA TYR A 458 18.69 -21.77 -16.39
C TYR A 458 19.19 -22.70 -17.48
N PHE A 459 20.36 -22.39 -18.03
CA PHE A 459 20.92 -23.20 -19.10
C PHE A 459 21.59 -24.48 -18.61
N GLN A 460 22.42 -24.38 -17.56
CA GLN A 460 23.07 -25.57 -17.04
C GLN A 460 21.94 -26.54 -16.69
N TYR A 461 20.77 -25.96 -16.42
CA TYR A 461 19.57 -26.71 -16.04
C TYR A 461 18.88 -27.30 -17.27
N LEU A 462 18.55 -26.45 -18.24
CA LEU A 462 17.91 -26.95 -19.47
C LEU A 462 18.77 -28.09 -19.99
N LYS A 463 20.07 -27.84 -20.08
CA LYS A 463 20.99 -28.86 -20.56
C LYS A 463 20.73 -30.18 -19.85
N GLU A 464 20.51 -30.12 -18.53
CA GLU A 464 20.26 -31.34 -17.77
C GLU A 464 18.95 -31.98 -18.17
N ARG A 465 17.91 -31.18 -18.32
CA ARG A 465 16.62 -31.70 -18.74
C ARG A 465 16.78 -32.33 -20.13
N ILE A 466 17.20 -31.51 -21.10
CA ILE A 466 17.40 -32.00 -22.46
C ILE A 466 18.15 -33.32 -22.41
N THR A 467 19.18 -33.41 -21.57
CA THR A 467 19.96 -34.63 -21.47
C THR A 467 19.08 -35.81 -21.07
N ASN A 468 18.41 -35.70 -19.92
CA ASN A 468 17.56 -36.78 -19.42
C ASN A 468 16.50 -37.19 -20.43
N GLN A 469 15.99 -36.20 -21.17
CA GLN A 469 14.95 -36.46 -22.17
C GLN A 469 15.50 -37.31 -23.31
N VAL A 470 16.60 -36.87 -23.90
CA VAL A 470 17.22 -37.61 -25.00
C VAL A 470 17.61 -38.99 -24.45
N GLN A 471 18.47 -39.01 -23.45
CA GLN A 471 18.93 -40.25 -22.83
C GLN A 471 17.80 -41.26 -22.62
N LEU A 472 16.59 -40.73 -22.42
CA LEU A 472 15.40 -41.55 -22.19
C LEU A 472 14.92 -42.22 -23.47
N LEU A 473 14.66 -41.42 -24.50
CA LEU A 473 14.19 -41.93 -25.79
C LEU A 473 15.16 -42.99 -26.33
N LEU A 474 16.45 -42.80 -26.07
CA LEU A 474 17.46 -43.74 -26.53
C LEU A 474 17.27 -45.10 -25.86
N THR A 475 17.13 -45.11 -24.53
CA THR A 475 16.93 -46.36 -23.80
C THR A 475 15.59 -46.99 -24.18
N HIS A 476 14.73 -46.19 -24.78
CA HIS A 476 13.44 -46.66 -25.21
C HIS A 476 13.64 -47.53 -26.44
N GLN A 477 14.88 -47.49 -26.92
CA GLN A 477 15.26 -48.24 -28.10
C GLN A 477 16.53 -49.05 -27.89
N LYS A 478 17.67 -48.36 -27.96
CA LYS A 478 18.97 -48.98 -27.79
C LYS A 478 19.51 -48.72 -26.39
N PHE A 483 24.82 -40.72 -23.68
CA PHE A 483 24.49 -39.45 -24.33
C PHE A 483 25.74 -38.72 -24.80
N LYS A 484 26.51 -38.16 -23.87
CA LYS A 484 27.73 -37.43 -24.23
C LYS A 484 28.61 -38.32 -25.10
N LEU A 485 28.51 -39.62 -24.86
CA LEU A 485 29.26 -40.61 -25.62
C LEU A 485 29.00 -40.39 -27.11
N LEU A 486 27.74 -40.10 -27.44
CA LEU A 486 27.34 -39.87 -28.83
C LEU A 486 27.37 -38.39 -29.20
N TYR A 487 27.58 -37.52 -28.24
CA TYR A 487 27.62 -36.10 -28.53
C TYR A 487 28.96 -35.68 -29.13
N LYS A 488 29.85 -36.66 -29.32
CA LYS A 488 31.14 -36.37 -29.91
C LYS A 488 31.05 -36.56 -31.41
N GLN A 489 30.66 -37.77 -31.81
CA GLN A 489 30.51 -38.10 -33.22
C GLN A 489 29.27 -37.44 -33.84
N LEU A 490 29.34 -36.14 -34.04
CA LEU A 490 28.22 -35.42 -34.64
C LEU A 490 28.60 -34.03 -35.14
N ASN A 491 27.84 -33.55 -36.12
CA ASN A 491 28.09 -32.25 -36.76
C ASN A 491 27.42 -31.03 -36.13
N PHE A 492 28.21 -29.97 -35.99
CA PHE A 492 27.75 -28.68 -35.49
C PHE A 492 28.27 -27.78 -36.61
N THR A 493 29.31 -28.29 -37.26
CA THR A 493 30.00 -27.68 -38.37
C THR A 493 29.32 -26.92 -39.48
N GLU A 494 28.42 -27.47 -40.22
CA GLU A 494 27.82 -26.75 -41.33
C GLU A 494 26.43 -27.14 -41.12
N ASN A 495 25.58 -26.32 -41.59
CA ASN A 495 24.36 -26.38 -40.89
C ASN A 495 23.07 -26.91 -41.48
N GLU A 496 23.11 -27.87 -42.32
CA GLU A 496 21.86 -28.30 -42.83
C GLU A 496 21.71 -29.77 -42.61
N THR A 497 20.95 -30.38 -43.44
CA THR A 497 20.67 -31.82 -43.34
C THR A 497 21.93 -32.68 -43.50
N ASP A 498 23.12 -32.07 -43.39
CA ASP A 498 24.34 -32.85 -43.55
C ASP A 498 24.68 -33.47 -42.19
N ASN A 499 24.36 -32.74 -41.14
CA ASN A 499 24.62 -33.18 -39.77
C ASN A 499 23.70 -34.34 -39.45
N PHE A 500 22.43 -34.19 -39.83
CA PHE A 500 21.41 -35.21 -39.60
C PHE A 500 21.80 -36.56 -40.19
N GLU A 501 22.71 -36.54 -41.15
CA GLU A 501 23.18 -37.75 -41.82
C GLU A 501 23.99 -38.67 -40.92
N VAL A 502 25.18 -38.22 -40.52
CA VAL A 502 26.03 -39.02 -39.66
C VAL A 502 25.20 -39.58 -38.51
N PHE A 503 24.39 -38.72 -37.92
CA PHE A 503 23.50 -39.08 -36.82
C PHE A 503 22.75 -40.38 -37.10
N GLN A 504 21.89 -40.35 -38.11
CA GLN A 504 21.10 -41.51 -38.52
C GLN A 504 21.84 -42.82 -38.36
N LYS A 505 23.08 -42.85 -38.85
CA LYS A 505 23.90 -44.04 -38.79
C LYS A 505 24.40 -44.36 -37.38
N ILE A 506 24.74 -43.33 -36.64
CA ILE A 506 25.27 -43.49 -35.28
C ILE A 506 24.36 -44.29 -34.35
N ILE A 507 23.07 -44.02 -34.41
CA ILE A 507 22.11 -44.69 -33.53
C ILE A 507 21.98 -46.21 -33.68
N ASP A 508 22.60 -46.78 -34.72
CA ASP A 508 22.54 -48.22 -34.94
C ASP A 508 23.74 -48.94 -34.35
N ASP B 4 37.79 5.10 23.12
CA ASP B 4 37.02 4.20 24.02
C ASP B 4 36.58 2.98 23.20
N VAL B 5 37.54 2.44 22.47
CA VAL B 5 37.33 1.27 21.62
C VAL B 5 37.91 0.04 22.29
N LEU B 6 37.73 -1.13 21.68
CA LEU B 6 38.29 -2.37 22.23
C LEU B 6 39.40 -2.71 21.25
N LYS B 7 40.30 -3.61 21.64
CA LYS B 7 41.37 -4.01 20.76
C LYS B 7 41.78 -5.46 20.96
N GLY B 8 42.54 -5.99 20.00
CA GLY B 8 43.01 -7.36 20.08
C GLY B 8 41.95 -8.38 20.43
N GLU B 9 42.36 -9.62 20.68
CA GLU B 9 41.43 -10.68 21.02
C GLU B 9 40.17 -10.19 21.76
N LYS B 10 40.31 -9.18 22.60
CA LYS B 10 39.17 -8.66 23.33
C LYS B 10 38.08 -8.14 22.38
N ALA B 11 38.47 -7.44 21.32
CA ALA B 11 37.49 -6.91 20.39
C ALA B 11 36.90 -8.07 19.58
N LEU B 12 37.80 -8.88 19.04
CA LEU B 12 37.44 -10.04 18.22
C LEU B 12 36.34 -10.90 18.84
N LYS B 13 36.40 -11.08 20.16
CA LYS B 13 35.41 -11.89 20.84
C LYS B 13 34.09 -11.14 20.86
N ALA B 14 34.00 -10.11 20.04
CA ALA B 14 32.78 -9.30 19.97
C ALA B 14 32.33 -9.10 18.54
N SER B 15 33.23 -9.30 17.58
CA SER B 15 32.87 -9.08 16.19
C SER B 15 32.06 -10.18 15.55
N GLY B 16 32.15 -11.38 16.13
CA GLY B 16 31.42 -12.49 15.56
C GLY B 16 32.27 -13.23 14.55
N LEU B 17 33.28 -12.56 13.97
CA LEU B 17 34.15 -13.21 13.02
C LEU B 17 34.86 -14.40 13.65
N VAL B 18 35.34 -15.31 12.81
CA VAL B 18 36.06 -16.47 13.28
C VAL B 18 37.55 -16.15 13.17
N PRO B 19 38.25 -16.17 14.32
CA PRO B 19 39.68 -15.88 14.50
C PRO B 19 40.58 -16.30 13.35
N GLU B 20 40.62 -17.58 13.02
CA GLU B 20 41.44 -18.06 11.92
C GLU B 20 41.17 -17.26 10.62
N HIS B 21 39.96 -16.69 10.52
CA HIS B 21 39.64 -15.91 9.34
C HIS B 21 40.02 -14.47 9.58
N ALA B 22 39.75 -14.00 10.79
CA ALA B 22 40.08 -12.64 11.17
C ALA B 22 41.59 -12.45 10.98
N ASP B 23 42.35 -13.39 11.55
CA ASP B 23 43.80 -13.39 11.46
C ASP B 23 44.24 -13.40 10.01
N ALA B 24 43.85 -14.44 9.28
CA ALA B 24 44.21 -14.52 7.89
C ALA B 24 43.83 -13.22 7.17
N PHE B 25 43.07 -12.36 7.85
CA PHE B 25 42.65 -11.09 7.26
C PHE B 25 43.67 -9.96 7.43
N LYS B 26 44.47 -10.03 8.51
CA LYS B 26 45.52 -9.04 8.77
C LYS B 26 46.38 -8.93 7.53
N LYS B 27 46.82 -10.08 7.04
CA LYS B 27 47.65 -10.16 5.85
C LYS B 27 47.12 -9.28 4.72
N ILE B 28 45.93 -9.60 4.22
CA ILE B 28 45.36 -8.84 3.10
C ILE B 28 45.18 -7.36 3.45
N ALA B 29 44.90 -7.09 4.71
CA ALA B 29 44.69 -5.72 5.18
C ALA B 29 45.97 -4.91 5.10
N ARG B 30 47.09 -5.52 5.50
CA ARG B 30 48.38 -4.83 5.45
C ARG B 30 48.89 -4.81 4.00
N GLU B 31 49.02 -5.99 3.42
CA GLU B 31 49.50 -6.13 2.04
C GLU B 31 48.96 -5.05 1.13
N LEU B 32 47.64 -4.83 1.18
CA LEU B 32 47.01 -3.83 0.31
C LEU B 32 46.74 -2.50 1.00
N ASN B 33 47.40 -2.27 2.13
CA ASN B 33 47.24 -1.03 2.91
C ASN B 33 45.82 -0.52 2.77
N THR B 34 44.91 -1.18 3.49
CA THR B 34 43.50 -0.80 3.46
C THR B 34 42.79 -1.14 4.77
N TYR B 35 41.89 -0.26 5.18
CA TYR B 35 41.12 -0.48 6.37
C TYR B 35 39.95 -1.38 5.98
N ILE B 36 39.71 -2.41 6.78
CA ILE B 36 38.60 -3.30 6.53
C ILE B 36 37.59 -3.23 7.68
N LEU B 37 36.39 -2.75 7.39
CA LEU B 37 35.36 -2.61 8.42
C LEU B 37 34.19 -3.58 8.18
N PHE B 38 33.83 -4.32 9.22
CA PHE B 38 32.75 -5.32 9.17
C PHE B 38 31.54 -4.94 10.02
N ARG B 39 30.34 -5.34 9.58
CA ARG B 39 29.14 -5.10 10.38
C ARG B 39 29.22 -6.22 11.40
N PRO B 40 28.28 -6.28 12.36
CA PRO B 40 28.37 -7.37 13.35
C PRO B 40 28.19 -8.74 12.69
N VAL B 41 28.39 -9.82 13.45
CA VAL B 41 28.20 -11.19 12.92
C VAL B 41 27.57 -12.09 13.99
N ASN B 42 26.44 -12.68 13.66
CA ASN B 42 25.73 -13.51 14.61
C ASN B 42 26.66 -14.45 15.33
N LYS B 43 26.89 -14.19 16.61
CA LYS B 43 27.79 -15.02 17.39
C LYS B 43 27.42 -16.50 17.43
N LEU B 44 26.13 -16.83 17.53
CA LEU B 44 25.80 -18.25 17.54
C LEU B 44 26.02 -18.83 16.15
N ALA B 45 26.52 -18.01 15.22
CA ALA B 45 26.74 -18.45 13.87
C ALA B 45 28.22 -18.64 13.51
N THR B 46 29.09 -17.93 14.23
CA THR B 46 30.50 -18.01 13.94
C THR B 46 31.02 -19.44 14.07
N ASN B 47 30.63 -20.17 15.12
CA ASN B 47 31.08 -21.57 15.24
C ASN B 47 30.65 -22.37 14.01
N LEU B 48 29.40 -22.21 13.58
CA LEU B 48 28.93 -22.91 12.41
C LEU B 48 29.77 -22.50 11.21
N ILE B 49 29.96 -21.20 11.03
CA ILE B 49 30.76 -20.75 9.90
C ILE B 49 32.14 -21.41 9.96
N LYS B 50 32.78 -21.30 11.11
CA LYS B 50 34.10 -21.88 11.30
C LYS B 50 34.11 -23.32 10.86
N SER B 51 33.02 -24.05 11.15
CA SER B 51 32.93 -25.46 10.80
C SER B 51 32.43 -25.77 9.40
N GLY B 52 32.78 -24.95 8.44
CA GLY B 52 32.38 -25.23 7.08
C GLY B 52 31.01 -24.89 6.51
N VAL B 53 30.00 -24.71 7.38
CA VAL B 53 28.65 -24.40 6.90
C VAL B 53 28.63 -23.27 5.85
N ALA B 54 27.72 -23.31 4.90
CA ALA B 54 27.69 -22.25 3.89
C ALA B 54 27.09 -20.93 4.44
N THR B 55 27.36 -19.82 3.73
CA THR B 55 26.86 -18.49 4.14
C THR B 55 25.95 -17.89 3.08
N LYS B 56 24.92 -17.18 3.53
CA LYS B 56 23.95 -16.61 2.61
C LYS B 56 24.35 -15.37 1.83
N GLY B 57 23.94 -15.34 0.58
CA GLY B 57 24.25 -14.21 -0.29
C GLY B 57 23.01 -13.36 -0.45
N LEU B 58 23.09 -12.39 -1.36
CA LEU B 58 21.98 -11.48 -1.54
C LEU B 58 20.68 -12.08 -2.03
N ASN B 59 20.66 -13.39 -2.28
CA ASN B 59 19.40 -13.99 -2.71
C ASN B 59 18.63 -14.58 -1.53
N VAL B 60 19.04 -14.22 -0.32
CA VAL B 60 18.36 -14.69 0.86
C VAL B 60 18.43 -13.61 1.93
N HIS B 61 17.32 -12.91 2.08
CA HIS B 61 17.20 -11.84 3.04
C HIS B 61 16.45 -12.29 4.28
N GLY B 62 16.62 -13.56 4.65
CA GLY B 62 15.93 -14.05 5.81
C GLY B 62 16.83 -13.77 6.97
N LYS B 63 16.29 -13.53 8.15
CA LYS B 63 17.14 -13.25 9.27
C LYS B 63 17.57 -14.53 9.98
N SER B 64 18.81 -14.55 10.45
CA SER B 64 19.37 -15.69 11.17
C SER B 64 18.73 -15.75 12.54
N SER B 65 19.03 -16.79 13.29
CA SER B 65 18.45 -16.94 14.61
C SER B 65 19.57 -16.87 15.66
N ASP B 66 19.27 -16.42 16.86
CA ASP B 66 20.31 -16.35 17.88
C ASP B 66 19.83 -16.93 19.18
N TRP B 67 18.85 -17.82 19.10
CA TRP B 67 18.32 -18.51 20.26
C TRP B 67 17.80 -19.90 19.88
N GLY B 68 17.49 -20.71 20.90
CA GLY B 68 16.98 -22.04 20.63
C GLY B 68 17.85 -22.92 19.73
N PRO B 69 17.31 -24.07 19.30
CA PRO B 69 17.98 -25.06 18.45
C PRO B 69 18.46 -24.55 17.11
N VAL B 70 17.62 -23.79 16.42
CA VAL B 70 17.97 -23.29 15.11
C VAL B 70 19.07 -22.21 15.09
N ALA B 71 19.52 -21.79 16.28
CA ALA B 71 20.56 -20.76 16.44
C ALA B 71 21.74 -20.86 15.46
N GLY B 72 21.91 -19.84 14.64
CA GLY B 72 23.01 -19.84 13.70
C GLY B 72 22.52 -20.05 12.28
N TYR B 73 21.36 -20.71 12.17
CA TYR B 73 20.81 -20.97 10.83
C TYR B 73 19.73 -19.97 10.44
N ILE B 74 19.24 -20.05 9.21
CA ILE B 74 18.20 -19.14 8.74
C ILE B 74 16.87 -19.94 8.77
N PRO B 75 16.11 -19.88 9.87
CA PRO B 75 14.84 -20.61 9.97
C PRO B 75 13.89 -20.21 8.86
N PHE B 76 13.13 -21.17 8.35
CA PHE B 76 12.19 -20.84 7.29
C PHE B 76 11.14 -19.97 7.99
N ASP B 77 10.61 -20.48 9.09
CA ASP B 77 9.60 -19.79 9.91
C ASP B 77 10.32 -18.69 10.71
N GLN B 78 10.35 -17.45 10.17
CA GLN B 78 11.06 -16.34 10.83
C GLN B 78 10.75 -16.07 12.30
N ASP B 79 9.70 -16.66 12.86
CA ASP B 79 9.44 -16.42 14.27
C ASP B 79 10.43 -17.22 15.12
N LEU B 80 11.25 -18.05 14.48
CA LEU B 80 12.26 -18.79 15.22
C LEU B 80 13.59 -18.04 15.09
N SER B 81 13.57 -16.89 14.42
CA SER B 81 14.78 -16.09 14.26
C SER B 81 15.02 -15.05 15.38
N LYS B 82 15.98 -14.16 15.18
CA LYS B 82 16.24 -13.15 16.18
C LYS B 82 14.99 -12.26 16.32
N LYS B 83 14.14 -12.19 15.29
CA LYS B 83 12.94 -11.37 15.42
C LYS B 83 11.78 -12.04 16.13
N HIS B 84 12.02 -13.14 16.85
CA HIS B 84 10.94 -13.85 17.54
C HIS B 84 10.13 -12.81 18.26
N GLY B 85 8.88 -12.70 18.09
CA GLY B 85 8.43 -11.56 18.74
C GLY B 85 7.93 -10.46 17.83
N GLN B 86 8.52 -9.97 16.80
CA GLN B 86 7.75 -8.84 16.27
C GLN B 86 6.76 -9.23 15.11
N GLN B 87 5.37 -9.26 15.30
CA GLN B 87 4.55 -9.69 14.19
C GLN B 87 4.91 -9.18 12.78
N LEU B 88 5.19 -7.90 12.65
CA LEU B 88 5.56 -7.34 11.35
C LEU B 88 6.91 -7.84 10.92
N ALA B 89 7.78 -8.02 11.91
CA ALA B 89 9.14 -8.50 11.68
C ALA B 89 9.13 -9.90 11.07
N VAL B 90 8.45 -10.81 11.74
CA VAL B 90 8.31 -12.18 11.28
C VAL B 90 7.76 -12.20 9.85
N GLU B 91 6.63 -11.54 9.62
CA GLU B 91 6.03 -11.50 8.30
C GLU B 91 6.92 -10.97 7.18
N LYS B 92 7.63 -9.88 7.40
CA LYS B 92 8.49 -9.40 6.34
C LYS B 92 9.51 -10.49 5.93
N GLY B 93 10.00 -11.24 6.92
CA GLY B 93 10.97 -12.28 6.67
C GLY B 93 10.33 -13.44 5.94
N ASN B 94 9.24 -13.97 6.50
CA ASN B 94 8.53 -15.06 5.87
C ASN B 94 8.31 -14.79 4.37
N LEU B 95 7.82 -13.60 4.04
CA LEU B 95 7.59 -13.29 2.64
C LEU B 95 8.90 -13.37 1.90
N GLU B 96 9.96 -12.91 2.55
CA GLU B 96 11.28 -12.90 1.91
C GLU B 96 11.74 -14.31 1.64
N ASN B 97 11.52 -15.20 2.59
CA ASN B 97 11.91 -16.58 2.43
C ASN B 97 11.10 -17.27 1.33
N LYS B 98 9.78 -17.13 1.38
CA LYS B 98 8.94 -17.76 0.38
C LYS B 98 9.44 -17.32 -0.96
N LYS B 99 9.76 -16.03 -1.07
CA LYS B 99 10.25 -15.47 -2.33
C LYS B 99 11.55 -16.13 -2.79
N SER B 100 12.46 -16.46 -1.87
CA SER B 100 13.71 -17.10 -2.27
C SER B 100 13.40 -18.44 -2.92
N ILE B 101 12.67 -19.26 -2.18
CA ILE B 101 12.28 -20.58 -2.64
C ILE B 101 11.56 -20.59 -4.02
N THR B 102 10.69 -19.62 -4.28
CA THR B 102 10.00 -19.64 -5.54
C THR B 102 10.70 -18.92 -6.68
N GLU B 103 11.23 -17.73 -6.42
CA GLU B 103 11.92 -16.98 -7.47
C GLU B 103 13.28 -17.58 -7.76
N HIS B 104 13.71 -18.54 -6.95
CA HIS B 104 14.99 -19.18 -7.15
C HIS B 104 14.93 -20.68 -7.04
N GLU B 105 13.91 -21.25 -7.69
CA GLU B 105 13.69 -22.69 -7.72
C GLU B 105 15.03 -23.36 -8.03
N GLY B 106 15.33 -24.43 -7.32
CA GLY B 106 16.57 -25.12 -7.56
C GLY B 106 17.78 -24.41 -7.02
N GLU B 107 17.72 -23.09 -6.86
CA GLU B 107 18.84 -22.34 -6.29
C GLU B 107 18.82 -22.50 -4.77
N ILE B 108 17.74 -22.01 -4.18
CA ILE B 108 17.53 -22.01 -2.73
C ILE B 108 16.40 -22.97 -2.35
N GLY B 109 16.40 -23.43 -1.11
CA GLY B 109 15.36 -24.33 -0.65
C GLY B 109 15.29 -24.37 0.87
N LYS B 110 14.62 -25.38 1.41
CA LYS B 110 14.52 -25.52 2.85
C LYS B 110 14.56 -26.99 3.18
N ILE B 111 15.29 -27.36 4.23
CA ILE B 111 15.42 -28.77 4.62
C ILE B 111 15.24 -28.94 6.12
N PRO B 112 14.96 -30.17 6.58
CA PRO B 112 14.82 -30.23 8.04
C PRO B 112 16.12 -29.92 8.73
N LEU B 113 16.02 -29.39 9.94
CA LEU B 113 17.20 -29.03 10.71
C LEU B 113 17.73 -30.24 11.46
N LYS B 114 18.95 -30.67 11.15
CA LYS B 114 19.52 -31.80 11.90
C LYS B 114 20.60 -31.27 12.83
N LEU B 115 20.50 -31.56 14.11
CA LEU B 115 21.53 -31.12 15.02
C LEU B 115 22.37 -32.32 15.38
N ASP B 116 23.64 -32.30 14.99
CA ASP B 116 24.50 -33.42 15.34
C ASP B 116 24.96 -33.32 16.79
N HIS B 117 25.73 -34.32 17.18
CA HIS B 117 26.26 -34.46 18.54
C HIS B 117 27.14 -33.26 18.97
N LEU B 118 28.10 -32.88 18.14
CA LEU B 118 28.95 -31.76 18.50
C LEU B 118 28.18 -30.47 18.76
N ARG B 119 27.37 -30.05 17.80
CA ARG B 119 26.57 -28.83 17.93
C ARG B 119 25.79 -28.79 19.23
N ILE B 120 25.10 -29.87 19.60
CA ILE B 120 24.35 -29.87 20.85
C ILE B 120 25.29 -29.50 21.99
N GLU B 121 26.48 -30.09 21.98
CA GLU B 121 27.47 -29.80 23.02
C GLU B 121 27.79 -28.30 22.99
N GLU B 122 28.02 -27.75 21.80
CA GLU B 122 28.34 -26.33 21.67
C GLU B 122 27.24 -25.47 22.26
N LEU B 123 25.99 -25.80 21.93
CA LEU B 123 24.83 -25.05 22.41
C LEU B 123 24.59 -25.18 23.91
N LYS B 124 25.00 -26.31 24.48
CA LYS B 124 24.87 -26.55 25.91
C LYS B 124 25.81 -25.61 26.66
N GLU B 125 26.96 -25.35 26.05
CA GLU B 125 27.96 -24.47 26.66
C GLU B 125 27.54 -23.01 26.47
N ASN B 126 27.10 -22.65 25.28
CA ASN B 126 26.64 -21.28 25.05
C ASN B 126 25.41 -21.08 25.95
N GLY B 127 25.02 -22.12 26.67
CA GLY B 127 23.86 -22.05 27.54
C GLY B 127 22.58 -21.74 26.78
N ILE B 128 22.48 -22.23 25.55
CA ILE B 128 21.32 -21.97 24.70
C ILE B 128 20.20 -22.99 24.84
N ILE B 129 20.57 -24.26 24.94
CA ILE B 129 19.57 -25.32 25.09
C ILE B 129 20.20 -26.49 25.83
N LEU B 130 19.39 -27.24 26.58
CA LEU B 130 19.90 -28.40 27.32
C LEU B 130 19.08 -29.66 27.06
N LYS B 131 19.75 -30.68 26.51
CA LYS B 131 19.14 -31.97 26.17
C LYS B 131 18.62 -32.72 27.40
N GLY B 132 17.34 -33.09 27.37
CA GLY B 132 16.75 -33.79 28.50
C GLY B 132 16.05 -35.12 28.27
N LYS B 133 14.86 -35.20 28.87
CA LYS B 133 13.94 -36.35 28.86
C LYS B 133 13.73 -37.11 27.55
N LYS B 134 13.53 -38.42 27.66
CA LYS B 134 13.27 -39.24 26.48
C LYS B 134 11.77 -39.14 26.21
N GLU B 135 11.33 -39.64 25.07
CA GLU B 135 9.92 -39.59 24.72
C GLU B 135 9.69 -40.52 23.54
N ILE B 136 8.62 -41.31 23.59
CA ILE B 136 8.29 -42.23 22.51
C ILE B 136 6.97 -41.81 21.91
N ASP B 137 6.98 -41.47 20.60
CA ASP B 137 5.82 -41.01 19.82
C ASP B 137 5.37 -42.11 18.84
N ASN B 138 4.68 -41.83 17.70
CA ASN B 138 4.35 -42.99 16.82
C ASN B 138 5.60 -43.86 16.97
N GLY B 139 5.53 -44.89 17.77
CA GLY B 139 6.68 -45.80 18.05
C GLY B 139 8.11 -45.31 17.71
N LYS B 140 8.42 -44.04 17.99
CA LYS B 140 9.72 -43.43 17.70
C LYS B 140 10.30 -42.77 18.94
N LYS B 141 11.62 -42.80 19.07
CA LYS B 141 12.31 -42.23 20.23
C LYS B 141 12.87 -40.83 20.02
N TYR B 142 12.44 -39.88 20.87
CA TYR B 142 12.92 -38.51 20.78
C TYR B 142 13.45 -38.06 22.14
N TYR B 143 14.08 -36.88 22.15
CA TYR B 143 14.63 -36.26 23.35
C TYR B 143 14.20 -34.81 23.35
N LEU B 144 13.89 -34.28 24.52
CA LEU B 144 13.48 -32.88 24.58
C LEU B 144 14.66 -31.95 24.68
N LEU B 145 14.60 -30.85 23.96
CA LEU B 145 15.65 -29.86 24.00
C LEU B 145 15.02 -28.75 24.84
N GLU B 146 15.58 -28.46 26.01
CA GLU B 146 15.02 -27.42 26.86
C GLU B 146 15.38 -26.03 26.36
N SER B 147 14.55 -25.05 26.72
CA SER B 147 14.76 -23.65 26.32
C SER B 147 13.96 -22.70 27.21
N ASN B 148 14.59 -21.61 27.63
CA ASN B 148 13.91 -20.65 28.48
C ASN B 148 12.77 -19.98 27.74
N ASN B 149 12.59 -20.32 26.46
CA ASN B 149 11.51 -19.77 25.66
C ASN B 149 10.20 -20.28 26.29
N GLN B 150 9.11 -19.52 26.14
CA GLN B 150 7.85 -19.97 26.72
C GLN B 150 6.67 -19.95 25.73
N VAL B 151 6.97 -20.15 24.46
CA VAL B 151 5.95 -20.19 23.40
C VAL B 151 6.09 -21.51 22.65
N TYR B 152 7.34 -21.94 22.47
CA TYR B 152 7.62 -23.18 21.78
C TYR B 152 8.28 -24.23 22.67
N GLU B 153 8.11 -25.49 22.28
CA GLU B 153 8.68 -26.63 22.97
C GLU B 153 9.46 -27.38 21.88
N PHE B 154 10.67 -27.81 22.17
CA PHE B 154 11.47 -28.47 21.16
C PHE B 154 11.77 -29.92 21.46
N ARG B 155 12.30 -30.65 20.48
CA ARG B 155 12.65 -32.06 20.66
C ARG B 155 13.38 -32.58 19.42
N ILE B 156 14.31 -33.51 19.61
CA ILE B 156 15.05 -34.05 18.48
C ILE B 156 15.00 -35.58 18.37
N SER B 157 14.67 -36.04 17.18
CA SER B 157 14.59 -37.46 16.89
C SER B 157 15.95 -38.14 17.03
N ASP B 158 16.05 -39.09 17.95
CA ASP B 158 17.29 -39.83 18.20
C ASP B 158 17.70 -40.64 16.98
N GLU B 159 16.74 -41.01 16.14
CA GLU B 159 17.04 -41.80 14.94
C GLU B 159 17.87 -41.02 13.91
N ASN B 160 17.36 -39.89 13.42
CA ASN B 160 18.11 -39.12 12.42
C ASN B 160 18.62 -37.76 12.87
N ASN B 161 18.30 -37.38 14.10
CA ASN B 161 18.74 -36.09 14.65
C ASN B 161 17.96 -34.87 14.17
N GLU B 162 16.77 -35.10 13.62
CA GLU B 162 15.94 -34.02 13.13
C GLU B 162 15.31 -33.31 14.32
N VAL B 163 15.19 -31.98 14.24
CA VAL B 163 14.59 -31.22 15.33
C VAL B 163 13.12 -30.85 15.03
N GLN B 164 12.28 -30.95 16.04
CA GLN B 164 10.87 -30.62 15.85
C GLN B 164 10.43 -29.52 16.83
N TYR B 165 9.25 -28.94 16.61
CA TYR B 165 8.73 -27.92 17.52
C TYR B 165 7.25 -27.78 17.43
N LYS B 166 6.68 -27.20 18.47
CA LYS B 166 5.24 -26.97 18.54
C LYS B 166 5.02 -25.94 19.63
N THR B 167 3.81 -25.40 19.69
CA THR B 167 3.46 -24.42 20.69
C THR B 167 3.14 -25.16 22.00
N LYS B 168 3.37 -24.50 23.13
CA LYS B 168 3.10 -25.11 24.45
C LYS B 168 1.62 -25.05 24.83
N GLU B 169 1.27 -25.67 25.96
CA GLU B 169 -0.11 -25.69 26.43
C GLU B 169 -0.80 -24.33 26.30
N GLY B 170 -1.96 -24.34 25.66
CA GLY B 170 -2.74 -23.13 25.47
C GLY B 170 -2.00 -21.90 24.95
N LYS B 171 -0.68 -21.95 24.98
CA LYS B 171 0.12 -20.83 24.50
C LYS B 171 -0.07 -20.59 22.99
N ILE B 172 0.00 -19.33 22.56
CA ILE B 172 -0.21 -18.99 21.15
C ILE B 172 0.96 -18.23 20.52
N THR B 173 1.14 -18.39 19.21
CA THR B 173 2.24 -17.74 18.50
C THR B 173 1.87 -16.31 18.09
N VAL B 174 2.87 -15.57 17.63
CA VAL B 174 2.64 -14.19 17.24
C VAL B 174 1.71 -14.03 16.02
N LEU B 175 1.76 -14.95 15.07
CA LEU B 175 0.87 -14.81 13.91
C LEU B 175 -0.54 -15.38 14.12
N GLY B 176 -0.88 -15.55 15.39
CA GLY B 176 -2.20 -16.05 15.74
C GLY B 176 -2.33 -17.53 15.47
N GLU B 177 -1.21 -18.25 15.55
CA GLU B 177 -1.18 -19.69 15.27
C GLU B 177 -1.05 -20.61 16.46
N LYS B 178 -1.16 -21.89 16.14
CA LYS B 178 -1.06 -22.96 17.11
C LYS B 178 -0.87 -24.27 16.34
N PHE B 179 0.03 -25.13 16.81
CA PHE B 179 0.29 -26.38 16.12
C PHE B 179 1.11 -27.36 16.93
N ASN B 180 0.86 -28.64 16.71
CA ASN B 180 1.57 -29.70 17.41
C ASN B 180 2.94 -29.93 16.76
N TRP B 181 3.62 -30.96 17.20
CA TRP B 181 4.95 -31.30 16.70
C TRP B 181 5.13 -31.23 15.16
N ARG B 182 6.01 -30.33 14.72
CA ARG B 182 6.36 -30.10 13.32
C ARG B 182 7.85 -30.14 13.19
N ASN B 183 8.34 -30.12 11.96
CA ASN B 183 9.78 -30.13 11.69
C ASN B 183 10.21 -28.68 11.56
N ILE B 184 11.45 -28.37 11.98
CA ILE B 184 11.96 -27.02 11.86
C ILE B 184 12.69 -26.93 10.55
N GLU B 185 12.11 -26.31 9.54
CA GLU B 185 12.80 -26.18 8.26
C GLU B 185 13.82 -25.03 8.30
N VAL B 186 14.86 -25.16 7.50
CA VAL B 186 15.94 -24.18 7.44
C VAL B 186 16.28 -23.81 5.99
N MET B 187 16.67 -22.55 5.75
CA MET B 187 17.05 -22.09 4.40
C MET B 187 18.28 -22.86 3.94
N ALA B 188 18.30 -23.26 2.68
CA ALA B 188 19.43 -24.02 2.19
C ALA B 188 19.72 -23.77 0.73
N LYS B 189 20.98 -23.92 0.34
CA LYS B 189 21.34 -23.72 -1.05
C LYS B 189 21.72 -25.06 -1.71
N ASN B 190 21.47 -25.13 -3.01
CA ASN B 190 21.76 -26.31 -3.77
C ASN B 190 23.25 -26.37 -4.06
N VAL B 191 23.87 -27.48 -3.68
CA VAL B 191 25.29 -27.66 -3.92
C VAL B 191 25.52 -29.05 -4.50
N GLU B 192 26.00 -29.06 -5.74
CA GLU B 192 26.26 -30.28 -6.46
C GLU B 192 25.00 -31.11 -6.28
N GLY B 193 23.87 -30.52 -6.62
CA GLY B 193 22.60 -31.23 -6.50
C GLY B 193 22.06 -31.52 -5.12
N VAL B 194 22.79 -31.16 -4.06
CA VAL B 194 22.26 -31.40 -2.71
C VAL B 194 22.08 -30.12 -1.87
N LEU B 195 20.87 -29.93 -1.35
CA LEU B 195 20.51 -28.80 -0.51
C LEU B 195 21.33 -28.77 0.78
N LYS B 196 22.07 -27.68 0.99
CA LYS B 196 22.90 -27.51 2.20
C LYS B 196 22.39 -26.31 3.02
N PRO B 197 22.33 -26.44 4.36
CA PRO B 197 21.87 -25.34 5.21
C PRO B 197 22.86 -24.18 5.20
N LEU B 198 22.34 -22.98 5.42
CA LEU B 198 23.14 -21.75 5.44
C LEU B 198 23.21 -21.03 6.80
N THR B 199 24.26 -20.22 6.96
CA THR B 199 24.43 -19.39 8.16
C THR B 199 24.60 -17.97 7.64
N ALA B 200 24.98 -17.08 8.55
CA ALA B 200 25.19 -15.68 8.22
C ALA B 200 26.54 -15.53 7.56
N ASP B 201 26.67 -14.56 6.67
CA ASP B 201 27.97 -14.37 6.03
C ASP B 201 28.64 -13.15 6.68
N TYR B 202 29.87 -12.86 6.28
CA TYR B 202 30.56 -11.69 6.81
C TYR B 202 30.11 -10.49 5.98
N ASP B 203 29.58 -9.45 6.63
CA ASP B 203 29.13 -8.27 5.91
C ASP B 203 30.07 -7.10 6.10
N LEU B 204 30.63 -6.62 5.00
CA LEU B 204 31.52 -5.48 5.05
C LEU B 204 30.77 -4.18 5.30
N PHE B 205 31.16 -3.48 6.36
CA PHE B 205 30.54 -2.21 6.66
C PHE B 205 31.14 -1.24 5.65
N ALA B 206 32.45 -1.33 5.45
CA ALA B 206 33.11 -0.45 4.50
C ALA B 206 34.55 -0.85 4.25
N LEU B 207 35.11 -0.28 3.20
CA LEU B 207 36.51 -0.53 2.85
C LEU B 207 37.15 0.80 2.48
N ALA B 208 38.22 1.11 3.21
CA ALA B 208 38.96 2.35 2.99
C ALA B 208 40.39 2.05 2.57
N PRO B 209 40.65 2.09 1.26
CA PRO B 209 41.99 1.81 0.72
C PRO B 209 42.87 3.06 0.75
N SER B 210 44.19 2.88 0.90
CA SER B 210 45.08 4.03 0.90
C SER B 210 45.16 4.56 -0.53
N LEU B 211 45.38 5.87 -0.67
CA LEU B 211 45.45 6.51 -1.98
C LEU B 211 46.48 5.91 -2.93
N THR B 212 47.57 5.40 -2.38
CA THR B 212 48.61 4.79 -3.20
C THR B 212 47.95 3.70 -4.06
N GLU B 213 47.19 2.82 -3.42
CA GLU B 213 46.50 1.71 -4.07
C GLU B 213 45.60 2.06 -5.25
N ILE B 214 44.84 3.14 -5.14
CA ILE B 214 43.97 3.54 -6.23
C ILE B 214 44.81 3.91 -7.45
N LYS B 215 46.04 4.37 -7.20
CA LYS B 215 46.96 4.74 -8.28
C LYS B 215 47.37 3.43 -8.93
N LYS B 216 47.78 2.49 -8.09
CA LYS B 216 48.21 1.15 -8.51
C LYS B 216 47.07 0.48 -9.28
N GLN B 217 46.01 1.25 -9.53
CA GLN B 217 44.84 0.75 -10.22
C GLN B 217 44.73 1.35 -11.61
N ILE B 218 45.27 2.55 -11.76
CA ILE B 218 45.22 3.27 -13.03
C ILE B 218 46.39 2.88 -13.92
N PRO B 219 46.13 2.61 -15.21
CA PRO B 219 47.18 2.22 -16.16
C PRO B 219 48.26 3.31 -16.28
N GLN B 220 49.52 2.91 -16.11
CA GLN B 220 50.64 3.84 -16.21
C GLN B 220 50.60 4.69 -17.46
N LYS B 221 49.87 4.21 -18.47
CA LYS B 221 49.73 4.91 -19.73
C LYS B 221 48.71 6.03 -19.66
N GLU B 222 47.44 5.66 -19.47
CA GLU B 222 46.33 6.61 -19.40
C GLU B 222 46.51 7.73 -18.36
N TRP B 223 47.35 7.47 -17.36
CA TRP B 223 47.60 8.44 -16.30
C TRP B 223 48.46 9.59 -16.78
N ASP B 224 49.58 9.25 -17.42
CA ASP B 224 50.52 10.22 -17.94
C ASP B 224 49.89 11.16 -18.97
N LYS B 225 48.99 10.62 -19.78
CA LYS B 225 48.32 11.39 -20.81
C LYS B 225 47.79 12.75 -20.34
N VAL B 226 47.88 13.03 -19.04
CA VAL B 226 47.41 14.30 -18.49
C VAL B 226 48.21 14.77 -17.26
N VAL B 227 49.01 13.87 -16.68
CA VAL B 227 49.80 14.24 -15.51
C VAL B 227 51.17 14.79 -15.89
N ASN B 228 51.51 14.70 -17.18
CA ASN B 228 52.80 15.20 -17.67
C ASN B 228 52.70 16.60 -18.25
N THR B 229 52.42 17.56 -17.36
CA THR B 229 52.30 18.99 -17.65
C THR B 229 51.32 19.44 -18.76
N PRO B 230 50.23 18.69 -19.00
CA PRO B 230 49.34 19.17 -20.07
C PRO B 230 48.47 20.33 -19.54
N ASN B 231 48.99 21.03 -18.52
CA ASN B 231 48.33 22.16 -17.87
C ASN B 231 47.27 22.88 -18.69
N GLU B 234 45.56 20.72 -17.42
CA GLU B 234 44.24 20.23 -16.98
C GLU B 234 44.30 19.18 -15.91
N LYS B 235 45.39 19.17 -15.25
CA LYS B 235 45.61 18.21 -14.16
C LYS B 235 44.40 18.05 -13.25
N GLN B 236 44.02 19.14 -12.58
CA GLN B 236 42.91 19.07 -11.65
C GLN B 236 41.77 18.22 -12.25
N LYS B 237 40.98 18.80 -13.14
CA LYS B 237 39.86 18.09 -13.77
C LYS B 237 40.25 16.75 -14.40
N GLY B 238 41.54 16.42 -14.32
CA GLY B 238 42.01 15.17 -14.88
C GLY B 238 42.32 14.21 -13.75
N VAL B 239 43.30 14.57 -12.92
CA VAL B 239 43.69 13.74 -11.79
C VAL B 239 42.46 13.31 -10.98
N THR B 240 41.51 14.20 -10.78
CA THR B 240 40.33 13.83 -10.02
C THR B 240 39.47 12.84 -10.79
N ASN B 241 39.19 13.13 -12.07
CA ASN B 241 38.37 12.20 -12.84
C ASN B 241 39.03 10.84 -12.93
N LEU B 242 40.31 10.79 -12.61
CA LEU B 242 41.01 9.52 -12.61
C LEU B 242 40.73 8.96 -11.23
N LEU B 243 40.80 9.84 -10.24
CA LEU B 243 40.52 9.49 -8.86
C LEU B 243 39.09 8.97 -8.78
N ILE B 244 38.23 9.48 -9.65
CA ILE B 244 36.85 9.05 -9.68
C ILE B 244 36.69 7.66 -10.26
N LYS B 245 36.80 7.54 -11.58
CA LYS B 245 36.61 6.26 -12.25
C LYS B 245 37.24 5.01 -11.66
N TYR B 246 38.45 5.09 -11.12
CA TYR B 246 39.06 3.87 -10.58
C TYR B 246 39.11 3.84 -9.05
N GLY B 247 38.35 4.73 -8.41
CA GLY B 247 38.33 4.78 -6.96
C GLY B 247 36.96 5.06 -6.36
N ILE B 248 36.26 6.03 -6.91
CA ILE B 248 34.95 6.42 -6.40
C ILE B 248 33.79 5.70 -7.05
N GLU B 249 33.77 5.63 -8.37
CA GLU B 249 32.69 4.98 -9.12
C GLU B 249 32.34 3.56 -8.70
N ARG B 250 31.04 3.31 -8.49
CA ARG B 250 30.51 2.00 -8.11
C ARG B 250 29.51 1.65 -9.18
N LYS B 251 29.30 0.36 -9.43
CA LYS B 251 28.34 -0.07 -10.43
C LYS B 251 27.65 -1.36 -9.99
N PRO B 252 26.36 -1.50 -10.31
CA PRO B 252 25.57 -2.68 -9.96
C PRO B 252 26.13 -3.96 -10.54
N ASP B 253 26.28 -4.96 -9.70
CA ASP B 253 26.77 -6.32 -10.05
C ASP B 253 25.63 -7.24 -9.64
N SER B 254 25.67 -8.51 -9.75
CA SER B 254 24.34 -9.03 -9.50
C SER B 254 24.11 -9.76 -8.20
N THR B 255 25.04 -10.54 -7.95
CA THR B 255 25.08 -11.37 -6.76
C THR B 255 25.66 -10.49 -5.68
N LYS B 256 26.69 -9.73 -6.04
CA LYS B 256 27.30 -8.78 -5.12
C LYS B 256 26.47 -7.54 -5.46
N GLY B 257 26.11 -6.74 -4.48
CA GLY B 257 25.29 -5.58 -4.80
C GLY B 257 26.06 -4.57 -5.63
N THR B 258 25.81 -3.29 -5.39
CA THR B 258 26.55 -2.26 -6.09
C THR B 258 27.93 -2.38 -5.47
N LEU B 259 28.93 -2.36 -6.33
CA LEU B 259 30.28 -2.57 -5.89
C LEU B 259 31.23 -1.87 -6.85
N SER B 260 32.51 -1.80 -6.51
CA SER B 260 33.49 -1.21 -7.39
C SER B 260 34.46 -2.34 -7.75
N ASN B 261 35.10 -2.20 -8.90
CA ASN B 261 36.02 -3.20 -9.40
C ASN B 261 37.12 -3.54 -8.42
N TRP B 262 37.72 -2.53 -7.81
CA TRP B 262 38.77 -2.82 -6.84
C TRP B 262 38.12 -3.56 -5.68
N GLN B 263 36.92 -3.14 -5.30
CA GLN B 263 36.20 -3.78 -4.21
C GLN B 263 36.01 -5.27 -4.48
N LYS B 264 35.82 -5.61 -5.75
CA LYS B 264 35.65 -6.99 -6.16
C LYS B 264 36.93 -7.80 -5.90
N GLN B 265 38.06 -7.30 -6.39
CA GLN B 265 39.32 -7.99 -6.19
C GLN B 265 39.52 -8.18 -4.69
N MET B 266 39.21 -7.14 -3.92
CA MET B 266 39.34 -7.20 -2.47
C MET B 266 38.46 -8.31 -1.87
N LEU B 267 37.28 -8.49 -2.47
CA LEU B 267 36.36 -9.53 -2.03
C LEU B 267 37.02 -10.88 -2.25
N ASP B 268 37.56 -11.05 -3.46
CA ASP B 268 38.22 -12.29 -3.85
C ASP B 268 39.41 -12.63 -2.95
N ARG B 269 40.26 -11.67 -2.66
CA ARG B 269 41.41 -11.95 -1.81
C ARG B 269 40.93 -12.38 -0.43
N LEU B 270 39.88 -11.71 0.05
CA LEU B 270 39.32 -12.03 1.36
C LEU B 270 38.76 -13.46 1.43
N ASN B 271 38.05 -13.88 0.38
CA ASN B 271 37.51 -15.22 0.34
C ASN B 271 38.61 -16.27 0.24
N GLU B 272 39.62 -15.98 -0.57
CA GLU B 272 40.74 -16.91 -0.73
C GLU B 272 41.48 -17.10 0.59
N ALA B 273 41.76 -16.01 1.29
CA ALA B 273 42.48 -16.15 2.56
C ALA B 273 41.80 -17.12 3.52
N VAL B 274 40.47 -17.19 3.52
CA VAL B 274 39.81 -18.13 4.43
C VAL B 274 39.93 -19.58 3.97
N LYS B 275 40.04 -19.78 2.65
CA LYS B 275 40.22 -21.11 2.07
C LYS B 275 41.50 -21.69 2.69
N TYR B 276 42.59 -20.98 2.48
CA TYR B 276 43.89 -21.35 3.03
C TYR B 276 43.82 -21.66 4.52
N THR B 277 42.61 -21.69 5.06
CA THR B 277 42.45 -21.95 6.48
C THR B 277 41.74 -23.27 6.72
N GLY B 278 41.14 -23.79 5.66
CA GLY B 278 40.41 -25.03 5.78
C GLY B 278 38.91 -24.80 5.69
N TYR B 279 38.50 -23.59 5.29
CA TYR B 279 37.07 -23.33 5.17
C TYR B 279 36.56 -23.90 3.85
N THR B 280 35.78 -24.97 3.96
CA THR B 280 35.23 -25.64 2.80
C THR B 280 34.02 -24.93 2.17
N GLY B 281 33.08 -24.50 3.02
CA GLY B 281 31.86 -23.85 2.57
C GLY B 281 31.79 -22.94 1.34
N GLY B 282 32.93 -22.54 0.78
CA GLY B 282 32.89 -21.65 -0.38
C GLY B 282 33.19 -20.23 0.02
N ASP B 283 32.46 -19.27 -0.55
CA ASP B 283 32.67 -17.87 -0.19
C ASP B 283 32.14 -17.53 1.19
N VAL B 284 32.72 -16.51 1.80
CA VAL B 284 32.30 -16.09 3.13
C VAL B 284 31.91 -14.60 3.10
N VAL B 285 32.30 -13.91 2.03
CA VAL B 285 32.00 -12.50 1.79
C VAL B 285 31.33 -12.51 0.42
N ASN B 286 30.02 -12.25 0.38
CA ASN B 286 29.27 -12.36 -0.86
C ASN B 286 28.89 -11.11 -1.63
N HIS B 287 29.14 -9.92 -1.10
CA HIS B 287 28.71 -8.75 -1.84
C HIS B 287 29.34 -7.44 -1.41
N GLY B 288 28.88 -6.36 -2.07
CA GLY B 288 29.35 -5.01 -1.79
C GLY B 288 29.26 -4.58 -0.34
N THR B 289 29.67 -3.35 -0.07
CA THR B 289 29.69 -2.77 1.26
C THR B 289 28.39 -2.06 1.66
N GLU B 290 28.17 -1.91 2.97
CA GLU B 290 26.98 -1.26 3.49
C GLU B 290 26.82 0.17 2.99
N GLN B 291 27.95 0.76 2.56
CA GLN B 291 27.95 2.13 2.06
C GLN B 291 27.26 2.33 0.72
N ASP B 292 26.87 1.23 0.08
CA ASP B 292 26.18 1.35 -1.18
C ASP B 292 24.78 0.79 -1.04
N ASN B 293 24.48 0.32 0.16
CA ASN B 293 23.16 -0.21 0.48
C ASN B 293 22.37 1.03 0.80
N GLU B 294 21.83 1.65 -0.23
CA GLU B 294 21.10 2.91 -0.09
C GLU B 294 19.59 2.87 0.15
N GLU B 295 18.96 1.71 -0.03
CA GLU B 295 17.50 1.63 0.16
C GLU B 295 17.08 1.10 1.51
N PHE B 296 17.94 0.24 2.06
CA PHE B 296 17.67 -0.37 3.34
C PHE B 296 18.93 -0.28 4.18
N PRO B 297 19.33 0.95 4.55
CA PRO B 297 20.52 1.20 5.37
C PRO B 297 20.31 0.61 6.75
N GLU B 298 21.43 0.22 7.36
CA GLU B 298 21.40 -0.38 8.69
C GLU B 298 22.40 0.35 9.56
N LYS B 299 21.95 0.81 10.70
CA LYS B 299 22.82 1.51 11.63
C LYS B 299 23.19 0.48 12.68
N ASP B 300 24.47 0.15 12.80
CA ASP B 300 24.92 -0.83 13.79
C ASP B 300 25.69 -0.13 14.88
N ASN B 301 25.53 -0.58 16.11
CA ASN B 301 26.27 0.07 17.18
C ASN B 301 27.74 -0.20 16.98
N GLU B 302 28.14 -1.45 17.18
CA GLU B 302 29.55 -1.84 17.04
C GLU B 302 29.96 -2.29 15.64
N ILE B 303 31.15 -1.84 15.23
CA ILE B 303 31.74 -2.11 13.93
C ILE B 303 33.14 -2.65 14.18
N PHE B 304 33.47 -3.78 13.55
CA PHE B 304 34.80 -4.39 13.74
C PHE B 304 35.74 -3.91 12.66
N ILE B 305 36.89 -3.38 13.07
CA ILE B 305 37.86 -2.87 12.11
C ILE B 305 39.21 -3.55 12.16
N ILE B 306 39.79 -3.74 10.99
CA ILE B 306 41.11 -4.33 10.85
C ILE B 306 41.89 -3.25 10.10
N ASN B 307 42.85 -2.63 10.80
CA ASN B 307 43.67 -1.56 10.20
C ASN B 307 44.75 -2.10 9.30
N PRO B 308 45.25 -1.26 8.39
CA PRO B 308 46.31 -1.68 7.45
C PRO B 308 47.57 -2.14 8.16
N GLU B 309 47.56 -2.01 9.49
CA GLU B 309 48.69 -2.46 10.29
C GLU B 309 48.49 -3.93 10.69
N GLY B 310 47.22 -4.34 10.79
CA GLY B 310 46.92 -5.71 11.15
C GLY B 310 46.27 -5.82 12.51
N GLU B 311 45.86 -4.69 13.06
CA GLU B 311 45.23 -4.67 14.38
C GLU B 311 43.71 -4.70 14.39
N PHE B 312 43.17 -5.20 15.49
CA PHE B 312 41.73 -5.29 15.64
C PHE B 312 41.20 -4.15 16.51
N ILE B 313 40.13 -3.53 16.05
CA ILE B 313 39.51 -2.43 16.76
C ILE B 313 38.00 -2.57 16.69
N LEU B 314 37.30 -2.21 17.76
CA LEU B 314 35.85 -2.31 17.78
C LEU B 314 35.12 -1.06 18.27
N THR B 315 34.45 -0.38 17.35
CA THR B 315 33.68 0.81 17.71
C THR B 315 32.57 0.42 18.69
N LYS B 316 32.34 1.21 19.73
CA LYS B 316 31.29 0.88 20.67
C LYS B 316 29.93 1.46 20.30
N ASN B 317 29.89 2.44 19.40
CA ASN B 317 28.60 2.99 18.99
C ASN B 317 28.72 3.88 17.76
N TRP B 318 27.58 4.15 17.10
CA TRP B 318 27.55 4.94 15.89
C TRP B 318 28.41 6.16 15.94
N GLU B 319 28.13 7.02 16.91
CA GLU B 319 28.91 8.24 17.04
C GLU B 319 30.38 7.89 17.15
N MET B 320 30.71 6.84 17.89
CA MET B 320 32.12 6.49 18.00
C MET B 320 32.73 5.99 16.68
N THR B 321 31.97 5.24 15.89
CA THR B 321 32.47 4.75 14.60
C THR B 321 32.80 5.96 13.73
N GLY B 322 31.85 6.89 13.63
CA GLY B 322 32.05 8.09 12.85
C GLY B 322 33.32 8.84 13.24
N ARG B 323 33.57 8.95 14.55
CA ARG B 323 34.76 9.64 15.01
C ARG B 323 35.98 8.90 14.47
N PHE B 324 36.07 7.61 14.75
CA PHE B 324 37.20 6.81 14.28
C PHE B 324 37.45 6.95 12.77
N ILE B 325 36.40 7.05 11.96
CA ILE B 325 36.64 7.16 10.54
C ILE B 325 37.33 8.43 10.13
N GLU B 326 36.85 9.58 10.59
CA GLU B 326 37.47 10.86 10.23
C GLU B 326 38.91 10.98 10.76
N LYS B 327 39.10 10.59 12.01
CA LYS B 327 40.43 10.66 12.59
C LYS B 327 41.49 9.86 11.81
N ASN B 328 41.16 8.63 11.43
CA ASN B 328 42.12 7.78 10.73
C ASN B 328 41.94 7.54 9.24
N ILE B 329 40.79 7.88 8.67
CA ILE B 329 40.59 7.60 7.26
C ILE B 329 40.23 8.79 6.38
N THR B 330 39.01 9.30 6.53
CA THR B 330 38.53 10.41 5.73
C THR B 330 39.39 11.65 6.02
N GLY B 331 40.29 11.47 6.98
CA GLY B 331 41.22 12.49 7.37
C GLY B 331 42.62 12.19 6.86
N LYS B 332 42.93 10.95 6.52
CA LYS B 332 44.34 10.63 6.35
C LYS B 332 44.94 10.09 5.08
N ASP B 333 44.46 10.58 3.99
CA ASP B 333 44.92 10.14 2.68
C ASP B 333 44.33 8.84 2.11
N TYR B 334 43.46 8.16 2.86
CA TYR B 334 42.82 6.94 2.39
C TYR B 334 41.48 7.29 1.72
N LEU B 335 41.17 6.64 0.61
CA LEU B 335 39.91 6.90 -0.09
C LEU B 335 38.72 6.36 0.70
N TYR B 336 37.62 7.09 0.71
CA TYR B 336 36.45 6.66 1.42
C TYR B 336 35.27 7.51 1.02
N TYR B 337 34.09 6.93 1.07
CA TYR B 337 32.84 7.64 0.77
C TYR B 337 31.81 6.96 1.67
N PHE B 338 30.80 7.71 2.11
CA PHE B 338 29.77 7.15 2.96
C PHE B 338 28.45 7.06 2.22
N ASN B 339 27.58 6.20 2.72
CA ASN B 339 26.27 5.96 2.17
C ASN B 339 25.52 7.22 1.78
N ARG B 340 25.23 7.35 0.49
CA ARG B 340 24.48 8.49 -0.02
C ARG B 340 23.08 8.61 0.59
N SER B 341 22.70 7.68 1.45
CA SER B 341 21.37 7.78 2.04
C SER B 341 21.42 8.48 3.37
N TYR B 342 22.58 8.51 3.98
CA TYR B 342 22.71 9.20 5.26
C TYR B 342 22.12 10.62 5.17
N ASN B 343 21.69 11.15 6.32
CA ASN B 343 21.10 12.48 6.35
C ASN B 343 19.94 12.65 5.37
N LYS B 344 19.24 11.56 5.07
CA LYS B 344 18.10 11.59 4.17
C LYS B 344 17.16 10.49 4.60
N ILE B 345 15.98 10.40 3.99
CA ILE B 345 15.07 9.31 4.31
C ILE B 345 15.27 8.18 3.26
N ALA B 346 16.01 7.13 3.60
CA ALA B 346 16.20 6.02 2.65
C ALA B 346 14.82 5.57 2.19
N PRO B 347 14.60 5.48 0.87
CA PRO B 347 13.32 5.08 0.25
C PRO B 347 12.79 3.72 0.64
N GLY B 348 13.70 2.80 0.96
CA GLY B 348 13.28 1.47 1.32
C GLY B 348 12.64 1.37 2.69
N ASN B 349 13.49 1.31 3.71
CA ASN B 349 13.04 1.16 5.07
C ASN B 349 12.65 2.47 5.76
N LYS B 350 12.80 3.59 5.05
CA LYS B 350 12.49 4.92 5.61
C LYS B 350 13.43 5.24 6.77
N ALA B 351 14.62 4.66 6.73
CA ALA B 351 15.59 4.89 7.77
C ALA B 351 16.16 6.27 7.59
N TYR B 352 16.48 6.90 8.71
CA TYR B 352 17.07 8.23 8.70
C TYR B 352 18.36 8.20 9.51
N ILE B 353 19.46 7.83 8.85
CA ILE B 353 20.75 7.75 9.52
C ILE B 353 21.60 8.99 9.33
N GLU B 354 22.08 9.54 10.44
CA GLU B 354 22.88 10.74 10.39
C GLU B 354 24.37 10.47 10.36
N TRP B 355 25.06 11.23 9.55
CA TRP B 355 26.49 11.10 9.41
C TRP B 355 27.01 12.50 9.15
N THR B 356 28.16 12.85 9.71
CA THR B 356 28.74 14.17 9.54
C THR B 356 29.21 14.46 8.11
N ASP B 357 28.65 15.52 7.51
CA ASP B 357 29.02 15.93 6.16
C ASP B 357 29.61 17.35 6.12
N PRO B 358 30.93 17.48 5.87
CA PRO B 358 31.58 18.80 5.83
C PRO B 358 30.93 19.82 4.87
N ILE B 359 30.55 19.40 3.67
CA ILE B 359 29.91 20.31 2.71
C ILE B 359 28.75 21.01 3.38
N THR B 360 28.42 20.60 4.61
CA THR B 360 27.33 21.23 5.34
C THR B 360 27.91 21.89 6.58
N LYS B 361 28.94 21.27 7.13
CA LYS B 361 29.64 21.76 8.33
C LYS B 361 29.78 23.27 8.14
N ALA B 362 30.56 23.66 7.15
CA ALA B 362 30.77 25.07 6.82
C ALA B 362 29.86 25.37 5.63
N LYS B 363 28.56 25.45 5.89
CA LYS B 363 27.59 25.71 4.83
C LYS B 363 26.97 27.11 4.87
N ILE B 364 27.84 28.13 4.86
CA ILE B 364 27.42 29.53 4.87
C ILE B 364 27.96 30.19 3.58
N ASN B 365 27.30 29.86 2.46
CA ASN B 365 27.66 30.35 1.13
C ASN B 365 26.40 30.81 0.41
N THR B 366 26.40 30.77 -0.93
CA THR B 366 25.16 31.23 -1.72
C THR B 366 25.12 30.77 -3.22
N ILE B 367 24.12 30.10 -3.70
CA ILE B 367 24.19 29.69 -5.10
C ILE B 367 22.86 29.05 -5.47
N PRO B 368 22.47 29.09 -6.73
CA PRO B 368 21.21 28.47 -7.17
C PRO B 368 21.12 26.96 -6.87
N SER B 403 10.57 47.87 -19.35
CA SER B 403 10.80 48.81 -18.26
C SER B 403 11.01 48.07 -16.95
N VAL B 404 11.55 48.78 -15.95
CA VAL B 404 11.80 48.19 -14.64
C VAL B 404 12.73 47.00 -14.75
N LYS B 405 14.02 47.23 -14.57
CA LYS B 405 15.02 46.17 -14.64
C LYS B 405 15.61 45.85 -13.28
N LYS B 406 15.13 44.77 -12.67
CA LYS B 406 15.60 44.35 -11.36
C LYS B 406 15.66 42.83 -11.25
N ILE B 407 14.53 42.17 -11.49
CA ILE B 407 14.46 40.72 -11.43
C ILE B 407 15.49 40.13 -12.40
N ALA B 408 15.96 40.95 -13.34
CA ALA B 408 16.94 40.51 -14.31
C ALA B 408 18.28 41.21 -14.10
N GLY B 409 19.31 40.74 -14.79
CA GLY B 409 20.63 41.32 -14.67
C GLY B 409 21.59 40.46 -13.89
N TYR B 410 22.80 40.96 -13.67
CA TYR B 410 23.82 40.23 -12.92
C TYR B 410 23.56 40.32 -11.42
N LEU B 411 22.42 39.81 -10.98
CA LEU B 411 22.04 39.83 -9.57
C LEU B 411 21.72 38.41 -9.10
N SER B 412 22.52 37.46 -9.56
CA SER B 412 22.32 36.05 -9.20
C SER B 412 23.41 35.19 -9.85
N ASP B 413 24.66 35.62 -9.72
CA ASP B 413 25.80 34.92 -10.31
C ASP B 413 27.08 35.05 -9.49
N TYR B 414 26.95 35.42 -8.21
CA TYR B 414 28.09 35.59 -7.30
C TYR B 414 29.35 34.96 -7.90
N TYR B 415 29.31 33.64 -8.02
CA TYR B 415 30.42 32.87 -8.57
C TYR B 415 30.46 33.07 -10.09
N ASN B 416 31.47 33.82 -10.56
CA ASN B 416 31.63 34.10 -11.99
C ASN B 416 32.97 33.49 -12.41
N SER B 417 32.92 32.51 -13.31
CA SER B 417 34.15 31.84 -13.77
C SER B 417 35.12 32.85 -14.37
N ALA B 418 34.58 33.90 -14.98
CA ALA B 418 35.42 34.95 -15.54
C ALA B 418 35.82 35.77 -14.31
N ASN B 419 36.71 35.19 -13.49
CA ASN B 419 37.15 35.85 -12.26
C ASN B 419 38.55 35.35 -11.88
N HIS B 420 39.08 34.45 -12.68
CA HIS B 420 40.41 33.89 -12.42
C HIS B 420 41.49 34.92 -12.69
N ILE B 421 41.26 35.73 -13.72
CA ILE B 421 42.17 36.81 -14.11
C ILE B 421 42.34 37.79 -12.95
N PHE B 422 41.24 38.41 -12.53
CA PHE B 422 41.24 39.34 -11.41
C PHE B 422 42.03 38.68 -10.28
N SER B 423 42.96 39.42 -9.66
CA SER B 423 43.75 38.86 -8.57
C SER B 423 42.85 38.54 -7.38
N GLN B 424 43.38 37.78 -6.42
CA GLN B 424 42.61 37.41 -5.23
C GLN B 424 42.02 38.63 -4.52
N GLU B 425 42.76 39.73 -4.47
CA GLU B 425 42.29 40.95 -3.83
C GLU B 425 41.10 41.49 -4.63
N LYS B 426 41.18 41.36 -5.95
CA LYS B 426 40.13 41.81 -6.84
C LYS B 426 38.88 40.92 -6.67
N LYS B 427 39.09 39.60 -6.77
CA LYS B 427 38.01 38.61 -6.63
C LYS B 427 37.18 38.86 -5.38
N ARG B 428 37.84 38.81 -4.22
CA ARG B 428 37.17 39.02 -2.94
C ARG B 428 36.60 40.43 -2.86
N LYS B 429 37.22 41.36 -3.59
CA LYS B 429 36.77 42.75 -3.60
C LYS B 429 35.43 42.86 -4.33
N ILE B 430 35.33 42.18 -5.48
CA ILE B 430 34.10 42.21 -6.27
C ILE B 430 33.11 41.19 -5.74
N SER B 431 33.57 40.39 -4.77
CA SER B 431 32.75 39.36 -4.12
C SER B 431 31.85 40.02 -3.08
N ILE B 432 32.49 40.68 -2.12
CA ILE B 432 31.80 41.39 -1.05
C ILE B 432 30.65 42.18 -1.64
N PHE B 433 30.83 42.63 -2.88
CA PHE B 433 29.82 43.42 -3.59
C PHE B 433 28.71 42.54 -4.16
N ARG B 434 29.07 41.38 -4.69
CA ARG B 434 28.09 40.46 -5.25
C ARG B 434 27.15 40.06 -4.12
N GLY B 435 27.77 39.82 -2.96
CA GLY B 435 27.01 39.44 -1.78
C GLY B 435 26.09 40.56 -1.38
N ILE B 436 26.64 41.78 -1.33
CA ILE B 436 25.86 42.95 -0.95
C ILE B 436 24.86 43.31 -2.05
N GLN B 437 25.22 43.02 -3.29
CA GLN B 437 24.35 43.25 -4.43
C GLN B 437 23.08 42.44 -4.18
N ALA B 438 23.26 41.31 -3.52
CA ALA B 438 22.16 40.42 -3.16
C ALA B 438 21.67 40.77 -1.75
N TYR B 439 22.56 41.38 -0.98
CA TYR B 439 22.26 41.79 0.39
C TYR B 439 21.01 42.65 0.36
N ASN B 440 20.88 43.47 -0.67
CA ASN B 440 19.72 44.34 -0.81
C ASN B 440 18.79 43.84 -1.92
N GLU B 441 19.06 42.79 -2.61
CA GLU B 441 18.45 42.97 -3.99
C GLU B 441 17.03 43.23 -3.94
N ILE B 442 16.56 42.11 -3.67
CA ILE B 442 15.14 41.98 -3.36
C ILE B 442 15.10 41.36 -1.97
N GLU B 443 16.26 41.30 -1.32
CA GLU B 443 16.38 40.74 0.01
C GLU B 443 15.53 41.47 1.03
N ASN B 444 15.88 42.73 1.31
CA ASN B 444 15.16 43.51 2.30
C ASN B 444 13.67 43.67 1.98
N VAL B 445 13.18 42.93 0.98
CA VAL B 445 11.76 42.99 0.62
C VAL B 445 11.01 42.20 1.70
N LEU B 446 11.52 42.28 2.93
CA LEU B 446 10.99 41.58 4.10
C LEU B 446 9.56 41.97 4.53
N LYS B 447 9.23 43.26 4.42
CA LYS B 447 7.90 43.71 4.82
C LYS B 447 6.99 43.80 3.60
N SER B 448 7.52 43.35 2.47
CA SER B 448 6.79 43.30 1.26
C SER B 448 5.27 43.21 1.56
N LYS B 449 4.83 42.13 2.08
CA LYS B 449 3.44 41.91 2.34
C LYS B 449 3.45 40.71 3.24
N GLN B 450 2.39 39.97 3.29
CA GLN B 450 2.43 38.81 4.13
C GLN B 450 3.47 37.78 3.67
N ILE B 451 4.64 37.81 4.30
CA ILE B 451 5.75 36.92 3.99
C ILE B 451 5.85 35.74 4.95
N ALA B 452 5.63 34.54 4.41
CA ALA B 452 5.71 33.30 5.18
C ALA B 452 7.05 33.20 5.90
N PRO B 453 7.02 32.85 7.20
CA PRO B 453 8.25 32.72 7.99
C PRO B 453 9.30 31.85 7.28
N GLU B 454 8.84 30.89 6.48
CA GLU B 454 9.76 30.02 5.77
C GLU B 454 10.61 30.80 4.79
N TYR B 455 10.03 31.82 4.18
CA TYR B 455 10.75 32.66 3.23
C TYR B 455 11.67 33.63 3.96
N LYS B 456 11.12 34.35 4.94
CA LYS B 456 11.92 35.32 5.68
C LYS B 456 12.95 34.66 6.60
N ASN B 457 12.52 33.69 7.40
CA ASN B 457 13.43 32.98 8.31
C ASN B 457 14.59 32.35 7.52
N TYR B 458 14.39 32.20 6.21
CA TYR B 458 15.41 31.64 5.33
C TYR B 458 16.19 32.77 4.66
N PHE B 459 15.46 33.67 4.01
CA PHE B 459 16.09 34.81 3.33
C PHE B 459 16.87 35.60 4.38
N GLN B 460 16.33 35.65 5.59
CA GLN B 460 16.95 36.38 6.70
C GLN B 460 18.13 35.57 7.24
N TYR B 461 18.06 34.26 7.09
CA TYR B 461 19.13 33.36 7.54
C TYR B 461 20.30 33.48 6.57
N LEU B 462 19.96 33.68 5.30
CA LEU B 462 20.94 33.82 4.23
C LEU B 462 21.91 34.94 4.56
N LYS B 463 21.36 36.03 5.07
CA LYS B 463 22.13 37.20 5.48
C LYS B 463 23.15 36.77 6.52
N GLU B 464 22.73 35.84 7.38
CA GLU B 464 23.57 35.30 8.44
C GLU B 464 24.76 34.57 7.81
N ARG B 465 24.55 34.06 6.59
CA ARG B 465 25.62 33.39 5.88
C ARG B 465 26.47 34.46 5.21
N ILE B 466 25.86 35.20 4.28
CA ILE B 466 26.53 36.27 3.54
C ILE B 466 27.43 37.14 4.41
N THR B 467 27.06 37.27 5.69
CA THR B 467 27.82 38.09 6.63
C THR B 467 29.20 37.50 6.93
N ASN B 468 29.24 36.21 7.26
CA ASN B 468 30.49 35.53 7.57
C ASN B 468 31.28 35.17 6.31
N GLN B 469 30.57 34.80 5.24
CA GLN B 469 31.22 34.45 3.99
C GLN B 469 32.00 35.67 3.55
N VAL B 470 31.38 36.82 3.74
CA VAL B 470 31.98 38.10 3.37
C VAL B 470 32.64 38.72 4.62
N GLN B 471 32.90 37.86 5.60
CA GLN B 471 33.55 38.29 6.83
C GLN B 471 34.99 37.79 6.82
N LEU B 472 35.18 36.60 6.25
CA LEU B 472 36.48 35.96 6.14
C LEU B 472 37.33 36.66 5.07
N LEU B 473 36.67 37.14 4.02
CA LEU B 473 37.35 37.85 2.94
C LEU B 473 37.96 39.09 3.57
N LEU B 474 37.19 39.68 4.47
CA LEU B 474 37.62 40.88 5.19
C LEU B 474 38.66 40.45 6.23
N THR B 475 38.22 39.68 7.22
CA THR B 475 39.11 39.20 8.28
C THR B 475 40.38 38.53 7.78
N HIS B 476 40.40 38.15 6.50
CA HIS B 476 41.57 37.52 5.91
C HIS B 476 42.70 38.54 5.93
N GLN B 477 42.38 39.77 5.58
CA GLN B 477 43.34 40.86 5.55
C GLN B 477 42.59 42.18 5.47
N LYS B 478 41.90 42.53 6.57
CA LYS B 478 41.11 43.77 6.65
C LYS B 478 41.78 44.77 7.60
N PHE B 483 31.08 43.34 8.66
CA PHE B 483 30.04 44.22 8.13
C PHE B 483 29.67 45.32 9.10
N LYS B 484 29.17 44.93 10.27
CA LYS B 484 28.75 45.88 11.29
C LYS B 484 29.78 46.99 11.45
N LEU B 485 31.04 46.68 11.10
CA LEU B 485 32.13 47.65 11.19
C LEU B 485 31.67 48.98 10.58
N LEU B 486 31.31 48.96 9.30
CA LEU B 486 30.83 50.15 8.61
C LEU B 486 30.01 49.84 7.36
N TYR B 487 28.75 49.47 7.58
CA TYR B 487 27.83 49.20 6.47
C TYR B 487 27.15 50.54 6.20
N LYS B 488 27.71 51.59 6.81
CA LYS B 488 27.21 52.95 6.66
C LYS B 488 27.92 53.63 5.50
N GLN B 489 29.02 53.02 5.06
CA GLN B 489 29.79 53.53 3.93
C GLN B 489 29.26 52.75 2.74
N LEU B 490 28.20 51.98 3.00
CA LEU B 490 27.57 51.13 1.99
C LEU B 490 26.09 51.46 1.78
N ASN B 491 25.83 52.60 1.14
CA ASN B 491 24.46 53.01 0.85
C ASN B 491 24.20 52.75 -0.63
N PHE B 492 23.21 51.91 -0.93
CA PHE B 492 22.89 51.58 -2.31
C PHE B 492 21.54 52.15 -2.71
N THR B 493 21.54 52.95 -3.77
CA THR B 493 20.33 53.58 -4.28
C THR B 493 20.41 53.61 -5.80
N GLU B 494 21.65 53.56 -6.29
CA GLU B 494 21.95 53.57 -7.71
C GLU B 494 22.25 52.15 -8.17
N ASN B 495 22.41 51.96 -9.48
CA ASN B 495 22.72 50.64 -10.01
C ASN B 495 24.12 50.24 -9.54
N GLU B 496 24.32 48.93 -9.37
CA GLU B 496 25.59 48.39 -8.92
C GLU B 496 26.83 49.09 -9.50
N THR B 497 26.74 49.50 -10.76
CA THR B 497 27.85 50.17 -11.43
C THR B 497 28.16 51.58 -10.92
N ASP B 498 27.16 52.23 -10.35
CA ASP B 498 27.33 53.58 -9.83
C ASP B 498 28.20 53.60 -8.57
N ASN B 499 27.91 52.71 -7.61
CA ASN B 499 28.69 52.66 -6.39
C ASN B 499 29.84 51.68 -6.51
N PHE B 500 29.79 50.85 -7.56
CA PHE B 500 30.83 49.86 -7.82
C PHE B 500 32.18 50.54 -7.64
N GLU B 501 32.18 51.84 -7.92
CA GLU B 501 33.37 52.69 -7.81
C GLU B 501 33.60 53.10 -6.35
N VAL B 502 32.77 54.02 -5.85
CA VAL B 502 32.87 54.52 -4.48
C VAL B 502 33.23 53.40 -3.52
N PHE B 503 32.53 52.28 -3.65
CA PHE B 503 32.74 51.12 -2.82
C PHE B 503 34.18 50.58 -2.91
N GLN B 504 34.68 50.41 -4.12
CA GLN B 504 36.02 49.88 -4.34
C GLN B 504 37.10 50.67 -3.59
N LYS B 505 36.69 51.78 -2.99
CA LYS B 505 37.60 52.63 -2.21
C LYS B 505 37.06 52.75 -0.79
N ILE B 506 35.78 52.41 -0.62
CA ILE B 506 35.11 52.47 0.68
C ILE B 506 35.80 51.58 1.71
N ILE B 507 36.57 50.61 1.23
CA ILE B 507 37.29 49.70 2.11
C ILE B 507 38.65 50.28 2.47
N ASP B 508 39.37 50.73 1.45
CA ASP B 508 40.69 51.31 1.59
C ASP B 508 40.74 52.30 2.76
N ARG C 2 -31.83 15.14 32.43
CA ARG C 2 -30.81 16.19 32.14
C ARG C 2 -29.54 15.51 31.64
N ILE C 3 -28.86 16.14 30.68
CA ILE C 3 -27.62 15.60 30.12
C ILE C 3 -26.49 15.55 31.16
N ASP C 4 -26.07 14.34 31.52
CA ASP C 4 -25.01 14.15 32.52
C ASP C 4 -23.63 14.66 32.07
N VAL C 5 -23.49 15.96 32.10
CA VAL C 5 -22.27 16.64 31.68
C VAL C 5 -21.53 17.16 32.93
N LEU C 6 -20.28 17.57 32.79
CA LEU C 6 -19.57 18.16 33.92
C LEU C 6 -19.69 19.67 33.75
N LYS C 7 -19.45 20.44 34.80
CA LYS C 7 -19.54 21.88 34.69
C LYS C 7 -18.43 22.62 35.41
N GLY C 8 -18.32 23.91 35.11
CA GLY C 8 -17.32 24.77 35.73
C GLY C 8 -16.01 24.11 36.06
N GLU C 9 -15.39 24.54 37.15
CA GLU C 9 -14.09 24.04 37.60
C GLU C 9 -13.81 22.56 37.29
N LYS C 10 -14.74 21.68 37.66
CA LYS C 10 -14.54 20.26 37.39
C LYS C 10 -14.40 19.97 35.89
N ALA C 11 -15.08 20.75 35.05
CA ALA C 11 -14.99 20.55 33.60
C ALA C 11 -13.68 21.15 33.06
N LEU C 12 -13.30 22.32 33.55
CA LEU C 12 -12.06 22.94 33.12
C LEU C 12 -10.85 22.03 33.45
N LYS C 13 -10.92 21.30 34.56
CA LYS C 13 -9.84 20.41 34.95
C LYS C 13 -9.66 19.29 33.95
N ALA C 14 -10.77 18.75 33.47
CA ALA C 14 -10.74 17.65 32.50
C ALA C 14 -10.34 18.07 31.08
N SER C 15 -10.40 19.37 30.83
CA SER C 15 -10.12 19.92 29.51
C SER C 15 -8.67 19.92 29.07
N GLY C 16 -7.77 20.23 30.00
CA GLY C 16 -6.37 20.26 29.62
C GLY C 16 -5.96 21.68 29.28
N LEU C 17 -6.93 22.57 29.19
CA LEU C 17 -6.59 23.96 28.87
C LEU C 17 -6.03 24.63 30.10
N VAL C 18 -5.24 25.68 29.88
CA VAL C 18 -4.70 26.46 30.99
C VAL C 18 -5.89 27.26 31.50
N PRO C 19 -6.16 27.23 32.82
CA PRO C 19 -7.31 27.98 33.38
C PRO C 19 -7.37 29.45 32.91
N GLU C 20 -6.29 30.18 33.10
CA GLU C 20 -6.24 31.57 32.69
C GLU C 20 -6.82 31.69 31.29
N HIS C 21 -6.28 30.87 30.39
CA HIS C 21 -6.69 30.84 28.98
C HIS C 21 -8.16 30.54 28.76
N ALA C 22 -8.69 29.57 29.48
CA ALA C 22 -10.10 29.23 29.33
C ALA C 22 -10.97 30.39 29.80
N ASP C 23 -10.49 31.11 30.82
CA ASP C 23 -11.20 32.28 31.36
C ASP C 23 -11.20 33.36 30.29
N ALA C 24 -10.01 33.66 29.76
CA ALA C 24 -9.86 34.66 28.70
C ALA C 24 -10.79 34.33 27.51
N PHE C 25 -11.09 33.05 27.34
CA PHE C 25 -11.98 32.59 26.27
C PHE C 25 -13.45 32.80 26.63
N LYS C 26 -13.75 33.04 27.90
CA LYS C 26 -15.13 33.26 28.30
C LYS C 26 -15.64 34.52 27.61
N LYS C 27 -14.74 35.50 27.52
CA LYS C 27 -15.03 36.78 26.90
C LYS C 27 -15.58 36.55 25.51
N ILE C 28 -14.72 36.05 24.63
CA ILE C 28 -15.11 35.79 23.24
C ILE C 28 -16.43 35.05 23.07
N ALA C 29 -16.66 34.03 23.89
CA ALA C 29 -17.91 33.27 23.77
C ALA C 29 -19.12 34.14 23.98
N ARG C 30 -18.99 35.09 24.90
CA ARG C 30 -20.07 36.01 25.24
C ARG C 30 -20.16 37.09 24.15
N GLU C 31 -19.09 37.85 23.98
CA GLU C 31 -19.04 38.91 23.00
C GLU C 31 -19.62 38.46 21.66
N LEU C 32 -18.97 37.48 21.02
CA LEU C 32 -19.37 36.94 19.69
C LEU C 32 -20.51 36.04 20.14
N ASN C 33 -21.59 35.83 19.55
CA ASN C 33 -22.36 35.03 20.50
C ASN C 33 -22.24 33.59 20.04
N THR C 34 -21.19 32.88 20.54
CA THR C 34 -20.86 31.69 19.77
C THR C 34 -20.19 30.64 20.64
N TYR C 35 -20.65 29.39 20.50
CA TYR C 35 -20.10 28.24 21.25
C TYR C 35 -18.72 27.83 20.76
N ILE C 36 -17.82 27.62 21.71
CA ILE C 36 -16.48 27.18 21.37
C ILE C 36 -16.25 25.75 21.91
N LEU C 37 -16.05 24.79 21.00
CA LEU C 37 -15.83 23.41 21.42
C LEU C 37 -14.42 22.91 21.15
N PHE C 38 -13.74 22.47 22.21
CA PHE C 38 -12.36 21.96 22.13
C PHE C 38 -12.27 20.45 22.24
N ARG C 39 -11.14 19.94 21.75
CA ARG C 39 -10.84 18.52 21.82
C ARG C 39 -9.86 18.40 22.95
N PRO C 40 -9.75 17.20 23.56
CA PRO C 40 -8.84 16.96 24.67
C PRO C 40 -7.50 17.62 24.45
N VAL C 41 -6.87 18.08 25.54
CA VAL C 41 -5.54 18.66 25.47
C VAL C 41 -4.67 17.89 26.45
N ASN C 42 -3.54 17.38 25.96
CA ASN C 42 -2.59 16.63 26.78
C ASN C 42 -2.49 17.31 28.15
N LYS C 43 -2.95 16.62 29.20
CA LYS C 43 -2.91 17.19 30.55
C LYS C 43 -1.51 17.48 31.06
N LEU C 44 -0.52 16.83 30.48
CA LEU C 44 0.84 17.07 30.92
C LEU C 44 1.43 18.22 30.13
N ALA C 45 0.65 18.75 29.18
CA ALA C 45 1.13 19.86 28.36
C ALA C 45 0.67 21.24 28.86
N THR C 46 -0.40 21.25 29.67
CA THR C 46 -0.96 22.47 30.22
C THR C 46 0.08 23.40 30.82
N ASN C 47 0.88 22.89 31.76
CA ASN C 47 1.89 23.74 32.37
C ASN C 47 2.96 24.20 31.39
N LEU C 48 3.27 23.41 30.39
CA LEU C 48 4.27 23.83 29.42
C LEU C 48 3.68 24.97 28.61
N ILE C 49 2.44 24.81 28.18
CA ILE C 49 1.79 25.86 27.41
C ILE C 49 1.75 27.14 28.24
N LYS C 50 1.25 27.01 29.47
CA LYS C 50 1.16 28.16 30.36
C LYS C 50 2.51 28.83 30.55
N SER C 51 3.58 28.06 30.70
CA SER C 51 4.88 28.66 30.88
C SER C 51 5.41 29.21 29.56
N GLY C 52 4.55 29.24 28.55
CA GLY C 52 4.93 29.80 27.27
C GLY C 52 5.69 28.97 26.25
N VAL C 53 5.58 27.64 26.35
CA VAL C 53 6.23 26.78 25.37
C VAL C 53 5.48 26.92 24.03
N ALA C 54 6.21 26.93 22.91
CA ALA C 54 5.56 27.06 21.60
C ALA C 54 4.72 25.84 21.31
N THR C 55 3.53 26.03 20.73
CA THR C 55 2.66 24.90 20.39
C THR C 55 2.94 24.50 18.95
N LYS C 56 2.37 23.38 18.51
CA LYS C 56 2.65 22.86 17.17
C LYS C 56 1.56 22.95 16.11
N GLY C 57 2.02 23.17 14.87
CA GLY C 57 1.11 23.26 13.75
C GLY C 57 1.04 22.00 12.93
N LEU C 58 0.30 22.05 11.82
CA LEU C 58 0.14 20.88 10.96
C LEU C 58 1.44 20.36 10.33
N ASN C 59 2.49 21.16 10.34
CA ASN C 59 3.75 20.71 9.78
C ASN C 59 4.47 19.72 10.71
N VAL C 60 3.86 19.43 11.87
CA VAL C 60 4.41 18.48 12.83
C VAL C 60 3.27 17.56 13.28
N HIS C 61 3.31 16.30 12.86
CA HIS C 61 2.26 15.36 13.21
C HIS C 61 2.65 14.36 14.29
N GLY C 62 3.92 14.34 14.67
CA GLY C 62 4.33 13.42 15.73
C GLY C 62 3.46 13.68 16.94
N LYS C 63 3.19 12.64 17.72
CA LYS C 63 2.36 12.79 18.89
C LYS C 63 3.16 13.24 20.11
N SER C 64 2.49 13.85 21.09
CA SER C 64 3.15 14.31 22.31
C SER C 64 3.24 13.18 23.33
N SER C 65 4.10 13.33 24.33
CA SER C 65 4.19 12.28 25.33
C SER C 65 3.31 12.62 26.51
N ASP C 66 2.98 11.61 27.31
CA ASP C 66 2.14 11.80 28.47
C ASP C 66 2.71 10.97 29.60
N TRP C 67 4.01 10.74 29.56
CA TRP C 67 4.66 9.96 30.61
C TRP C 67 6.16 10.16 30.54
N GLY C 68 6.83 9.86 31.64
CA GLY C 68 8.28 9.98 31.67
C GLY C 68 8.78 11.40 31.64
N PRO C 69 10.10 11.58 31.69
CA PRO C 69 10.71 12.90 31.67
C PRO C 69 10.35 13.75 30.47
N VAL C 70 9.85 13.16 29.40
CA VAL C 70 9.50 13.96 28.24
C VAL C 70 8.01 14.25 28.11
N ALA C 71 7.24 14.01 29.17
CA ALA C 71 5.80 14.26 29.12
C ALA C 71 5.52 15.68 28.69
N GLY C 72 4.56 15.86 27.78
CA GLY C 72 4.24 17.20 27.34
C GLY C 72 4.93 17.63 26.07
N TYR C 73 6.14 17.14 25.83
CA TYR C 73 6.84 17.49 24.60
C TYR C 73 6.56 16.46 23.48
N ILE C 74 7.07 16.74 22.29
CA ILE C 74 6.88 15.85 21.16
C ILE C 74 8.23 15.13 20.96
N PRO C 75 8.37 13.90 21.47
CA PRO C 75 9.65 13.22 21.30
C PRO C 75 9.93 12.82 19.87
N PHE C 76 11.19 12.98 19.45
CA PHE C 76 11.58 12.60 18.09
C PHE C 76 11.36 11.10 17.97
N ASP C 77 11.80 10.36 18.98
CA ASP C 77 11.62 8.93 19.02
C ASP C 77 10.18 8.75 19.50
N GLN C 78 9.26 8.45 18.59
CA GLN C 78 7.85 8.32 18.99
C GLN C 78 7.47 7.23 19.97
N ASP C 79 8.41 6.36 20.33
CA ASP C 79 8.11 5.31 21.29
C ASP C 79 8.09 5.91 22.71
N LEU C 80 8.53 7.16 22.81
CA LEU C 80 8.53 7.87 24.08
C LEU C 80 7.22 8.66 24.22
N SER C 81 6.46 8.69 23.13
CA SER C 81 5.19 9.41 23.08
C SER C 81 4.09 8.61 23.75
N LYS C 82 2.86 9.11 23.68
CA LYS C 82 1.79 8.37 24.30
C LYS C 82 1.45 7.13 23.49
N LYS C 83 1.95 7.06 22.26
CA LYS C 83 1.66 5.88 21.46
C LYS C 83 2.67 4.80 21.76
N HIS C 84 3.34 4.91 22.90
CA HIS C 84 4.34 3.96 23.35
C HIS C 84 3.81 2.56 23.28
N GLY C 85 4.67 1.64 22.85
CA GLY C 85 4.28 0.24 22.75
C GLY C 85 3.50 -0.19 21.53
N GLN C 86 2.93 0.75 20.78
CA GLN C 86 2.15 0.39 19.61
C GLN C 86 2.95 0.55 18.31
N GLN C 87 3.61 -0.54 17.88
CA GLN C 87 4.45 -0.52 16.69
C GLN C 87 4.02 0.23 15.44
N LEU C 88 2.78 0.01 15.00
CA LEU C 88 2.38 0.69 13.79
C LEU C 88 2.32 2.20 14.00
N ALA C 89 1.78 2.61 15.13
CA ALA C 89 1.66 4.03 15.45
C ALA C 89 3.05 4.66 15.61
N VAL C 90 3.91 4.04 16.40
CA VAL C 90 5.25 4.57 16.57
C VAL C 90 5.93 4.80 15.21
N GLU C 91 5.82 3.80 14.34
CA GLU C 91 6.42 3.89 13.01
C GLU C 91 5.82 5.03 12.21
N LYS C 92 4.51 5.17 12.23
CA LYS C 92 3.89 6.26 11.51
C LYS C 92 4.39 7.56 12.14
N GLY C 93 4.49 7.54 13.47
CA GLY C 93 4.94 8.70 14.20
C GLY C 93 6.34 9.10 13.77
N ASN C 94 7.27 8.17 13.87
CA ASN C 94 8.62 8.45 13.46
C ASN C 94 8.71 8.90 12.00
N LEU C 95 7.92 8.30 11.11
CA LEU C 95 8.01 8.71 9.71
C LEU C 95 7.57 10.15 9.62
N GLU C 96 6.63 10.51 10.47
CA GLU C 96 6.14 11.88 10.47
C GLU C 96 7.23 12.84 10.90
N ASN C 97 7.84 12.55 12.05
CA ASN C 97 8.91 13.40 12.54
C ASN C 97 9.98 13.53 11.50
N LYS C 98 10.34 12.42 10.88
CA LYS C 98 11.38 12.43 9.86
C LYS C 98 11.07 13.36 8.72
N LYS C 99 9.82 13.36 8.27
CA LYS C 99 9.46 14.26 7.18
C LYS C 99 9.52 15.69 7.66
N SER C 100 9.02 15.97 8.87
CA SER C 100 9.05 17.35 9.38
C SER C 100 10.47 17.89 9.39
N ILE C 101 11.41 17.08 9.85
CA ILE C 101 12.81 17.50 9.93
C ILE C 101 13.47 17.76 8.58
N THR C 102 13.01 17.08 7.53
CA THR C 102 13.59 17.23 6.21
C THR C 102 12.74 18.07 5.25
N GLU C 103 11.48 17.70 5.07
CA GLU C 103 10.61 18.43 4.17
C GLU C 103 10.39 19.88 4.60
N HIS C 104 10.81 20.22 5.82
CA HIS C 104 10.67 21.58 6.33
C HIS C 104 11.99 21.99 6.95
N GLU C 105 13.09 21.53 6.37
CA GLU C 105 14.42 21.85 6.87
C GLU C 105 14.55 23.34 7.18
N GLY C 106 15.03 23.66 8.37
CA GLY C 106 15.17 25.05 8.73
C GLY C 106 14.03 25.56 9.61
N GLU C 107 12.81 25.11 9.34
CA GLU C 107 11.65 25.54 10.11
C GLU C 107 11.38 24.63 11.31
N ILE C 108 11.62 23.32 11.11
CA ILE C 108 11.42 22.34 12.16
C ILE C 108 12.70 21.55 12.33
N GLY C 109 13.14 21.40 13.58
CA GLY C 109 14.36 20.64 13.83
C GLY C 109 14.16 19.76 15.05
N LYS C 110 15.25 19.33 15.67
CA LYS C 110 15.15 18.52 16.88
C LYS C 110 16.31 18.90 17.77
N ILE C 111 16.09 18.91 19.08
CA ILE C 111 17.12 19.29 20.05
C ILE C 111 16.99 18.45 21.32
N PRO C 112 18.07 18.37 22.12
CA PRO C 112 18.11 17.60 23.37
C PRO C 112 17.12 18.15 24.38
N LEU C 113 16.39 17.25 25.03
CA LEU C 113 15.42 17.67 26.04
C LEU C 113 16.20 18.21 27.21
N LYS C 114 15.71 19.31 27.76
CA LYS C 114 16.34 19.92 28.93
C LYS C 114 15.24 20.08 29.96
N LEU C 115 15.36 19.37 31.07
CA LEU C 115 14.36 19.48 32.13
C LEU C 115 14.94 20.39 33.18
N ASP C 116 14.33 21.56 33.33
CA ASP C 116 14.85 22.50 34.31
C ASP C 116 14.31 22.21 35.70
N HIS C 117 14.97 22.84 36.66
CA HIS C 117 14.67 22.77 38.10
C HIS C 117 13.15 22.78 38.40
N LEU C 118 12.41 23.75 37.84
CA LEU C 118 10.96 23.84 38.08
C LEU C 118 10.11 22.74 37.46
N ARG C 119 10.49 22.29 36.27
CA ARG C 119 9.72 21.24 35.60
C ARG C 119 9.83 19.93 36.39
N ILE C 120 11.03 19.63 36.85
CA ILE C 120 11.24 18.41 37.60
C ILE C 120 10.27 18.36 38.77
N GLU C 121 10.08 19.51 39.43
CA GLU C 121 9.17 19.59 40.56
C GLU C 121 7.75 19.29 40.09
N GLU C 122 7.32 19.95 39.02
CA GLU C 122 5.97 19.71 38.52
C GLU C 122 5.79 18.22 38.23
N LEU C 123 6.82 17.58 37.68
CA LEU C 123 6.71 16.18 37.34
C LEU C 123 6.59 15.32 38.57
N LYS C 124 7.24 15.75 39.65
CA LYS C 124 7.13 15.03 40.91
C LYS C 124 5.69 15.17 41.44
N GLU C 125 5.16 16.38 41.43
CA GLU C 125 3.79 16.61 41.89
C GLU C 125 2.79 15.77 41.09
N ASN C 126 3.08 15.59 39.81
CA ASN C 126 2.20 14.82 38.95
C ASN C 126 2.49 13.32 39.11
N GLY C 127 3.47 12.99 39.95
CA GLY C 127 3.85 11.60 40.14
C GLY C 127 4.18 10.94 38.81
N ILE C 128 4.98 11.62 37.98
CA ILE C 128 5.37 11.13 36.65
C ILE C 128 6.79 10.58 36.66
N ILE C 129 7.64 11.22 37.45
CA ILE C 129 9.02 10.80 37.60
C ILE C 129 9.51 11.23 38.96
N LEU C 130 10.57 10.56 39.43
CA LEU C 130 11.17 10.89 40.70
C LEU C 130 12.69 11.02 40.54
N LYS C 131 13.25 12.08 41.09
CA LYS C 131 14.69 12.33 41.01
C LYS C 131 15.40 11.26 41.87
N GLY C 132 16.13 10.35 41.23
CA GLY C 132 16.81 9.29 41.96
C GLY C 132 18.21 9.55 42.45
N LYS C 133 18.99 8.48 42.59
CA LYS C 133 20.36 8.55 43.08
C LYS C 133 21.36 9.09 42.05
N LYS C 134 22.50 9.53 42.54
CA LYS C 134 23.56 10.07 41.71
C LYS C 134 24.32 8.97 40.99
N GLU C 135 25.09 9.35 39.98
CA GLU C 135 25.87 8.40 39.20
C GLU C 135 26.91 9.18 38.43
N ILE C 136 28.08 8.58 38.25
CA ILE C 136 29.13 9.23 37.50
C ILE C 136 29.49 8.35 36.31
N ASP C 137 29.73 8.99 35.17
CA ASP C 137 30.09 8.27 33.95
C ASP C 137 31.08 9.12 33.17
N ASN C 138 32.27 8.55 32.92
CA ASN C 138 33.32 9.26 32.20
C ASN C 138 33.46 10.67 32.73
N GLY C 139 33.49 10.81 34.04
CA GLY C 139 33.63 12.12 34.67
C GLY C 139 32.47 13.09 34.50
N LYS C 140 31.24 12.57 34.50
CA LYS C 140 30.06 13.41 34.37
C LYS C 140 29.03 13.00 35.42
N LYS C 141 28.48 13.99 36.13
CA LYS C 141 27.49 13.71 37.17
C LYS C 141 26.08 13.60 36.63
N TYR C 142 25.41 12.50 36.98
CA TYR C 142 24.03 12.28 36.56
C TYR C 142 23.17 11.88 37.75
N TYR C 143 21.87 12.13 37.64
CA TYR C 143 20.94 11.73 38.67
C TYR C 143 19.90 10.93 37.92
N LEU C 144 19.60 9.73 38.40
CA LEU C 144 18.62 8.92 37.69
C LEU C 144 17.21 9.50 37.81
N LEU C 145 16.36 9.15 36.88
CA LEU C 145 14.98 9.60 36.87
C LEU C 145 14.19 8.31 36.75
N GLU C 146 13.48 7.95 37.82
CA GLU C 146 12.69 6.71 37.80
C GLU C 146 11.28 6.94 37.28
N SER C 147 10.71 5.89 36.70
CA SER C 147 9.36 5.92 36.14
C SER C 147 8.90 4.48 36.18
N ASN C 148 7.61 4.26 36.35
CA ASN C 148 7.14 2.89 36.40
C ASN C 148 7.24 2.24 35.05
N ASN C 149 8.04 2.80 34.14
CA ASN C 149 8.17 2.21 32.82
C ASN C 149 9.07 0.98 32.86
N GLN C 150 8.74 0.02 32.01
CA GLN C 150 9.48 -1.24 31.95
C GLN C 150 10.58 -1.35 30.91
N VAL C 151 10.39 -0.75 29.74
CA VAL C 151 11.40 -0.83 28.68
C VAL C 151 12.61 0.10 28.83
N TYR C 152 12.38 1.32 29.30
CA TYR C 152 13.47 2.27 29.40
C TYR C 152 13.93 2.70 30.77
N GLU C 153 15.10 3.36 30.79
CA GLU C 153 15.70 3.91 31.99
C GLU C 153 16.21 5.32 31.60
N PHE C 154 16.01 6.31 32.47
CA PHE C 154 16.44 7.67 32.18
C PHE C 154 17.33 8.26 33.25
N ARG C 155 18.02 9.34 32.90
CA ARG C 155 18.88 10.03 33.86
C ARG C 155 19.08 11.43 33.32
N ILE C 156 19.44 12.36 34.18
CA ILE C 156 19.67 13.73 33.74
C ILE C 156 21.04 14.25 34.10
N SER C 157 21.61 15.05 33.20
CA SER C 157 22.92 15.62 33.40
C SER C 157 22.84 16.72 34.43
N ASP C 158 23.85 16.76 35.30
CA ASP C 158 23.92 17.76 36.35
C ASP C 158 24.49 19.05 35.81
N GLU C 159 25.31 18.96 34.77
CA GLU C 159 25.92 20.13 34.18
C GLU C 159 24.98 21.01 33.35
N ASN C 160 24.36 20.44 32.32
CA ASN C 160 23.45 21.20 31.46
C ASN C 160 21.98 20.81 31.49
N ASN C 161 21.63 19.87 32.37
CA ASN C 161 20.25 19.42 32.51
C ASN C 161 19.67 18.62 31.35
N GLU C 162 20.53 17.93 30.60
CA GLU C 162 20.06 17.14 29.48
C GLU C 162 19.63 15.75 29.96
N VAL C 163 18.50 15.28 29.46
CA VAL C 163 18.01 13.98 29.86
C VAL C 163 18.40 12.88 28.87
N GLN C 164 18.83 11.74 29.37
CA GLN C 164 19.21 10.67 28.45
C GLN C 164 18.40 9.41 28.74
N TYR C 165 18.37 8.49 27.79
CA TYR C 165 17.66 7.25 28.01
C TYR C 165 18.38 6.10 27.35
N LYS C 166 18.03 4.89 27.77
CA LYS C 166 18.62 3.69 27.21
C LYS C 166 17.66 2.55 27.50
N THR C 167 17.77 1.47 26.74
CA THR C 167 16.91 0.32 26.96
C THR C 167 17.41 -0.40 28.20
N LYS C 168 16.54 -1.20 28.79
CA LYS C 168 16.88 -1.94 30.00
C LYS C 168 17.46 -3.31 29.67
N GLU C 169 18.20 -3.86 30.64
CA GLU C 169 18.83 -5.17 30.52
C GLU C 169 17.83 -6.25 30.13
N GLY C 170 18.08 -6.87 28.98
CA GLY C 170 17.22 -7.93 28.50
C GLY C 170 16.00 -7.43 27.76
N LYS C 171 15.66 -6.16 27.95
CA LYS C 171 14.50 -5.56 27.31
C LYS C 171 14.71 -5.14 25.86
N ILE C 172 13.65 -5.20 25.08
CA ILE C 172 13.71 -4.81 23.68
C ILE C 172 12.64 -3.74 23.36
N THR C 173 12.91 -2.94 22.33
CA THR C 173 12.03 -1.88 21.89
C THR C 173 10.91 -2.41 21.00
N VAL C 174 9.84 -1.63 20.84
CA VAL C 174 8.76 -2.07 20.01
C VAL C 174 9.33 -2.39 18.64
N LEU C 175 10.26 -1.55 18.20
CA LEU C 175 10.91 -1.71 16.92
C LEU C 175 12.05 -2.74 17.02
N GLY C 176 12.05 -3.49 18.12
CA GLY C 176 13.03 -4.53 18.34
C GLY C 176 14.45 -4.06 18.54
N GLU C 177 14.64 -2.88 19.15
CA GLU C 177 15.99 -2.36 19.38
C GLU C 177 16.49 -2.41 20.83
N LYS C 178 17.78 -2.17 20.96
CA LYS C 178 18.45 -2.11 22.25
C LYS C 178 19.58 -1.11 22.03
N PHE C 179 19.90 -0.33 23.05
CA PHE C 179 20.96 0.64 22.93
C PHE C 179 21.27 1.23 24.30
N ASN C 180 22.45 1.80 24.43
CA ASN C 180 22.86 2.38 25.70
C ASN C 180 22.55 3.89 25.78
N TRP C 181 22.99 4.54 26.84
CA TRP C 181 22.72 5.96 27.07
C TRP C 181 22.84 6.89 25.87
N ARG C 182 21.80 7.70 25.66
CA ARG C 182 21.77 8.64 24.56
C ARG C 182 20.71 9.69 24.85
N ASN C 183 20.92 10.92 24.38
CA ASN C 183 19.98 12.00 24.61
C ASN C 183 18.60 11.71 24.09
N ILE C 184 17.63 12.37 24.71
CA ILE C 184 16.24 12.25 24.31
C ILE C 184 16.03 13.50 23.49
N GLU C 185 15.72 13.35 22.20
CA GLU C 185 15.53 14.51 21.36
C GLU C 185 14.07 14.88 21.23
N VAL C 186 13.78 16.18 21.19
CA VAL C 186 12.42 16.64 21.06
C VAL C 186 12.27 17.52 19.82
N MET C 187 11.07 17.52 19.24
CA MET C 187 10.77 18.29 18.05
C MET C 187 10.80 19.77 18.36
N ALA C 188 11.46 20.56 17.53
CA ALA C 188 11.54 22.01 17.76
C ALA C 188 11.24 22.82 16.51
N LYS C 189 10.83 24.08 16.73
CA LYS C 189 10.57 25.00 15.61
C LYS C 189 11.61 26.11 15.68
N ASN C 190 11.86 26.75 14.55
CA ASN C 190 12.85 27.81 14.50
C ASN C 190 12.24 29.16 14.87
N VAL C 191 12.85 29.84 15.84
CA VAL C 191 12.38 31.13 16.26
C VAL C 191 13.57 32.09 16.38
N GLU C 192 13.66 33.02 15.43
CA GLU C 192 14.77 34.00 15.38
C GLU C 192 16.10 33.25 15.37
N GLY C 193 16.18 32.23 14.52
CA GLY C 193 17.40 31.46 14.39
C GLY C 193 17.72 30.52 15.53
N VAL C 194 16.76 30.30 16.42
CA VAL C 194 16.99 29.39 17.54
C VAL C 194 15.89 28.34 17.62
N LEU C 195 16.31 27.09 17.82
CA LEU C 195 15.38 25.98 17.92
C LEU C 195 14.74 25.93 19.30
N LYS C 196 13.42 26.05 19.33
CA LYS C 196 12.67 26.02 20.59
C LYS C 196 11.71 24.83 20.62
N PRO C 197 11.72 24.07 21.72
CA PRO C 197 10.85 22.89 21.87
C PRO C 197 9.36 23.18 21.72
N LEU C 198 8.63 22.21 21.17
CA LEU C 198 7.19 22.34 20.96
C LEU C 198 6.41 21.45 21.89
N THR C 199 5.14 21.78 22.09
CA THR C 199 4.25 20.98 22.94
C THR C 199 2.92 20.95 22.24
N ALA C 200 1.92 20.34 22.86
CA ALA C 200 0.60 20.26 22.27
C ALA C 200 -0.03 21.65 22.11
N ASP C 201 -0.99 21.78 21.21
CA ASP C 201 -1.67 23.05 21.05
C ASP C 201 -3.17 22.84 21.31
N TYR C 202 -4.01 23.84 21.08
CA TYR C 202 -5.43 23.63 21.33
C TYR C 202 -6.14 23.34 20.02
N ASP C 203 -6.83 22.22 19.95
CA ASP C 203 -7.54 21.88 18.74
C ASP C 203 -9.05 22.12 18.83
N LEU C 204 -9.55 23.04 18.02
CA LEU C 204 -10.97 23.28 18.03
C LEU C 204 -11.72 22.06 17.46
N PHE C 205 -12.73 21.60 18.18
CA PHE C 205 -13.50 20.47 17.72
C PHE C 205 -14.52 21.07 16.79
N ALA C 206 -15.17 22.13 17.27
CA ALA C 206 -16.18 22.84 16.50
C ALA C 206 -16.34 24.28 16.98
N LEU C 207 -16.99 25.09 16.15
CA LEU C 207 -17.31 26.49 16.48
C LEU C 207 -18.74 26.68 16.04
N ALA C 208 -19.62 27.05 16.95
CA ALA C 208 -21.02 27.30 16.60
C ALA C 208 -21.43 28.75 16.90
N PRO C 209 -21.40 29.63 15.88
CA PRO C 209 -21.78 31.04 16.04
C PRO C 209 -23.28 31.25 15.84
N SER C 210 -23.84 32.27 16.48
CA SER C 210 -25.27 32.57 16.33
C SER C 210 -25.52 33.16 14.94
N LEU C 211 -26.68 32.83 14.37
CA LEU C 211 -27.01 33.33 13.03
C LEU C 211 -26.87 34.85 12.96
N THR C 212 -27.33 35.56 14.00
CA THR C 212 -27.21 37.02 14.02
C THR C 212 -25.73 37.41 13.89
N GLU C 213 -24.88 36.70 14.63
CA GLU C 213 -23.44 36.93 14.59
C GLU C 213 -22.92 36.70 13.17
N ILE C 214 -23.58 35.82 12.41
CA ILE C 214 -23.15 35.56 11.05
C ILE C 214 -23.56 36.71 10.17
N LYS C 215 -24.73 37.28 10.46
CA LYS C 215 -25.25 38.41 9.69
C LYS C 215 -24.18 39.50 9.49
N LYS C 216 -23.55 39.89 10.61
CA LYS C 216 -22.52 40.90 10.59
C LYS C 216 -21.42 40.58 9.62
N GLN C 217 -21.40 39.35 9.12
CA GLN C 217 -20.36 38.94 8.20
C GLN C 217 -20.73 39.33 6.77
N ILE C 218 -22.00 39.66 6.59
CA ILE C 218 -22.49 40.04 5.27
C ILE C 218 -22.48 41.54 5.05
N PRO C 219 -21.96 41.97 3.89
CA PRO C 219 -21.92 43.40 3.60
C PRO C 219 -23.36 43.89 3.50
N GLN C 220 -23.72 44.89 4.29
CA GLN C 220 -25.06 45.48 4.21
C GLN C 220 -25.53 46.07 2.86
N LYS C 221 -25.08 45.57 1.74
CA LYS C 221 -25.50 46.14 0.49
C LYS C 221 -26.12 45.00 -0.21
N GLU C 222 -25.47 43.95 0.16
CA GLU C 222 -25.68 42.66 -0.46
C GLU C 222 -26.89 42.07 0.25
N TRP C 223 -27.00 42.36 1.54
CA TRP C 223 -28.14 41.86 2.28
C TRP C 223 -29.32 42.70 1.85
N ASP C 224 -29.01 43.79 1.17
CA ASP C 224 -30.02 44.72 0.67
C ASP C 224 -30.49 44.33 -0.72
N LYS C 225 -29.56 44.28 -1.67
CA LYS C 225 -29.93 43.91 -3.04
C LYS C 225 -30.83 42.68 -3.07
N VAL C 226 -30.79 41.86 -2.02
CA VAL C 226 -31.59 40.64 -1.95
C VAL C 226 -32.87 40.78 -1.13
N VAL C 227 -32.79 41.44 0.01
CA VAL C 227 -33.95 41.63 0.87
C VAL C 227 -34.97 42.50 0.13
N ASN C 228 -34.46 43.35 -0.76
CA ASN C 228 -35.27 44.25 -1.57
C ASN C 228 -35.38 43.64 -2.97
N THR C 229 -36.44 42.87 -3.20
CA THR C 229 -36.67 42.22 -4.48
C THR C 229 -38.13 41.75 -4.55
N PRO C 230 -38.59 41.29 -5.73
CA PRO C 230 -39.97 40.82 -5.88
C PRO C 230 -40.19 39.37 -5.45
N ASN C 231 -40.11 38.46 -6.42
CA ASN C 231 -40.31 37.04 -6.20
C ASN C 231 -39.86 36.57 -4.82
N SER C 232 -40.82 36.40 -3.92
CA SER C 232 -40.53 35.95 -2.57
C SER C 232 -39.70 34.67 -2.63
N LEU C 233 -40.05 33.77 -3.55
CA LEU C 233 -39.31 32.51 -3.69
C LEU C 233 -37.88 32.76 -4.17
N GLU C 234 -37.63 33.99 -4.63
CA GLU C 234 -36.32 34.38 -5.11
C GLU C 234 -35.59 35.09 -3.98
N LYS C 235 -36.36 35.51 -2.99
CA LYS C 235 -35.82 36.21 -1.83
C LYS C 235 -35.14 35.16 -0.97
N GLN C 236 -35.90 34.13 -0.61
CA GLN C 236 -35.39 33.02 0.21
C GLN C 236 -34.06 32.53 -0.36
N LYS C 237 -34.10 32.08 -1.60
CA LYS C 237 -32.93 31.58 -2.29
C LYS C 237 -31.77 32.56 -2.21
N GLY C 238 -32.08 33.84 -2.07
CA GLY C 238 -31.03 34.84 -1.99
C GLY C 238 -30.37 34.86 -0.63
N VAL C 239 -31.19 34.79 0.41
CA VAL C 239 -30.71 34.77 1.79
C VAL C 239 -29.84 33.52 1.97
N THR C 240 -30.43 32.37 1.69
CA THR C 240 -29.77 31.08 1.80
C THR C 240 -28.37 31.11 1.20
N ASN C 241 -28.22 31.75 0.05
CA ASN C 241 -26.91 31.78 -0.59
C ASN C 241 -25.92 32.72 0.06
N LEU C 242 -26.42 33.68 0.83
CA LEU C 242 -25.53 34.59 1.53
C LEU C 242 -25.02 33.82 2.75
N LEU C 243 -25.96 33.11 3.37
CA LEU C 243 -25.73 32.26 4.53
C LEU C 243 -24.60 31.29 4.15
N ILE C 244 -24.82 30.58 3.05
CA ILE C 244 -23.83 29.65 2.54
C ILE C 244 -22.54 30.39 2.20
N LYS C 245 -22.64 31.65 1.80
CA LYS C 245 -21.47 32.42 1.40
C LYS C 245 -20.66 32.97 2.57
N TYR C 246 -21.35 33.41 3.60
CA TYR C 246 -20.67 34.01 4.76
C TYR C 246 -20.63 33.15 6.01
N GLY C 247 -21.31 32.01 5.98
CA GLY C 247 -21.31 31.15 7.16
C GLY C 247 -20.99 29.68 6.96
N ILE C 248 -21.31 29.11 5.80
CA ILE C 248 -21.09 27.70 5.58
C ILE C 248 -19.84 27.31 4.77
N GLU C 249 -19.60 27.98 3.65
CA GLU C 249 -18.43 27.66 2.82
C GLU C 249 -17.10 27.80 3.58
N ARG C 250 -16.16 26.90 3.29
CA ARG C 250 -14.82 26.89 3.89
C ARG C 250 -13.87 26.65 2.74
N LYS C 251 -12.60 27.00 2.92
CA LYS C 251 -11.60 26.81 1.87
C LYS C 251 -10.25 26.46 2.49
N PRO C 252 -9.44 25.69 1.76
CA PRO C 252 -8.12 25.30 2.26
C PRO C 252 -7.18 26.47 2.34
N ASP C 253 -6.43 26.54 3.42
CA ASP C 253 -5.46 27.60 3.65
C ASP C 253 -4.09 26.95 3.63
N SER C 254 -3.08 27.74 3.30
CA SER C 254 -1.71 27.25 3.23
C SER C 254 -1.17 26.56 4.49
N THR C 255 -1.65 26.97 5.67
CA THR C 255 -1.16 26.39 6.94
C THR C 255 -2.22 26.16 8.02
N LYS C 256 -3.39 26.79 7.86
CA LYS C 256 -4.44 26.62 8.87
C LYS C 256 -5.46 25.59 8.42
N GLY C 257 -5.06 24.76 7.44
CA GLY C 257 -5.94 23.73 6.91
C GLY C 257 -7.21 24.31 6.32
N THR C 258 -8.28 23.55 6.29
CA THR C 258 -9.51 24.08 5.74
C THR C 258 -10.37 24.77 6.79
N LEU C 259 -10.72 26.03 6.52
CA LEU C 259 -11.59 26.81 7.39
C LEU C 259 -12.29 27.91 6.63
N SER C 260 -13.30 28.49 7.27
CA SER C 260 -14.06 29.59 6.71
C SER C 260 -13.39 30.91 7.14
N ASN C 261 -13.95 32.06 6.74
CA ASN C 261 -13.36 33.35 7.12
C ASN C 261 -13.77 33.81 8.51
N TRP C 262 -15.01 33.56 8.94
CA TRP C 262 -15.33 33.97 10.29
C TRP C 262 -14.43 33.15 11.23
N GLN C 263 -14.18 31.90 10.85
CA GLN C 263 -13.31 31.02 11.63
C GLN C 263 -11.90 31.56 11.76
N LYS C 264 -11.39 32.19 10.70
CA LYS C 264 -10.05 32.78 10.74
C LYS C 264 -10.02 33.90 11.76
N GLN C 265 -11.11 34.68 11.80
CA GLN C 265 -11.23 35.80 12.74
C GLN C 265 -11.26 35.27 14.16
N MET C 266 -12.12 34.28 14.36
CA MET C 266 -12.27 33.65 15.65
C MET C 266 -10.90 33.13 16.11
N LEU C 267 -10.16 32.55 15.17
CA LEU C 267 -8.83 32.04 15.46
C LEU C 267 -8.02 33.19 16.03
N ASP C 268 -7.90 34.27 15.25
CA ASP C 268 -7.14 35.46 15.64
C ASP C 268 -7.57 36.03 17.00
N ARG C 269 -8.87 36.12 17.22
CA ARG C 269 -9.31 36.66 18.49
C ARG C 269 -8.78 35.78 19.60
N LEU C 270 -8.96 34.45 19.46
CA LEU C 270 -8.52 33.48 20.47
C LEU C 270 -7.04 33.57 20.76
N ASN C 271 -6.24 33.64 19.72
CA ASN C 271 -4.82 33.72 19.97
C ASN C 271 -4.46 35.02 20.67
N GLU C 272 -5.20 36.08 20.33
CA GLU C 272 -4.97 37.40 20.92
C GLU C 272 -5.36 37.39 22.39
N ALA C 273 -6.48 36.75 22.68
CA ALA C 273 -6.96 36.64 24.05
C ALA C 273 -5.93 36.07 25.01
N VAL C 274 -5.18 35.05 24.60
CA VAL C 274 -4.19 34.46 25.48
C VAL C 274 -2.94 35.32 25.55
N LYS C 275 -2.66 36.06 24.48
CA LYS C 275 -1.50 36.95 24.49
C LYS C 275 -1.78 38.04 25.54
N TYR C 276 -3.06 38.42 25.68
CA TYR C 276 -3.49 39.43 26.66
C TYR C 276 -3.43 38.86 28.08
N THR C 277 -2.97 37.64 28.21
CA THR C 277 -2.89 37.06 29.53
C THR C 277 -1.44 36.79 29.82
N GLY C 278 -0.59 36.98 28.82
CA GLY C 278 0.82 36.76 29.02
C GLY C 278 1.53 35.67 28.21
N TYR C 279 0.78 34.77 27.55
CA TYR C 279 1.40 33.69 26.76
C TYR C 279 2.44 34.24 25.77
N THR C 280 3.69 33.90 25.98
CA THR C 280 4.77 34.39 25.13
C THR C 280 5.25 33.48 23.99
N GLY C 281 4.62 32.31 23.82
CA GLY C 281 5.03 31.35 22.82
C GLY C 281 4.54 31.50 21.39
N GLY C 282 3.56 32.37 21.16
CA GLY C 282 3.04 32.57 19.82
C GLY C 282 1.58 32.17 19.77
N ASP C 283 1.16 31.49 18.72
CA ASP C 283 -0.24 31.08 18.72
C ASP C 283 -0.45 29.82 19.54
N VAL C 284 -1.70 29.61 19.93
CA VAL C 284 -2.07 28.48 20.76
C VAL C 284 -3.12 27.61 20.04
N VAL C 285 -3.75 28.22 19.04
CA VAL C 285 -4.75 27.57 18.20
C VAL C 285 -4.14 27.79 16.81
N ASN C 286 -3.72 26.72 16.14
CA ASN C 286 -3.06 26.85 14.86
C ASN C 286 -3.77 26.44 13.58
N HIS C 287 -5.07 26.14 13.65
CA HIS C 287 -5.74 25.72 12.41
C HIS C 287 -7.22 25.51 12.58
N GLY C 288 -7.92 25.27 11.47
CA GLY C 288 -9.35 25.08 11.50
C GLY C 288 -9.87 24.00 12.45
N THR C 289 -11.19 23.86 12.49
CA THR C 289 -11.83 22.87 13.36
C THR C 289 -11.79 21.42 12.85
N GLU C 290 -12.14 20.51 13.76
CA GLU C 290 -12.16 19.07 13.50
C GLU C 290 -13.20 18.69 12.49
N GLN C 291 -14.19 19.57 12.28
CA GLN C 291 -15.27 19.27 11.34
C GLN C 291 -14.88 19.29 9.87
N ASP C 292 -13.67 19.77 9.60
CA ASP C 292 -13.20 19.82 8.22
C ASP C 292 -12.02 18.87 8.08
N ASN C 293 -11.86 18.05 9.10
CA ASN C 293 -10.82 17.04 9.12
C ASN C 293 -11.59 15.83 8.57
N GLU C 294 -11.79 15.83 7.25
CA GLU C 294 -12.53 14.77 6.56
C GLU C 294 -11.70 13.54 6.20
N GLU C 295 -10.38 13.68 6.07
CA GLU C 295 -9.52 12.54 5.73
C GLU C 295 -9.10 11.65 6.90
N PHE C 296 -8.74 12.26 8.02
CA PHE C 296 -8.31 11.54 9.20
C PHE C 296 -9.06 11.96 10.44
N PRO C 297 -10.38 11.88 10.40
CA PRO C 297 -11.19 12.26 11.55
C PRO C 297 -10.87 11.54 12.85
N GLU C 298 -10.88 12.28 13.95
CA GLU C 298 -10.64 11.74 15.28
C GLU C 298 -11.99 11.74 16.00
N LYS C 299 -12.16 10.82 16.94
CA LYS C 299 -13.39 10.74 17.70
C LYS C 299 -12.99 10.73 19.17
N ASP C 300 -13.22 11.83 19.88
CA ASP C 300 -12.86 11.93 21.28
C ASP C 300 -14.04 11.66 22.19
N ASN C 301 -13.79 11.00 23.31
CA ASN C 301 -14.87 10.74 24.26
C ASN C 301 -15.33 12.02 24.90
N GLU C 302 -14.38 12.91 25.24
CA GLU C 302 -14.74 14.18 25.89
C GLU C 302 -14.43 15.49 25.18
N ILE C 303 -15.47 16.30 25.01
CA ILE C 303 -15.34 17.62 24.39
C ILE C 303 -15.53 18.73 25.43
N PHE C 304 -14.62 19.70 25.43
CA PHE C 304 -14.70 20.82 26.36
C PHE C 304 -15.44 21.96 25.66
N ILE C 305 -16.55 22.38 26.22
CA ILE C 305 -17.35 23.45 25.63
C ILE C 305 -17.44 24.73 26.47
N ILE C 306 -17.39 25.87 25.80
CA ILE C 306 -17.53 27.16 26.45
C ILE C 306 -18.75 27.79 25.74
N ASN C 307 -19.88 27.91 26.44
CA ASN C 307 -21.07 28.48 25.81
C ASN C 307 -21.09 30.02 25.78
N PRO C 308 -22.00 30.60 24.97
CA PRO C 308 -22.09 32.06 24.85
C PRO C 308 -22.29 32.81 26.18
N GLU C 309 -22.64 32.09 27.25
CA GLU C 309 -22.82 32.71 28.56
C GLU C 309 -21.52 32.62 29.36
N GLY C 310 -20.45 32.11 28.73
CA GLY C 310 -19.17 31.99 29.41
C GLY C 310 -19.04 30.84 30.39
N GLU C 311 -19.90 29.83 30.26
CA GLU C 311 -19.84 28.67 31.17
C GLU C 311 -18.99 27.52 30.62
N PHE C 312 -18.48 26.68 31.52
CA PHE C 312 -17.66 25.54 31.11
C PHE C 312 -18.42 24.23 31.20
N ILE C 313 -18.46 23.51 30.08
CA ILE C 313 -19.15 22.23 30.02
C ILE C 313 -18.19 21.22 29.45
N LEU C 314 -18.35 19.96 29.82
CA LEU C 314 -17.47 18.93 29.28
C LEU C 314 -18.32 17.70 29.15
N THR C 315 -18.49 17.21 27.92
CA THR C 315 -19.27 16.00 27.73
C THR C 315 -18.44 14.78 28.09
N LYS C 316 -19.13 13.69 28.43
CA LYS C 316 -18.47 12.47 28.85
C LYS C 316 -18.22 11.50 27.71
N ASN C 317 -19.14 11.39 26.78
CA ASN C 317 -18.95 10.46 25.68
C ASN C 317 -19.59 10.95 24.38
N TRP C 318 -19.09 10.47 23.25
CA TRP C 318 -19.58 10.85 21.93
C TRP C 318 -21.09 11.02 21.86
N GLU C 319 -21.82 10.06 22.38
CA GLU C 319 -23.27 10.19 22.33
C GLU C 319 -23.68 11.48 23.05
N MET C 320 -23.12 11.71 24.23
CA MET C 320 -23.47 12.92 24.95
C MET C 320 -23.07 14.18 24.19
N THR C 321 -21.97 14.14 23.45
CA THR C 321 -21.55 15.31 22.70
C THR C 321 -22.60 15.58 21.63
N GLY C 322 -23.20 14.52 21.13
CA GLY C 322 -24.21 14.69 20.13
C GLY C 322 -25.50 15.23 20.70
N ARG C 323 -25.87 14.80 21.90
CA ARG C 323 -27.09 15.26 22.54
C ARG C 323 -26.96 16.75 22.83
N PHE C 324 -25.83 17.15 23.41
CA PHE C 324 -25.62 18.55 23.71
C PHE C 324 -25.78 19.41 22.47
N ILE C 325 -24.90 19.23 21.50
CA ILE C 325 -24.95 20.00 20.25
C ILE C 325 -26.36 20.03 19.68
N GLU C 326 -27.06 18.91 19.77
CA GLU C 326 -28.42 18.83 19.25
C GLU C 326 -29.41 19.72 20.00
N LYS C 327 -29.39 19.62 21.32
CA LYS C 327 -30.30 20.36 22.18
C LYS C 327 -29.99 21.83 22.42
N ASN C 328 -28.74 22.24 22.26
CA ASN C 328 -28.38 23.62 22.50
C ASN C 328 -27.83 24.39 21.32
N ILE C 329 -27.54 23.70 20.23
CA ILE C 329 -26.97 24.40 19.08
C ILE C 329 -27.75 24.22 17.79
N THR C 330 -27.62 23.05 17.20
CA THR C 330 -28.27 22.73 15.95
C THR C 330 -29.80 22.84 15.99
N GLY C 331 -30.35 23.02 17.19
CA GLY C 331 -31.78 23.15 17.32
C GLY C 331 -32.08 24.38 18.16
N LYS C 332 -31.28 25.42 17.97
CA LYS C 332 -31.45 26.63 18.75
C LYS C 332 -30.90 27.87 18.06
N ASP C 333 -31.14 27.99 16.76
CA ASP C 333 -30.70 29.17 16.01
C ASP C 333 -29.22 29.48 16.06
N TYR C 334 -28.39 28.52 15.69
CA TYR C 334 -26.95 28.70 15.67
C TYR C 334 -26.38 28.08 14.41
N LEU C 335 -25.35 28.69 13.86
CA LEU C 335 -24.77 28.11 12.66
C LEU C 335 -23.96 26.90 13.05
N TYR C 336 -24.22 25.79 12.35
CA TYR C 336 -23.51 24.56 12.61
C TYR C 336 -23.50 23.57 11.45
N TYR C 337 -22.42 22.81 11.34
CA TYR C 337 -22.31 21.80 10.32
C TYR C 337 -21.36 20.73 10.87
N PHE C 338 -21.71 19.46 10.64
CA PHE C 338 -20.88 18.37 11.09
C PHE C 338 -20.03 17.81 9.96
N ASN C 339 -18.87 17.29 10.35
CA ASN C 339 -17.89 16.66 9.48
C ASN C 339 -18.53 15.79 8.39
N ARG C 340 -18.25 16.14 7.14
CA ARG C 340 -18.82 15.41 6.02
C ARG C 340 -18.42 13.93 5.97
N SER C 341 -17.36 13.55 6.66
CA SER C 341 -16.96 12.16 6.63
C SER C 341 -17.81 11.29 7.53
N TYR C 342 -18.40 11.88 8.57
CA TYR C 342 -19.22 11.10 9.47
C TYR C 342 -20.21 10.26 8.68
N ASN C 343 -20.57 9.10 9.21
CA ASN C 343 -21.50 8.21 8.56
C ASN C 343 -20.98 7.70 7.24
N LYS C 344 -19.67 7.75 7.10
CA LYS C 344 -19.01 7.28 5.91
C LYS C 344 -17.67 6.68 6.31
N ILE C 345 -16.94 6.13 5.36
CA ILE C 345 -15.64 5.61 5.72
C ILE C 345 -14.60 6.65 5.31
N ALA C 346 -14.10 7.40 6.29
CA ALA C 346 -13.10 8.40 5.97
C ALA C 346 -12.01 7.71 5.14
N PRO C 347 -11.55 8.36 4.06
CA PRO C 347 -10.51 7.81 3.17
C PRO C 347 -9.14 7.65 3.83
N GLY C 348 -8.71 8.69 4.52
CA GLY C 348 -7.41 8.64 5.16
C GLY C 348 -7.18 7.49 6.11
N ASN C 349 -7.87 7.51 7.25
CA ASN C 349 -7.70 6.51 8.30
C ASN C 349 -8.79 5.44 8.35
N LYS C 350 -9.68 5.44 7.36
CA LYS C 350 -10.79 4.47 7.30
C LYS C 350 -11.73 4.57 8.51
N ALA C 351 -11.72 5.70 9.21
CA ALA C 351 -12.59 5.83 10.37
C ALA C 351 -14.05 5.79 9.97
N TYR C 352 -14.92 5.28 10.84
CA TYR C 352 -16.36 5.28 10.56
C TYR C 352 -17.09 5.84 11.78
N ILE C 353 -17.17 7.17 11.86
CA ILE C 353 -17.82 7.87 12.96
C ILE C 353 -19.28 8.20 12.65
N GLU C 354 -20.19 7.72 13.49
CA GLU C 354 -21.61 7.96 13.29
C GLU C 354 -22.06 9.27 13.88
N TRP C 355 -23.09 9.84 13.27
CA TRP C 355 -23.63 11.13 13.72
C TRP C 355 -25.05 11.19 13.23
N THR C 356 -25.95 11.76 14.03
CA THR C 356 -27.37 11.85 13.65
C THR C 356 -27.62 12.86 12.53
N ASP C 357 -28.06 12.37 11.38
CA ASP C 357 -28.35 13.25 10.26
C ASP C 357 -29.84 13.21 9.92
N PRO C 358 -30.60 14.21 10.40
CA PRO C 358 -32.05 14.28 10.15
C PRO C 358 -32.48 13.94 8.73
N ILE C 359 -31.75 14.45 7.73
CA ILE C 359 -32.12 14.15 6.36
C ILE C 359 -32.42 12.65 6.20
N THR C 360 -31.53 11.82 6.74
CA THR C 360 -31.68 10.36 6.67
C THR C 360 -32.88 9.83 7.46
N LYS C 361 -33.14 10.44 8.60
CA LYS C 361 -34.26 10.02 9.43
C LYS C 361 -35.50 10.06 8.54
N ALA C 362 -35.59 11.12 7.73
CA ALA C 362 -36.72 11.32 6.84
C ALA C 362 -36.69 10.50 5.54
N LYS C 363 -35.51 10.04 5.14
CA LYS C 363 -35.42 9.27 3.90
C LYS C 363 -36.43 8.10 3.84
N ILE C 364 -36.85 7.63 5.00
CA ILE C 364 -37.79 6.52 5.07
C ILE C 364 -39.09 6.82 4.31
N ASN C 365 -39.73 7.92 4.69
CA ASN C 365 -40.99 8.37 4.11
C ASN C 365 -40.80 9.38 2.97
N THR C 366 -39.65 9.35 2.33
CA THR C 366 -39.40 10.27 1.22
C THR C 366 -39.19 9.47 -0.05
N ILE C 367 -39.80 9.94 -1.15
CA ILE C 367 -39.67 9.24 -2.43
C ILE C 367 -38.36 9.58 -3.11
N PRO C 368 -37.72 8.58 -3.70
CA PRO C 368 -36.45 8.79 -4.41
C PRO C 368 -36.56 9.72 -5.61
N THR C 369 -35.45 10.36 -5.91
CA THR C 369 -35.32 11.28 -7.03
C THR C 369 -34.87 10.45 -8.24
N SER C 370 -34.98 11.01 -9.43
CA SER C 370 -34.52 10.29 -10.60
C SER C 370 -33.07 9.87 -10.31
N ALA C 371 -32.26 10.82 -9.86
CA ALA C 371 -30.85 10.57 -9.52
C ALA C 371 -30.71 9.52 -8.42
N GLU C 372 -31.46 9.69 -7.33
CA GLU C 372 -31.42 8.70 -6.26
C GLU C 372 -32.12 7.49 -6.87
N PHE C 373 -31.52 6.95 -7.92
CA PHE C 373 -32.08 5.81 -8.63
C PHE C 373 -31.09 5.45 -9.72
N ILE C 374 -30.95 6.32 -10.70
CA ILE C 374 -29.99 6.06 -11.76
C ILE C 374 -28.63 5.87 -11.13
N LYS C 375 -28.35 6.64 -10.08
CA LYS C 375 -27.07 6.53 -9.39
C LYS C 375 -27.01 5.27 -8.53
N ASN C 376 -28.08 4.97 -7.80
CA ASN C 376 -28.09 3.77 -6.97
C ASN C 376 -27.85 2.55 -7.84
N LEU C 377 -28.32 2.59 -9.08
CA LEU C 377 -28.13 1.48 -10.01
C LEU C 377 -26.65 1.33 -10.39
N SER C 378 -25.95 2.44 -10.48
CA SER C 378 -24.53 2.40 -10.83
C SER C 378 -23.77 1.63 -9.75
N SER C 379 -24.08 1.93 -8.49
CA SER C 379 -23.43 1.27 -7.35
C SER C 379 -23.78 -0.21 -7.28
N ILE C 380 -25.05 -0.51 -7.48
CA ILE C 380 -25.52 -1.89 -7.44
C ILE C 380 -25.07 -2.57 -8.74
N ARG C 381 -24.25 -1.85 -9.50
CA ARG C 381 -23.69 -2.34 -10.77
C ARG C 381 -22.23 -2.67 -10.47
N ARG C 382 -21.87 -2.55 -9.20
CA ARG C 382 -20.52 -2.84 -8.71
C ARG C 382 -20.54 -4.27 -8.17
N SER C 383 -21.70 -4.90 -8.31
CA SER C 383 -21.92 -6.27 -7.87
C SER C 383 -22.43 -7.07 -9.08
N SER C 384 -21.68 -6.98 -10.17
CA SER C 384 -21.98 -7.64 -11.44
C SER C 384 -20.95 -7.09 -12.44
N ASN C 385 -20.88 -7.66 -13.64
CA ASN C 385 -19.91 -7.16 -14.63
C ASN C 385 -20.52 -6.03 -15.44
N VAL C 386 -19.68 -5.28 -16.14
CA VAL C 386 -20.14 -4.17 -16.96
C VAL C 386 -19.83 -4.40 -18.44
N GLY C 387 -20.79 -4.05 -19.30
CA GLY C 387 -20.61 -4.23 -20.72
C GLY C 387 -21.72 -3.60 -21.52
N VAL C 388 -22.87 -4.26 -21.54
CA VAL C 388 -24.03 -3.76 -22.28
C VAL C 388 -25.30 -3.89 -21.44
N TYR C 389 -25.88 -2.75 -21.07
CA TYR C 389 -27.09 -2.74 -20.27
C TYR C 389 -28.21 -3.48 -21.00
N LYS C 390 -28.25 -3.30 -22.32
CA LYS C 390 -29.26 -3.96 -23.15
C LYS C 390 -29.02 -5.46 -23.15
N ASP C 391 -30.10 -6.23 -22.96
CA ASP C 391 -30.01 -7.68 -22.93
C ASP C 391 -29.02 -8.11 -21.85
N SER C 392 -29.42 -7.93 -20.59
CA SER C 392 -28.58 -8.29 -19.45
C SER C 392 -28.39 -9.80 -19.35
N GLY C 393 -29.40 -10.54 -19.80
CA GLY C 393 -29.33 -11.99 -19.75
C GLY C 393 -28.49 -12.57 -20.88
N ASP C 394 -28.52 -13.89 -21.00
CA ASP C 394 -27.76 -14.58 -22.04
C ASP C 394 -28.62 -14.74 -23.30
N LYS C 395 -29.93 -14.87 -23.09
CA LYS C 395 -30.86 -15.03 -24.20
C LYS C 395 -30.96 -13.76 -25.03
N ASP C 396 -30.80 -13.89 -26.34
CA ASP C 396 -30.87 -12.75 -27.24
C ASP C 396 -32.25 -12.66 -27.88
N GLU C 397 -33.18 -13.47 -27.40
CA GLU C 397 -34.54 -13.49 -27.92
C GLU C 397 -35.43 -12.51 -27.16
N PHE C 398 -34.81 -11.50 -26.55
CA PHE C 398 -35.58 -10.49 -25.77
C PHE C 398 -34.72 -9.40 -25.19
N ALA C 399 -35.01 -8.12 -25.41
CA ALA C 399 -34.12 -7.08 -24.80
C ALA C 399 -34.86 -5.91 -24.14
N LYS C 400 -35.61 -6.19 -23.07
CA LYS C 400 -36.32 -5.13 -22.37
C LYS C 400 -36.91 -5.57 -21.04
N LYS C 401 -36.76 -4.70 -20.04
CA LYS C 401 -37.29 -4.99 -18.72
C LYS C 401 -38.52 -4.10 -18.55
N GLU C 402 -39.72 -4.68 -18.73
CA GLU C 402 -40.97 -3.97 -18.57
C GLU C 402 -40.75 -2.75 -17.68
N SER C 403 -41.14 -1.58 -18.17
CA SER C 403 -41.04 -0.32 -17.41
C SER C 403 -39.59 0.15 -17.24
N VAL C 404 -38.78 -0.05 -18.28
CA VAL C 404 -37.38 0.34 -18.25
C VAL C 404 -37.10 1.74 -17.69
N LYS C 405 -37.05 2.75 -18.57
CA LYS C 405 -36.78 4.12 -18.12
C LYS C 405 -38.01 4.85 -17.61
N LYS C 406 -39.17 4.20 -17.69
CA LYS C 406 -40.40 4.80 -17.21
C LYS C 406 -40.35 5.06 -15.70
N ILE C 407 -39.82 4.08 -14.98
CA ILE C 407 -39.71 4.16 -13.52
C ILE C 407 -39.05 5.46 -13.07
N ALA C 408 -37.97 5.85 -13.76
CA ALA C 408 -37.26 7.08 -13.44
C ALA C 408 -38.13 8.29 -13.78
N GLY C 409 -38.69 8.27 -14.98
CA GLY C 409 -39.53 9.36 -15.43
C GLY C 409 -40.59 9.78 -14.41
N TYR C 410 -41.30 8.81 -13.86
CA TYR C 410 -42.34 9.14 -12.90
C TYR C 410 -41.75 9.75 -11.64
N LEU C 411 -40.44 9.60 -11.47
CA LEU C 411 -39.76 10.17 -10.32
C LEU C 411 -39.50 11.64 -10.63
N SER C 412 -39.23 11.92 -11.90
CA SER C 412 -38.95 13.26 -12.35
C SER C 412 -40.24 14.10 -12.37
N ASP C 413 -41.37 13.42 -12.56
CA ASP C 413 -42.68 14.09 -12.60
C ASP C 413 -43.10 14.44 -11.18
N TYR C 414 -42.83 13.55 -10.24
CA TYR C 414 -43.21 13.80 -8.85
C TYR C 414 -42.62 15.10 -8.33
N TYR C 415 -41.34 15.33 -8.62
CA TYR C 415 -40.69 16.56 -8.18
C TYR C 415 -40.67 17.57 -9.33
N ASN C 416 -41.86 18.05 -9.69
CA ASN C 416 -42.00 19.02 -10.77
C ASN C 416 -42.30 20.41 -10.22
N SER C 417 -41.36 21.33 -10.45
CA SER C 417 -41.49 22.70 -9.98
C SER C 417 -42.77 23.39 -10.46
N ALA C 418 -43.37 22.89 -11.55
CA ALA C 418 -44.60 23.48 -12.07
C ALA C 418 -45.70 23.39 -11.01
N ASN C 419 -45.58 22.41 -10.12
CA ASN C 419 -46.56 22.21 -9.05
C ASN C 419 -46.85 23.47 -8.22
N HIS C 420 -46.01 24.48 -8.33
CA HIS C 420 -46.18 25.69 -7.53
C HIS C 420 -47.33 26.62 -7.88
N ILE C 421 -48.07 26.31 -8.95
CA ILE C 421 -49.19 27.16 -9.30
C ILE C 421 -50.50 26.52 -8.86
N PHE C 422 -50.41 25.39 -8.17
CA PHE C 422 -51.63 24.73 -7.71
C PHE C 422 -51.80 24.86 -6.20
N SER C 423 -52.91 24.36 -5.70
CA SER C 423 -53.19 24.42 -4.26
C SER C 423 -52.62 23.18 -3.58
N GLN C 424 -52.37 23.29 -2.29
CA GLN C 424 -51.84 22.17 -1.52
C GLN C 424 -52.70 20.95 -1.80
N GLU C 425 -54.01 21.14 -1.69
CA GLU C 425 -54.99 20.08 -1.95
C GLU C 425 -54.69 19.45 -3.31
N LYS C 426 -54.46 20.30 -4.31
CA LYS C 426 -54.16 19.84 -5.65
C LYS C 426 -52.86 19.04 -5.65
N LYS C 427 -51.79 19.69 -5.18
CA LYS C 427 -50.46 19.10 -5.08
C LYS C 427 -50.50 17.69 -4.52
N ARG C 428 -51.08 17.54 -3.32
CA ARG C 428 -51.18 16.25 -2.69
C ARG C 428 -51.83 15.22 -3.62
N LYS C 429 -52.90 15.63 -4.30
CA LYS C 429 -53.61 14.74 -5.20
C LYS C 429 -52.74 14.23 -6.35
N ILE C 430 -52.19 15.14 -7.15
CA ILE C 430 -51.37 14.73 -8.29
C ILE C 430 -50.09 14.01 -7.88
N SER C 431 -49.58 14.33 -6.69
CA SER C 431 -48.37 13.68 -6.20
C SER C 431 -48.74 12.26 -5.76
N ILE C 432 -49.75 12.14 -4.91
CA ILE C 432 -50.21 10.83 -4.46
C ILE C 432 -50.49 9.96 -5.69
N PHE C 433 -50.75 10.59 -6.83
CA PHE C 433 -51.01 9.85 -8.05
C PHE C 433 -49.71 9.49 -8.75
N ARG C 434 -48.90 10.51 -9.03
CA ARG C 434 -47.61 10.33 -9.69
C ARG C 434 -46.76 9.30 -8.92
N GLY C 435 -47.07 9.15 -7.64
CA GLY C 435 -46.37 8.19 -6.80
C GLY C 435 -46.84 6.78 -7.13
N ILE C 436 -48.14 6.53 -6.94
CA ILE C 436 -48.71 5.23 -7.24
C ILE C 436 -48.33 4.83 -8.66
N GLN C 437 -48.10 5.83 -9.51
CA GLN C 437 -47.69 5.55 -10.88
C GLN C 437 -46.34 4.86 -10.87
N ALA C 438 -45.37 5.47 -10.19
CA ALA C 438 -44.03 4.91 -10.11
C ALA C 438 -44.04 3.58 -9.37
N TYR C 439 -44.94 3.46 -8.39
CA TYR C 439 -45.07 2.24 -7.60
C TYR C 439 -45.62 1.12 -8.48
N ASN C 440 -46.07 1.49 -9.67
CA ASN C 440 -46.64 0.54 -10.63
C ASN C 440 -45.55 -0.06 -11.52
N GLU C 441 -44.83 0.80 -12.24
CA GLU C 441 -43.75 0.36 -13.13
C GLU C 441 -42.75 -0.52 -12.39
N ILE C 442 -42.40 -0.13 -11.17
CA ILE C 442 -41.46 -0.89 -10.35
C ILE C 442 -42.03 -2.28 -10.08
N GLU C 443 -43.33 -2.33 -9.81
CA GLU C 443 -44.04 -3.57 -9.52
C GLU C 443 -43.88 -4.59 -10.65
N ASN C 444 -44.26 -4.20 -11.86
CA ASN C 444 -44.17 -5.12 -12.99
C ASN C 444 -42.74 -5.42 -13.43
N VAL C 445 -41.77 -4.66 -12.96
CA VAL C 445 -40.37 -4.93 -13.31
C VAL C 445 -39.95 -6.11 -12.44
N LEU C 446 -40.39 -6.08 -11.19
CA LEU C 446 -40.10 -7.16 -10.26
C LEU C 446 -40.92 -8.38 -10.67
N LYS C 447 -41.92 -8.12 -11.51
CA LYS C 447 -42.80 -9.19 -11.99
C LYS C 447 -42.15 -9.94 -13.13
N SER C 448 -41.06 -9.38 -13.65
CA SER C 448 -40.31 -10.00 -14.74
C SER C 448 -39.28 -10.94 -14.11
N LYS C 449 -38.02 -10.84 -14.55
CA LYS C 449 -36.98 -11.68 -14.01
C LYS C 449 -36.22 -10.92 -12.92
N GLN C 450 -35.94 -11.55 -11.79
CA GLN C 450 -35.14 -11.02 -10.76
C GLN C 450 -33.79 -11.08 -11.43
N ILE C 451 -33.54 -10.11 -12.25
CA ILE C 451 -32.31 -9.99 -13.00
C ILE C 451 -31.13 -10.22 -12.05
N ALA C 452 -30.88 -9.21 -11.22
CA ALA C 452 -29.80 -9.27 -10.25
C ALA C 452 -30.39 -9.53 -8.88
N PRO C 453 -29.90 -10.57 -8.20
CA PRO C 453 -30.38 -10.93 -6.86
C PRO C 453 -30.53 -9.74 -5.92
N GLU C 454 -29.54 -8.84 -5.95
CA GLU C 454 -29.55 -7.67 -5.08
C GLU C 454 -30.28 -6.43 -5.61
N TYR C 455 -30.74 -6.49 -6.86
CA TYR C 455 -31.49 -5.38 -7.43
C TYR C 455 -32.90 -5.49 -6.86
N LYS C 456 -33.35 -6.73 -6.69
CA LYS C 456 -34.68 -6.99 -6.15
C LYS C 456 -34.89 -6.24 -4.84
N ASN C 457 -33.78 -5.93 -4.16
CA ASN C 457 -33.86 -5.20 -2.91
C ASN C 457 -34.13 -3.72 -3.14
N TYR C 458 -33.34 -3.12 -4.01
CA TYR C 458 -33.50 -1.70 -4.29
C TYR C 458 -34.96 -1.38 -4.58
N PHE C 459 -35.64 -2.29 -5.28
CA PHE C 459 -37.04 -2.10 -5.62
C PHE C 459 -38.01 -2.42 -4.49
N GLN C 460 -37.80 -3.54 -3.80
CA GLN C 460 -38.68 -3.89 -2.69
C GLN C 460 -38.58 -2.70 -1.72
N TYR C 461 -37.44 -2.02 -1.80
CA TYR C 461 -37.14 -0.86 -0.94
C TYR C 461 -37.84 0.40 -1.45
N LEU C 462 -37.61 0.76 -2.71
CA LEU C 462 -38.26 1.93 -3.27
C LEU C 462 -39.75 1.80 -3.00
N LYS C 463 -40.30 0.64 -3.34
CA LYS C 463 -41.71 0.39 -3.11
C LYS C 463 -42.11 0.79 -1.70
N GLU C 464 -41.27 0.45 -0.73
CA GLU C 464 -41.57 0.79 0.65
C GLU C 464 -41.57 2.29 0.88
N ARG C 465 -40.57 2.98 0.32
CA ARG C 465 -40.48 4.42 0.45
C ARG C 465 -41.71 5.03 -0.22
N ILE C 466 -41.88 4.76 -1.51
CA ILE C 466 -43.02 5.26 -2.26
C ILE C 466 -44.29 5.07 -1.43
N THR C 467 -44.44 3.89 -0.83
CA THR C 467 -45.62 3.61 -0.01
C THR C 467 -45.77 4.63 1.11
N ASN C 468 -44.77 4.71 1.98
CA ASN C 468 -44.82 5.62 3.12
C ASN C 468 -45.06 7.06 2.69
N GLN C 469 -44.53 7.43 1.52
CA GLN C 469 -44.68 8.78 1.00
C GLN C 469 -46.13 9.05 0.65
N VAL C 470 -46.71 8.18 -0.16
CA VAL C 470 -48.10 8.31 -0.56
C VAL C 470 -48.97 8.27 0.68
N GLN C 471 -48.88 7.16 1.40
CA GLN C 471 -49.64 6.96 2.63
C GLN C 471 -49.65 8.22 3.50
N LEU C 472 -48.56 8.97 3.44
CA LEU C 472 -48.40 10.19 4.22
C LEU C 472 -49.30 11.31 3.73
N LEU C 473 -49.15 11.66 2.45
CA LEU C 473 -49.94 12.72 1.83
C LEU C 473 -51.43 12.46 2.03
N LEU C 474 -51.82 11.19 1.98
CA LEU C 474 -53.22 10.81 2.16
C LEU C 474 -53.70 11.20 3.56
N THR C 475 -52.94 10.83 4.58
CA THR C 475 -53.29 11.14 5.97
C THR C 475 -53.26 12.64 6.17
N HIS C 476 -52.59 13.35 5.26
CA HIS C 476 -52.53 14.82 5.32
C HIS C 476 -53.89 15.39 4.94
N GLN C 477 -54.69 14.48 4.44
CA GLN C 477 -56.02 14.85 4.01
C GLN C 477 -57.11 13.97 4.60
N LYS C 478 -57.24 12.79 4.02
CA LYS C 478 -58.22 11.82 4.44
C LYS C 478 -57.59 10.73 5.29
N PHE C 483 -53.41 2.41 1.81
CA PHE C 483 -52.71 2.49 0.54
C PHE C 483 -53.10 1.34 -0.40
N LYS C 484 -52.61 0.13 -0.11
CA LYS C 484 -52.92 -1.03 -0.93
C LYS C 484 -54.43 -1.16 -1.09
N LEU C 485 -55.15 -0.70 -0.07
CA LEU C 485 -56.60 -0.71 -0.07
C LEU C 485 -57.10 -0.01 -1.32
N LEU C 486 -56.44 1.10 -1.66
CA LEU C 486 -56.80 1.88 -2.84
C LEU C 486 -56.01 1.49 -4.08
N TYR C 487 -54.99 0.64 -3.92
CA TYR C 487 -54.19 0.23 -5.06
C TYR C 487 -54.90 -0.84 -5.89
N LYS C 488 -56.12 -1.19 -5.48
CA LYS C 488 -56.89 -2.18 -6.21
C LYS C 488 -57.78 -1.46 -7.23
N GLN C 489 -58.60 -0.55 -6.74
CA GLN C 489 -59.50 0.21 -7.58
C GLN C 489 -58.75 1.29 -8.37
N LEU C 490 -58.00 0.86 -9.38
CA LEU C 490 -57.24 1.79 -10.21
C LEU C 490 -56.76 1.17 -11.52
N ASN C 491 -56.54 2.02 -12.52
CA ASN C 491 -56.11 1.60 -13.85
C ASN C 491 -54.61 1.52 -14.10
N PHE C 492 -54.20 0.43 -14.73
CA PHE C 492 -52.81 0.18 -15.11
C PHE C 492 -53.04 -0.13 -16.57
N THR C 493 -54.28 -0.53 -16.82
CA THR C 493 -54.77 -0.91 -18.06
C THR C 493 -54.61 -0.17 -19.32
N GLU C 494 -54.62 1.04 -19.48
CA GLU C 494 -54.38 1.39 -20.83
C GLU C 494 -53.73 2.58 -20.41
N ASN C 495 -53.58 3.56 -21.21
CA ASN C 495 -52.73 4.39 -20.50
C ASN C 495 -52.86 5.82 -20.52
N GLU C 496 -53.95 6.43 -20.59
CA GLU C 496 -53.52 7.81 -20.55
C GLU C 496 -54.11 8.46 -19.32
N THR C 497 -54.69 9.62 -19.57
CA THR C 497 -55.47 10.33 -18.56
C THR C 497 -56.80 9.64 -18.25
N ASP C 498 -56.93 8.37 -18.63
CA ASP C 498 -58.16 7.64 -18.35
C ASP C 498 -58.05 7.02 -16.95
N ASN C 499 -56.83 6.64 -16.58
CA ASN C 499 -56.56 6.04 -15.28
C ASN C 499 -56.73 7.12 -14.22
N PHE C 500 -56.18 8.30 -14.51
CA PHE C 500 -56.24 9.44 -13.60
C PHE C 500 -57.67 9.79 -13.21
N GLU C 501 -58.62 9.37 -14.04
CA GLU C 501 -60.03 9.65 -13.80
C GLU C 501 -60.60 8.93 -12.58
N VAL C 502 -60.68 7.60 -12.67
CA VAL C 502 -61.21 6.81 -11.55
C VAL C 502 -60.57 7.30 -10.25
N PHE C 503 -59.25 7.47 -10.29
CA PHE C 503 -58.47 7.93 -9.15
C PHE C 503 -59.14 9.12 -8.47
N GLN C 504 -59.20 10.24 -9.20
CA GLN C 504 -59.81 11.47 -8.71
C GLN C 504 -61.01 11.24 -7.79
N LYS C 505 -61.91 10.38 -8.24
CA LYS C 505 -63.13 10.07 -7.50
C LYS C 505 -62.87 9.21 -6.26
N ILE C 506 -61.94 8.27 -6.38
CA ILE C 506 -61.61 7.36 -5.28
C ILE C 506 -61.20 8.07 -3.99
N ILE C 507 -60.39 9.10 -4.10
CA ILE C 507 -59.89 9.83 -2.93
C ILE C 507 -60.95 10.52 -2.07
N ASP C 508 -62.19 10.57 -2.54
CA ASP C 508 -63.26 11.21 -1.78
C ASP C 508 -64.08 10.22 -0.96
N THR D 5 -1.45 -9.09 -17.46
CA THR D 5 -0.54 -8.94 -16.29
C THR D 5 0.78 -8.30 -16.74
N GLU D 6 1.66 -8.00 -15.80
CA GLU D 6 2.95 -7.40 -16.11
C GLU D 6 3.75 -8.40 -16.94
N GLU D 7 3.75 -9.66 -16.49
CA GLU D 7 4.47 -10.72 -17.19
C GLU D 7 3.89 -10.91 -18.57
N GLN D 8 2.55 -10.87 -18.68
CA GLN D 8 1.89 -11.01 -19.96
C GLN D 8 2.60 -10.11 -20.95
N ILE D 9 2.63 -8.82 -20.62
CA ILE D 9 3.26 -7.83 -21.47
C ILE D 9 4.77 -8.11 -21.53
N ALA D 10 5.32 -8.55 -20.40
CA ALA D 10 6.75 -8.86 -20.30
C ALA D 10 7.13 -9.97 -21.27
N GLU D 11 6.28 -10.98 -21.35
CA GLU D 11 6.49 -12.14 -22.22
C GLU D 11 6.55 -11.72 -23.68
N PHE D 12 5.43 -11.21 -24.20
CA PHE D 12 5.36 -10.76 -25.59
C PHE D 12 6.58 -9.92 -25.90
N LYS D 13 6.66 -8.75 -25.24
CA LYS D 13 7.76 -7.82 -25.41
C LYS D 13 9.12 -8.50 -25.29
N GLU D 14 9.19 -9.55 -24.48
CA GLU D 14 10.42 -10.29 -24.28
C GLU D 14 10.90 -10.96 -25.56
N ALA D 15 9.97 -11.63 -26.24
CA ALA D 15 10.28 -12.33 -27.49
C ALA D 15 10.42 -11.38 -28.67
N PHE D 16 9.70 -10.28 -28.61
CA PHE D 16 9.70 -9.28 -29.68
C PHE D 16 11.11 -8.85 -30.07
N SER D 17 12.07 -9.01 -29.17
CA SER D 17 13.45 -8.61 -29.44
C SER D 17 14.38 -9.77 -29.77
N LEU D 18 13.85 -10.99 -29.72
CA LEU D 18 14.66 -12.17 -30.00
C LEU D 18 15.05 -12.22 -31.48
N PHE D 19 14.20 -11.63 -32.33
CA PHE D 19 14.45 -11.58 -33.78
C PHE D 19 13.85 -10.28 -34.31
N ASP D 20 14.71 -9.27 -34.45
CA ASP D 20 14.32 -7.96 -34.95
C ASP D 20 15.57 -7.23 -35.44
N LYS D 21 16.03 -7.63 -36.63
CA LYS D 21 17.22 -7.01 -37.22
C LYS D 21 16.92 -5.57 -37.62
N ASP D 22 16.26 -4.85 -36.71
CA ASP D 22 15.88 -3.47 -36.93
C ASP D 22 16.30 -2.66 -35.71
N GLY D 23 16.29 -3.31 -34.54
CA GLY D 23 16.69 -2.66 -33.31
C GLY D 23 15.68 -1.70 -32.71
N ASP D 24 14.76 -1.20 -33.53
CA ASP D 24 13.74 -0.27 -33.05
C ASP D 24 12.42 -0.95 -32.70
N GLY D 25 12.46 -2.25 -32.45
CA GLY D 25 11.25 -2.96 -32.12
C GLY D 25 10.16 -2.67 -33.13
N THR D 26 10.51 -2.79 -34.41
CA THR D 26 9.57 -2.57 -35.51
C THR D 26 9.87 -3.52 -36.67
N ILE D 27 9.58 -4.80 -36.43
CA ILE D 27 9.81 -5.86 -37.42
C ILE D 27 8.85 -5.80 -38.60
N THR D 28 8.81 -6.89 -39.37
CA THR D 28 7.94 -7.00 -40.54
C THR D 28 6.91 -8.09 -40.35
N THR D 29 5.93 -8.15 -41.24
CA THR D 29 4.89 -9.16 -41.17
C THR D 29 5.48 -10.49 -41.68
N LYS D 30 6.71 -10.43 -42.14
CA LYS D 30 7.41 -11.62 -42.65
C LYS D 30 7.79 -12.49 -41.45
N GLU D 31 7.98 -11.85 -40.31
CA GLU D 31 8.37 -12.54 -39.09
C GLU D 31 7.29 -12.47 -38.00
N LEU D 32 6.24 -11.68 -38.24
CA LEU D 32 5.15 -11.57 -37.27
C LEU D 32 4.65 -12.95 -36.86
N GLY D 33 4.55 -13.84 -37.84
CA GLY D 33 4.10 -15.19 -37.58
C GLY D 33 5.20 -15.98 -36.90
N THR D 34 6.44 -15.66 -37.26
CA THR D 34 7.59 -16.33 -36.67
C THR D 34 7.61 -16.08 -35.17
N VAL D 35 7.08 -14.93 -34.76
CA VAL D 35 7.03 -14.56 -33.35
C VAL D 35 5.87 -15.23 -32.62
N MET D 36 4.66 -15.09 -33.17
CA MET D 36 3.47 -15.68 -32.57
C MET D 36 3.58 -17.19 -32.37
N ARG D 37 4.47 -17.85 -33.12
CA ARG D 37 4.65 -19.30 -33.02
C ARG D 37 5.74 -19.68 -32.03
N SER D 38 6.84 -18.93 -32.02
CA SER D 38 7.93 -19.21 -31.09
C SER D 38 7.48 -18.83 -29.69
N LEU D 39 6.28 -18.25 -29.60
CA LEU D 39 5.70 -17.83 -28.33
C LEU D 39 4.61 -18.79 -27.88
N GLY D 40 4.07 -19.57 -28.80
CA GLY D 40 3.03 -20.51 -28.41
C GLY D 40 1.77 -20.56 -29.24
N GLN D 41 1.76 -19.95 -30.41
CA GLN D 41 0.57 -19.97 -31.25
C GLN D 41 0.87 -20.54 -32.62
N ASN D 42 -0.19 -20.72 -33.42
CA ASN D 42 -0.05 -21.26 -34.76
C ASN D 42 -1.09 -20.60 -35.66
N PRO D 43 -0.91 -19.30 -35.95
CA PRO D 43 -1.82 -18.53 -36.80
C PRO D 43 -1.76 -18.93 -38.27
N THR D 44 -2.92 -18.90 -38.94
CA THR D 44 -2.99 -19.26 -40.34
C THR D 44 -2.65 -18.02 -41.19
N GLU D 45 -2.14 -18.27 -42.39
CA GLU D 45 -1.75 -17.19 -43.30
C GLU D 45 -2.88 -16.18 -43.50
N ALA D 46 -4.12 -16.66 -43.39
CA ALA D 46 -5.29 -15.79 -43.56
C ALA D 46 -5.41 -14.82 -42.38
N GLU D 47 -5.17 -15.33 -41.17
CA GLU D 47 -5.25 -14.53 -39.96
C GLU D 47 -4.08 -13.56 -39.85
N LEU D 48 -2.90 -14.00 -40.28
CA LEU D 48 -1.71 -13.17 -40.26
C LEU D 48 -1.91 -12.00 -41.23
N GLN D 49 -3.03 -12.02 -41.95
CA GLN D 49 -3.35 -10.99 -42.94
C GLN D 49 -4.41 -9.98 -42.49
N ASP D 50 -5.68 -10.38 -42.53
CA ASP D 50 -6.79 -9.52 -42.15
C ASP D 50 -6.50 -8.59 -40.96
N MET D 51 -5.65 -9.06 -40.04
CA MET D 51 -5.29 -8.26 -38.86
C MET D 51 -4.15 -7.28 -39.16
N ILE D 52 -3.18 -7.73 -39.96
CA ILE D 52 -2.05 -6.89 -40.33
C ILE D 52 -2.48 -5.84 -41.35
N ASN D 53 -3.80 -5.66 -41.48
CA ASN D 53 -4.36 -4.71 -42.42
C ASN D 53 -5.32 -3.77 -41.68
N GLU D 54 -6.01 -4.31 -40.68
CA GLU D 54 -6.96 -3.53 -39.88
C GLU D 54 -6.23 -2.59 -38.93
N VAL D 55 -5.59 -3.17 -37.92
CA VAL D 55 -4.85 -2.39 -36.93
C VAL D 55 -3.60 -1.78 -37.56
N ASP D 56 -2.96 -2.51 -38.46
CA ASP D 56 -1.76 -2.01 -39.13
C ASP D 56 -2.09 -1.55 -40.55
N ALA D 57 -3.05 -0.62 -40.65
CA ALA D 57 -3.46 -0.08 -41.94
C ALA D 57 -2.45 1.00 -42.32
N ASP D 58 -1.37 1.07 -41.54
CA ASP D 58 -0.29 2.03 -41.73
C ASP D 58 0.14 2.14 -43.19
N GLY D 59 0.66 1.04 -43.73
CA GLY D 59 1.10 1.04 -45.12
C GLY D 59 2.62 0.97 -45.23
N ASN D 60 3.25 0.25 -44.30
CA ASN D 60 4.69 0.10 -44.29
C ASN D 60 5.08 -1.36 -44.05
N GLY D 61 4.31 -2.02 -43.19
CA GLY D 61 4.59 -3.41 -42.88
C GLY D 61 5.52 -3.53 -41.69
N THR D 62 5.66 -2.43 -40.94
CA THR D 62 6.52 -2.41 -39.76
C THR D 62 5.69 -2.60 -38.50
N ILE D 63 6.03 -3.64 -37.75
CA ILE D 63 5.31 -3.96 -36.52
C ILE D 63 6.14 -3.64 -35.28
N ASP D 64 5.61 -2.77 -34.44
CA ASP D 64 6.29 -2.38 -33.21
C ASP D 64 5.49 -2.90 -32.01
N PHE D 65 6.07 -2.79 -30.82
CA PHE D 65 5.41 -3.27 -29.61
C PHE D 65 3.97 -2.79 -29.47
N PRO D 66 3.75 -1.47 -29.53
CA PRO D 66 2.38 -0.93 -29.40
C PRO D 66 1.37 -1.70 -30.24
N GLU D 67 1.77 -2.05 -31.46
CA GLU D 67 0.90 -2.81 -32.37
C GLU D 67 0.75 -4.25 -31.89
N PHE D 68 1.86 -4.97 -31.92
CA PHE D 68 1.92 -6.38 -31.52
C PHE D 68 1.28 -6.64 -30.15
N LEU D 69 1.62 -5.79 -29.18
CA LEU D 69 1.09 -5.92 -27.82
C LEU D 69 -0.43 -5.78 -27.77
N THR D 70 -1.00 -4.98 -28.68
CA THR D 70 -2.44 -4.77 -28.71
C THR D 70 -3.16 -5.92 -29.43
N MET D 71 -2.51 -6.46 -30.45
CA MET D 71 -3.09 -7.58 -31.20
C MET D 71 -3.26 -8.79 -30.30
N MET D 72 -2.21 -9.13 -29.58
CA MET D 72 -2.24 -10.26 -28.66
C MET D 72 -3.37 -10.02 -27.69
N ALA D 73 -3.56 -8.74 -27.45
CA ALA D 73 -4.58 -8.36 -26.55
C ALA D 73 -5.87 -9.11 -26.73
N ARG D 74 -6.07 -9.75 -27.85
CA ARG D 74 -7.43 -10.22 -28.04
C ARG D 74 -7.53 -11.72 -28.15
N LYS D 75 -6.50 -12.18 -28.81
CA LYS D 75 -6.36 -13.60 -29.05
C LYS D 75 -6.25 -14.27 -27.69
N MET D 76 -5.40 -13.71 -26.83
CA MET D 76 -5.18 -14.25 -25.48
C MET D 76 -6.43 -14.10 -24.63
N LYS D 77 -7.60 -14.21 -25.24
CA LYS D 77 -8.86 -14.08 -24.51
C LYS D 77 -9.46 -15.44 -24.16
N ASP D 78 -10.09 -16.09 -25.14
CA ASP D 78 -10.72 -17.40 -24.93
C ASP D 78 -9.67 -18.51 -24.82
N THR D 79 -8.57 -18.34 -25.56
CA THR D 79 -7.48 -19.31 -25.57
C THR D 79 -6.88 -19.54 -24.18
N ASP D 80 -6.94 -18.53 -23.32
CA ASP D 80 -6.38 -18.59 -21.98
C ASP D 80 -6.89 -19.76 -21.13
N SER D 81 -7.76 -20.58 -21.70
CA SER D 81 -8.31 -21.73 -21.01
C SER D 81 -7.20 -22.67 -20.60
N GLU D 82 -5.95 -22.23 -20.74
CA GLU D 82 -4.81 -23.05 -20.40
C GLU D 82 -4.94 -23.64 -19.01
N GLU D 83 -5.50 -22.86 -18.10
CA GLU D 83 -5.69 -23.29 -16.73
C GLU D 83 -6.50 -24.57 -16.64
N GLU D 84 -7.65 -24.58 -17.31
CA GLU D 84 -8.51 -25.74 -17.30
C GLU D 84 -7.84 -26.94 -17.93
N ILE D 85 -7.17 -26.72 -19.07
CA ILE D 85 -6.47 -27.78 -19.77
C ILE D 85 -5.49 -28.49 -18.87
N ARG D 86 -4.69 -27.71 -18.15
CA ARG D 86 -3.72 -28.25 -17.23
C ARG D 86 -4.42 -29.02 -16.11
N GLU D 87 -5.55 -28.51 -15.64
CA GLU D 87 -6.28 -29.20 -14.59
C GLU D 87 -6.84 -30.48 -15.16
N ALA D 88 -7.19 -30.43 -16.45
CA ALA D 88 -7.74 -31.58 -17.16
C ALA D 88 -6.67 -32.67 -17.22
N PHE D 89 -5.47 -32.30 -17.65
CA PHE D 89 -4.36 -33.25 -17.72
C PHE D 89 -4.23 -34.02 -16.41
N ARG D 90 -4.35 -33.31 -15.29
CA ARG D 90 -4.23 -33.93 -13.99
C ARG D 90 -5.35 -34.91 -13.70
N VAL D 91 -6.50 -34.72 -14.35
CA VAL D 91 -7.62 -35.63 -14.13
C VAL D 91 -7.28 -37.00 -14.73
N PHE D 92 -6.70 -37.01 -15.93
CA PHE D 92 -6.32 -38.24 -16.60
C PHE D 92 -5.22 -39.01 -15.88
N ASP D 93 -4.14 -38.32 -15.54
CA ASP D 93 -3.00 -38.93 -14.87
C ASP D 93 -3.30 -39.47 -13.50
N LYS D 94 -4.01 -40.60 -13.44
CA LYS D 94 -4.41 -41.22 -12.18
C LYS D 94 -3.32 -41.61 -11.19
N ASP D 95 -2.14 -41.93 -11.67
CA ASP D 95 -1.05 -42.32 -10.78
C ASP D 95 -0.11 -41.17 -10.45
N GLY D 96 -0.46 -39.99 -10.96
CA GLY D 96 0.34 -38.81 -10.70
C GLY D 96 1.83 -38.94 -11.01
N ASN D 97 2.13 -39.49 -12.17
CA ASN D 97 3.51 -39.66 -12.61
C ASN D 97 3.88 -38.51 -13.56
N GLY D 98 2.89 -37.70 -13.91
CA GLY D 98 3.14 -36.60 -14.81
C GLY D 98 2.91 -36.94 -16.26
N TYR D 99 2.54 -38.18 -16.55
CA TYR D 99 2.28 -38.61 -17.92
C TYR D 99 0.93 -39.29 -18.05
N ILE D 100 0.28 -39.14 -19.20
CA ILE D 100 -1.00 -39.78 -19.47
C ILE D 100 -0.76 -41.05 -20.30
N SER D 101 -1.10 -42.19 -19.71
CA SER D 101 -0.92 -43.50 -20.34
C SER D 101 -2.21 -44.00 -20.99
N ALA D 102 -2.07 -44.96 -21.89
CA ALA D 102 -3.19 -45.57 -22.59
C ALA D 102 -4.22 -46.11 -21.59
N ALA D 103 -3.73 -46.87 -20.62
CA ALA D 103 -4.58 -47.44 -19.59
C ALA D 103 -5.44 -46.38 -18.93
N GLU D 104 -4.80 -45.28 -18.53
CA GLU D 104 -5.50 -44.19 -17.87
C GLU D 104 -6.54 -43.55 -18.78
N LEU D 105 -6.22 -43.49 -20.06
CA LEU D 105 -7.13 -42.92 -21.05
C LEU D 105 -8.40 -43.78 -21.15
N ARG D 106 -8.23 -45.10 -21.06
CA ARG D 106 -9.37 -46.01 -21.13
C ARG D 106 -10.32 -45.66 -19.99
N HIS D 107 -9.77 -45.59 -18.77
CA HIS D 107 -10.56 -45.26 -17.58
C HIS D 107 -11.38 -44.00 -17.76
N VAL D 108 -10.71 -42.89 -18.01
CA VAL D 108 -11.40 -41.64 -18.19
C VAL D 108 -12.49 -41.80 -19.24
N MET D 109 -12.18 -42.54 -20.30
CA MET D 109 -13.13 -42.76 -21.39
C MET D 109 -14.32 -43.64 -21.04
N THR D 110 -14.07 -44.82 -20.50
CA THR D 110 -15.17 -45.71 -20.15
C THR D 110 -16.10 -45.09 -19.11
N ASN D 111 -15.54 -44.39 -18.13
CA ASN D 111 -16.33 -43.75 -17.08
C ASN D 111 -17.20 -42.62 -17.63
N LEU D 112 -16.85 -42.13 -18.81
CA LEU D 112 -17.63 -41.07 -19.44
C LEU D 112 -18.64 -41.67 -20.41
N GLY D 113 -18.63 -42.99 -20.53
CA GLY D 113 -19.56 -43.67 -21.43
C GLY D 113 -18.92 -44.42 -22.59
N GLU D 114 -18.28 -43.66 -23.47
CA GLU D 114 -17.61 -44.23 -24.63
C GLU D 114 -16.63 -45.36 -24.29
N LYS D 115 -17.07 -46.59 -24.49
CA LYS D 115 -16.25 -47.77 -24.25
C LYS D 115 -15.29 -47.99 -25.43
N LEU D 116 -14.01 -48.21 -25.15
CA LEU D 116 -13.04 -48.41 -26.23
C LEU D 116 -12.22 -49.68 -26.09
N THR D 117 -11.71 -50.17 -27.22
CA THR D 117 -10.90 -51.38 -27.28
C THR D 117 -9.43 -51.02 -27.10
N ASP D 118 -8.67 -51.91 -26.45
CA ASP D 118 -7.25 -51.68 -26.23
C ASP D 118 -6.58 -51.23 -27.52
N GLU D 119 -7.17 -51.60 -28.66
CA GLU D 119 -6.65 -51.24 -29.96
C GLU D 119 -6.82 -49.73 -30.16
N GLU D 120 -8.07 -49.28 -30.10
CA GLU D 120 -8.40 -47.88 -30.28
C GLU D 120 -7.65 -46.97 -29.30
N VAL D 121 -7.64 -47.35 -28.03
CA VAL D 121 -6.96 -46.56 -26.99
C VAL D 121 -5.52 -46.30 -27.38
N ASP D 122 -4.76 -47.36 -27.59
CA ASP D 122 -3.35 -47.24 -27.97
C ASP D 122 -3.19 -46.45 -29.26
N GLU D 123 -4.28 -46.26 -29.99
CA GLU D 123 -4.22 -45.50 -31.24
C GLU D 123 -4.27 -44.02 -30.88
N MET D 124 -5.07 -43.70 -29.87
CA MET D 124 -5.24 -42.34 -29.40
C MET D 124 -3.95 -41.83 -28.75
N ILE D 125 -3.35 -42.65 -27.89
CA ILE D 125 -2.12 -42.27 -27.22
C ILE D 125 -1.03 -41.98 -28.25
N ARG D 126 -0.91 -42.89 -29.20
CA ARG D 126 0.10 -42.79 -30.24
C ARG D 126 -0.10 -41.60 -31.19
N GLU D 127 -1.33 -41.10 -31.29
CA GLU D 127 -1.58 -39.94 -32.14
C GLU D 127 -1.12 -38.67 -31.41
N ALA D 128 -1.45 -38.60 -30.12
CA ALA D 128 -1.10 -37.46 -29.28
C ALA D 128 0.38 -37.49 -28.95
N ASP D 129 0.96 -38.68 -28.92
CA ASP D 129 2.38 -38.82 -28.62
C ASP D 129 3.20 -38.13 -29.71
N ILE D 130 4.19 -37.33 -29.30
CA ILE D 130 5.02 -36.60 -30.24
C ILE D 130 6.47 -37.04 -30.22
N ASP D 131 6.98 -37.41 -29.06
CA ASP D 131 8.38 -37.84 -28.98
C ASP D 131 8.51 -39.37 -28.95
N GLY D 132 7.38 -40.03 -29.19
CA GLY D 132 7.34 -41.48 -29.23
C GLY D 132 7.75 -42.29 -28.02
N ASP D 133 7.45 -41.81 -26.82
CA ASP D 133 7.83 -42.55 -25.61
C ASP D 133 6.66 -43.41 -25.16
N GLY D 134 5.60 -43.44 -25.95
CA GLY D 134 4.45 -44.25 -25.62
C GLY D 134 3.50 -43.65 -24.61
N GLN D 135 3.82 -42.45 -24.14
CA GLN D 135 2.98 -41.76 -23.17
C GLN D 135 2.85 -40.29 -23.56
N VAL D 136 1.89 -39.61 -22.97
CA VAL D 136 1.68 -38.19 -23.25
C VAL D 136 1.97 -37.31 -22.03
N ASN D 137 2.90 -36.37 -22.18
CA ASN D 137 3.21 -35.46 -21.08
C ASN D 137 2.39 -34.18 -21.25
N TYR D 138 2.37 -33.32 -20.24
CA TYR D 138 1.59 -32.10 -20.32
C TYR D 138 1.88 -31.28 -21.58
N GLU D 139 3.16 -31.11 -21.90
CA GLU D 139 3.54 -30.37 -23.10
C GLU D 139 2.72 -30.85 -24.28
N GLU D 140 2.80 -32.16 -24.55
CA GLU D 140 2.07 -32.78 -25.65
C GLU D 140 0.58 -32.57 -25.50
N PHE D 141 0.04 -32.90 -24.33
CA PHE D 141 -1.39 -32.74 -24.05
C PHE D 141 -1.83 -31.33 -24.40
N VAL D 142 -0.94 -30.36 -24.27
CA VAL D 142 -1.30 -28.99 -24.58
C VAL D 142 -1.46 -28.85 -26.08
N GLN D 143 -0.47 -29.33 -26.83
CA GLN D 143 -0.49 -29.29 -28.29
C GLN D 143 -1.80 -29.91 -28.78
N MET D 144 -1.97 -31.18 -28.46
CA MET D 144 -3.13 -31.94 -28.83
C MET D 144 -4.44 -31.23 -28.49
N MET D 145 -4.37 -30.27 -27.57
CA MET D 145 -5.57 -29.55 -27.15
C MET D 145 -5.69 -28.17 -27.78
N THR D 146 -4.55 -27.59 -28.14
CA THR D 146 -4.54 -26.27 -28.78
C THR D 146 -4.28 -26.47 -30.28
N ALA D 147 -3.03 -26.80 -30.62
CA ALA D 147 -2.62 -27.04 -32.01
C ALA D 147 -3.70 -27.74 -32.85
N THR E 5 11.43 11.23 -12.16
CA THR E 5 11.71 12.26 -11.11
C THR E 5 10.66 13.37 -11.11
N GLU E 6 10.45 13.98 -9.94
CA GLU E 6 9.47 15.07 -9.80
C GLU E 6 10.19 16.39 -9.63
N GLU E 7 11.15 16.43 -8.71
CA GLU E 7 11.92 17.64 -8.45
C GLU E 7 12.68 18.06 -9.69
N GLN E 8 13.21 17.08 -10.43
CA GLN E 8 13.96 17.37 -11.65
C GLN E 8 13.08 18.29 -12.49
N ILE E 9 11.87 17.81 -12.79
CA ILE E 9 10.93 18.56 -13.59
C ILE E 9 10.48 19.81 -12.84
N ALA E 10 10.36 19.70 -11.52
CA ALA E 10 9.95 20.81 -10.67
C ALA E 10 10.97 21.94 -10.74
N GLU E 11 12.25 21.57 -10.72
CA GLU E 11 13.36 22.52 -10.80
C GLU E 11 13.31 23.35 -12.08
N PHE E 12 13.50 22.68 -13.22
CA PHE E 12 13.46 23.35 -14.52
C PHE E 12 12.25 24.26 -14.58
N LYS E 13 11.07 23.64 -14.58
CA LYS E 13 9.80 24.36 -14.63
C LYS E 13 9.73 25.49 -13.59
N GLU E 14 10.43 25.31 -12.47
CA GLU E 14 10.45 26.32 -11.40
C GLU E 14 11.11 27.61 -11.86
N ALA E 15 12.27 27.49 -12.50
CA ALA E 15 13.02 28.64 -12.99
C ALA E 15 12.42 29.21 -14.28
N PHE E 16 11.78 28.35 -15.05
CA PHE E 16 11.16 28.74 -16.32
C PHE E 16 10.22 29.94 -16.19
N SER E 17 9.77 30.20 -14.97
CA SER E 17 8.86 31.31 -14.74
C SER E 17 9.51 32.49 -14.02
N LEU E 18 10.80 32.37 -13.70
CA LEU E 18 11.51 33.44 -13.01
C LEU E 18 11.74 34.64 -13.94
N PHE E 19 11.79 34.35 -15.25
CA PHE E 19 11.97 35.37 -16.28
C PHE E 19 11.25 34.92 -17.55
N ASP E 20 10.03 35.42 -17.72
CA ASP E 20 9.20 35.09 -18.87
C ASP E 20 8.13 36.16 -19.02
N LYS E 21 8.52 37.32 -19.53
CA LYS E 21 7.59 38.42 -19.72
C LYS E 21 6.58 38.08 -20.83
N ASP E 22 6.04 36.86 -20.74
CA ASP E 22 5.06 36.38 -21.70
C ASP E 22 3.88 35.79 -20.92
N GLY E 23 4.18 35.23 -19.75
CA GLY E 23 3.15 34.65 -18.90
C GLY E 23 2.64 33.29 -19.33
N ASP E 24 2.82 32.95 -20.59
CA ASP E 24 2.37 31.66 -21.12
C ASP E 24 3.48 30.62 -21.17
N GLY E 25 4.51 30.81 -20.34
CA GLY E 25 5.61 29.88 -20.32
C GLY E 25 6.10 29.57 -21.72
N THR E 26 6.33 30.62 -22.50
CA THR E 26 6.81 30.48 -23.87
C THR E 26 7.77 31.63 -24.20
N ILE E 27 8.95 31.59 -23.58
CA ILE E 27 9.98 32.61 -23.76
C ILE E 27 10.62 32.58 -25.16
N THR E 28 11.76 33.25 -25.27
CA THR E 28 12.52 33.32 -26.53
C THR E 28 13.90 32.69 -26.35
N THR E 29 14.58 32.46 -27.46
CA THR E 29 15.92 31.87 -27.43
C THR E 29 16.91 32.94 -26.96
N LYS E 30 16.40 34.15 -26.75
CA LYS E 30 17.21 35.27 -26.30
C LYS E 30 17.53 35.08 -24.82
N GLU E 31 16.64 34.38 -24.14
CA GLU E 31 16.77 34.10 -22.71
C GLU E 31 16.96 32.62 -22.38
N LEU E 32 16.80 31.76 -23.40
CA LEU E 32 16.96 30.32 -23.22
C LEU E 32 18.29 30.05 -22.53
N GLY E 33 19.32 30.78 -22.94
CA GLY E 33 20.63 30.62 -22.35
C GLY E 33 20.67 31.25 -20.97
N THR E 34 19.89 32.31 -20.79
CA THR E 34 19.81 33.01 -19.51
C THR E 34 19.24 32.08 -18.45
N VAL E 35 18.41 31.13 -18.90
CA VAL E 35 17.79 30.17 -17.98
C VAL E 35 18.73 29.01 -17.67
N MET E 36 19.28 28.39 -18.71
CA MET E 36 20.19 27.26 -18.55
C MET E 36 21.39 27.60 -17.67
N ARG E 37 21.72 28.88 -17.55
CA ARG E 37 22.85 29.30 -16.74
C ARG E 37 22.47 29.64 -15.30
N SER E 38 21.31 30.29 -15.14
CA SER E 38 20.85 30.64 -13.80
C SER E 38 20.41 29.37 -13.08
N LEU E 39 20.41 28.26 -13.84
CA LEU E 39 20.02 26.97 -13.31
C LEU E 39 21.24 26.08 -13.03
N GLY E 40 22.39 26.42 -13.61
CA GLY E 40 23.59 25.65 -13.36
C GLY E 40 24.39 25.18 -14.56
N GLN E 41 24.12 25.72 -15.74
CA GLN E 41 24.85 25.33 -16.94
C GLN E 41 25.53 26.51 -17.61
N ASN E 42 26.37 26.22 -18.60
CA ASN E 42 27.10 27.25 -19.34
C ASN E 42 27.20 26.86 -20.82
N PRO E 43 26.05 26.81 -21.52
CA PRO E 43 26.01 26.44 -22.93
C PRO E 43 26.68 27.46 -23.86
N THR E 44 27.32 26.97 -24.91
CA THR E 44 27.99 27.84 -25.88
C THR E 44 26.98 28.28 -26.92
N GLU E 45 27.23 29.45 -27.51
CA GLU E 45 26.33 30.01 -28.52
C GLU E 45 26.02 29.02 -29.63
N ALA E 46 26.96 28.12 -29.90
CA ALA E 46 26.78 27.12 -30.95
C ALA E 46 25.73 26.09 -30.54
N GLU E 47 25.79 25.68 -29.27
CA GLU E 47 24.85 24.69 -28.73
C GLU E 47 23.45 25.29 -28.55
N LEU E 48 23.41 26.56 -28.14
CA LEU E 48 22.14 27.26 -27.95
C LEU E 48 21.45 27.41 -29.31
N GLN E 49 22.13 26.96 -30.36
CA GLN E 49 21.62 27.05 -31.72
C GLN E 49 21.13 25.72 -32.30
N ASP E 50 22.07 24.89 -32.75
CA ASP E 50 21.73 23.60 -33.34
C ASP E 50 20.54 22.90 -32.71
N MET E 51 20.34 23.11 -31.40
CA MET E 51 19.23 22.48 -30.69
C MET E 51 17.94 23.30 -30.86
N ILE E 52 18.06 24.62 -30.81
CA ILE E 52 16.90 25.50 -30.96
C ILE E 52 16.44 25.52 -32.41
N ASN E 53 16.92 24.55 -33.19
CA ASN E 53 16.57 24.44 -34.60
C ASN E 53 16.03 23.04 -34.88
N GLU E 54 16.57 22.05 -34.17
CA GLU E 54 16.15 20.66 -34.34
C GLU E 54 14.79 20.43 -33.70
N VAL E 55 14.76 20.45 -32.37
CA VAL E 55 13.53 20.24 -31.61
C VAL E 55 12.56 21.42 -31.82
N ASP E 56 13.10 22.63 -31.87
CA ASP E 56 12.29 23.83 -32.07
C ASP E 56 12.35 24.30 -33.52
N ALA E 57 12.05 23.41 -34.45
CA ALA E 57 12.06 23.73 -35.88
C ALA E 57 10.76 24.48 -36.19
N ASP E 58 10.05 24.82 -35.12
CA ASP E 58 8.78 25.53 -35.20
C ASP E 58 8.84 26.70 -36.17
N GLY E 59 9.68 27.68 -35.86
CA GLY E 59 9.80 28.85 -36.73
C GLY E 59 9.19 30.08 -36.11
N ASN E 60 9.28 30.17 -34.79
CA ASN E 60 8.76 31.32 -34.04
C ASN E 60 9.80 31.82 -33.03
N GLY E 61 10.52 30.89 -32.43
CA GLY E 61 11.53 31.26 -31.44
C GLY E 61 10.93 31.29 -30.05
N THR E 62 9.73 30.71 -29.91
CA THR E 62 9.04 30.65 -28.62
C THR E 62 9.29 29.31 -27.93
N ILE E 63 9.86 29.36 -26.73
CA ILE E 63 10.18 28.16 -25.97
C ILE E 63 9.25 27.99 -24.77
N ASP E 64 8.53 26.87 -24.76
CA ASP E 64 7.61 26.55 -23.67
C ASP E 64 8.15 25.36 -22.88
N PHE E 65 7.51 25.05 -21.75
CA PHE E 65 7.94 23.95 -20.90
C PHE E 65 8.14 22.65 -21.68
N PRO E 66 7.11 22.18 -22.40
CA PRO E 66 7.24 20.94 -23.18
C PRO E 66 8.57 20.84 -23.94
N GLU E 67 8.98 21.95 -24.55
CA GLU E 67 10.23 22.01 -25.31
C GLU E 67 11.42 21.97 -24.35
N PHE E 68 11.54 23.02 -23.55
CA PHE E 68 12.63 23.17 -22.58
C PHE E 68 12.82 21.93 -21.72
N LEU E 69 11.72 21.41 -21.18
CA LEU E 69 11.75 20.22 -20.33
C LEU E 69 12.32 18.99 -21.04
N THR E 70 12.08 18.91 -22.35
CA THR E 70 12.57 17.76 -23.13
C THR E 70 14.04 17.93 -23.49
N MET E 71 14.46 19.16 -23.74
CA MET E 71 15.86 19.44 -24.10
C MET E 71 16.78 19.06 -22.93
N MET E 72 16.42 19.51 -21.74
CA MET E 72 17.20 19.21 -20.54
C MET E 72 17.26 17.71 -20.42
N ALA E 73 16.17 17.08 -20.85
CA ALA E 73 16.06 15.63 -20.73
C ALA E 73 17.30 14.82 -21.16
N ARG E 74 18.21 15.48 -21.87
CA ARG E 74 19.33 14.79 -22.49
C ARG E 74 20.67 15.22 -21.96
N LYS E 75 20.82 16.52 -21.76
CA LYS E 75 22.04 17.13 -21.24
C LYS E 75 22.26 16.56 -19.84
N MET E 76 21.18 16.57 -19.05
CA MET E 76 21.22 16.06 -17.67
C MET E 76 21.44 14.55 -17.66
N LYS E 77 22.26 14.06 -18.59
CA LYS E 77 22.54 12.63 -18.68
C LYS E 77 23.90 12.28 -18.07
N ASP E 78 24.97 12.54 -18.83
CA ASP E 78 26.32 12.25 -18.37
C ASP E 78 26.76 13.26 -17.31
N THR E 79 26.31 14.49 -17.45
CA THR E 79 26.66 15.57 -16.53
C THR E 79 26.26 15.28 -15.07
N ASP E 80 25.22 14.46 -14.90
CA ASP E 80 24.71 14.12 -13.56
C ASP E 80 25.74 13.48 -12.63
N SER E 81 26.97 13.31 -13.11
CA SER E 81 28.03 12.74 -12.30
C SER E 81 28.27 13.59 -11.05
N GLU E 82 27.38 14.55 -10.81
CA GLU E 82 27.51 15.43 -9.66
C GLU E 82 27.76 14.63 -8.38
N GLU E 83 27.13 13.46 -8.29
CA GLU E 83 27.28 12.61 -7.12
C GLU E 83 28.72 12.23 -6.83
N GLU E 84 29.43 11.74 -7.83
CA GLU E 84 30.83 11.36 -7.64
C GLU E 84 31.69 12.57 -7.31
N ILE E 85 31.45 13.67 -8.01
CA ILE E 85 32.23 14.90 -7.80
C ILE E 85 32.20 15.31 -6.34
N ARG E 86 31.01 15.31 -5.77
CA ARG E 86 30.81 15.68 -4.37
C ARG E 86 31.57 14.72 -3.46
N GLU E 87 31.56 13.43 -3.78
CA GLU E 87 32.28 12.49 -2.93
C GLU E 87 33.76 12.74 -3.09
N ALA E 88 34.14 13.19 -4.30
CA ALA E 88 35.53 13.51 -4.61
C ALA E 88 35.98 14.69 -3.72
N PHE E 89 35.17 15.74 -3.71
CA PHE E 89 35.48 16.90 -2.90
C PHE E 89 35.81 16.47 -1.47
N ARG E 90 35.00 15.56 -0.93
CA ARG E 90 35.20 15.10 0.45
C ARG E 90 36.53 14.37 0.64
N VAL E 91 37.03 13.77 -0.43
CA VAL E 91 38.30 13.05 -0.36
C VAL E 91 39.47 14.02 -0.13
N PHE E 92 39.42 15.18 -0.79
CA PHE E 92 40.45 16.21 -0.65
C PHE E 92 40.44 16.86 0.73
N ASP E 93 39.28 17.38 1.12
CA ASP E 93 39.11 18.05 2.40
C ASP E 93 39.47 17.18 3.61
N LYS E 94 40.74 16.87 3.77
CA LYS E 94 41.16 16.01 4.88
C LYS E 94 40.75 16.41 6.29
N ASP E 95 40.61 17.71 6.55
CA ASP E 95 40.24 18.17 7.90
C ASP E 95 38.74 18.35 8.09
N GLY E 96 37.99 18.08 7.03
CA GLY E 96 36.54 18.18 7.09
C GLY E 96 36.00 19.54 7.49
N ASN E 97 36.61 20.59 6.96
CA ASN E 97 36.19 21.96 7.25
C ASN E 97 35.22 22.44 6.16
N GLY E 98 35.12 21.68 5.08
CA GLY E 98 34.22 22.06 4.00
C GLY E 98 34.93 22.82 2.91
N TYR E 99 36.24 23.01 3.08
CA TYR E 99 37.03 23.71 2.09
C TYR E 99 38.30 22.95 1.72
N ILE E 100 38.68 23.02 0.45
CA ILE E 100 39.89 22.37 -0.03
C ILE E 100 41.05 23.38 -0.03
N SER E 101 42.05 23.10 0.79
CA SER E 101 43.21 23.98 0.91
C SER E 101 44.39 23.49 0.07
N ALA E 102 45.32 24.40 -0.20
CA ALA E 102 46.50 24.08 -0.98
C ALA E 102 47.25 22.89 -0.39
N ALA E 103 47.47 22.94 0.93
CA ALA E 103 48.18 21.86 1.64
C ALA E 103 47.54 20.50 1.36
N GLU E 104 46.21 20.46 1.48
CA GLU E 104 45.47 19.24 1.25
C GLU E 104 45.64 18.79 -0.21
N LEU E 105 45.64 19.76 -1.11
CA LEU E 105 45.80 19.46 -2.54
C LEU E 105 47.15 18.79 -2.79
N ARG E 106 48.18 19.24 -2.07
CA ARG E 106 49.51 18.65 -2.24
C ARG E 106 49.45 17.16 -1.90
N HIS E 107 48.88 16.85 -0.74
CA HIS E 107 48.73 15.48 -0.27
C HIS E 107 48.08 14.59 -1.33
N VAL E 108 46.84 14.92 -1.69
CA VAL E 108 46.10 14.15 -2.67
C VAL E 108 46.97 13.93 -3.90
N MET E 109 47.67 14.99 -4.30
CA MET E 109 48.55 14.96 -5.46
C MET E 109 49.78 14.07 -5.32
N THR E 110 50.56 14.31 -4.27
CA THR E 110 51.77 13.51 -4.08
C THR E 110 51.44 12.02 -3.92
N ASN E 111 50.39 11.71 -3.16
CA ASN E 111 49.98 10.33 -2.95
C ASN E 111 49.55 9.63 -4.24
N LEU E 112 49.20 10.42 -5.25
CA LEU E 112 48.80 9.85 -6.53
C LEU E 112 50.01 9.78 -7.46
N GLY E 113 51.16 10.24 -6.98
CA GLY E 113 52.37 10.24 -7.78
C GLY E 113 52.91 11.61 -8.11
N GLU E 114 52.17 12.37 -8.92
CA GLU E 114 52.57 13.71 -9.33
C GLU E 114 53.01 14.61 -8.17
N LYS E 115 54.31 14.75 -7.99
CA LYS E 115 54.88 15.59 -6.94
C LYS E 115 54.86 17.05 -7.41
N LEU E 116 54.43 17.96 -6.54
CA LEU E 116 54.37 19.37 -6.91
C LEU E 116 55.04 20.31 -5.90
N THR E 117 55.45 21.48 -6.39
CA THR E 117 56.11 22.48 -5.56
C THR E 117 55.08 23.42 -4.93
N ASP E 118 55.36 23.87 -3.72
CA ASP E 118 54.46 24.78 -3.01
C ASP E 118 54.00 25.89 -3.95
N GLU E 119 54.84 26.18 -4.94
CA GLU E 119 54.55 27.21 -5.94
C GLU E 119 53.38 26.78 -6.82
N GLU E 120 53.58 25.66 -7.51
CA GLU E 120 52.56 25.11 -8.38
C GLU E 120 51.23 24.89 -7.67
N VAL E 121 51.29 24.24 -6.50
CA VAL E 121 50.09 23.96 -5.71
C VAL E 121 49.28 25.24 -5.53
N ASP E 122 49.88 26.24 -4.90
CA ASP E 122 49.22 27.53 -4.67
C ASP E 122 48.72 28.14 -5.96
N GLU E 123 49.21 27.63 -7.09
CA GLU E 123 48.79 28.13 -8.38
C GLU E 123 47.46 27.50 -8.75
N MET E 124 47.32 26.23 -8.39
CA MET E 124 46.11 25.45 -8.67
C MET E 124 44.93 25.95 -7.84
N ILE E 125 45.17 26.11 -6.55
CA ILE E 125 44.13 26.59 -5.65
C ILE E 125 43.57 27.92 -6.15
N ARG E 126 44.48 28.83 -6.45
CA ARG E 126 44.14 30.17 -6.92
C ARG E 126 43.30 30.12 -8.19
N GLU E 127 43.68 29.25 -9.12
CA GLU E 127 42.92 29.13 -10.37
C GLU E 127 41.48 28.71 -10.12
N ALA E 128 41.32 27.71 -9.25
CA ALA E 128 40.00 27.20 -8.90
C ALA E 128 39.23 28.17 -8.02
N ASP E 129 39.97 28.91 -7.19
CA ASP E 129 39.37 29.89 -6.30
C ASP E 129 38.61 30.93 -7.13
N ILE E 130 37.39 31.26 -6.71
CA ILE E 130 36.57 32.23 -7.43
C ILE E 130 36.27 33.49 -6.61
N ASP E 131 36.11 33.32 -5.31
CA ASP E 131 35.80 34.46 -4.44
C ASP E 131 37.07 34.93 -3.71
N GLY E 132 38.19 34.39 -4.14
CA GLY E 132 39.48 34.78 -3.57
C GLY E 132 39.71 34.64 -2.08
N ASP E 133 39.10 33.65 -1.44
CA ASP E 133 39.32 33.45 0.00
C ASP E 133 40.51 32.53 0.25
N GLY E 134 41.26 32.22 -0.81
CA GLY E 134 42.44 31.38 -0.69
C GLY E 134 42.14 29.90 -0.56
N GLN E 135 40.85 29.54 -0.57
CA GLN E 135 40.46 28.14 -0.46
C GLN E 135 39.32 27.84 -1.42
N VAL E 136 39.09 26.55 -1.68
CA VAL E 136 38.02 26.14 -2.58
C VAL E 136 36.89 25.41 -1.84
N ASN E 137 35.68 25.92 -1.98
CA ASN E 137 34.52 25.30 -1.37
C ASN E 137 33.85 24.41 -2.44
N TYR E 138 32.93 23.55 -2.00
CA TYR E 138 32.26 22.64 -2.93
C TYR E 138 31.67 23.35 -4.17
N GLU E 139 31.01 24.48 -3.95
CA GLU E 139 30.43 25.25 -5.07
C GLU E 139 31.46 25.47 -6.19
N GLU E 140 32.63 25.96 -5.77
CA GLU E 140 33.73 26.21 -6.69
C GLU E 140 34.16 24.88 -7.29
N PHE E 141 34.57 23.96 -6.43
CA PHE E 141 35.00 22.64 -6.89
C PHE E 141 34.08 22.10 -7.98
N VAL E 142 32.80 22.39 -7.88
CA VAL E 142 31.85 21.91 -8.87
C VAL E 142 32.10 22.60 -10.21
N GLN E 143 32.25 23.92 -10.18
CA GLN E 143 32.53 24.71 -11.38
C GLN E 143 33.77 24.11 -12.05
N MET E 144 34.87 24.20 -11.31
CA MET E 144 36.16 23.72 -11.75
C MET E 144 36.12 22.32 -12.36
N MET E 145 35.08 21.56 -12.01
CA MET E 145 34.95 20.21 -12.50
C MET E 145 33.88 20.09 -13.57
N THR E 146 32.81 20.87 -13.40
CA THR E 146 31.68 20.94 -14.30
C THR E 146 32.26 21.24 -15.67
N ALA E 147 32.79 22.45 -15.78
CA ALA E 147 33.44 22.91 -16.99
C ALA E 147 34.89 22.48 -16.83
N THR F 5 -15.04 11.62 -10.22
CA THR F 5 -14.62 10.35 -9.55
C THR F 5 -15.09 9.16 -10.39
N GLU F 6 -14.89 7.96 -9.85
CA GLU F 6 -15.31 6.75 -10.55
C GLU F 6 -16.82 6.77 -10.67
N GLU F 7 -17.49 7.00 -9.55
CA GLU F 7 -18.94 7.04 -9.53
C GLU F 7 -19.46 8.17 -10.42
N GLN F 8 -18.77 9.32 -10.40
CA GLN F 8 -19.16 10.44 -11.23
C GLN F 8 -19.34 9.92 -12.64
N ILE F 9 -18.28 9.33 -13.17
CA ILE F 9 -18.29 8.77 -14.51
C ILE F 9 -19.26 7.59 -14.59
N ALA F 10 -19.36 6.84 -13.49
CA ALA F 10 -20.25 5.69 -13.40
C ALA F 10 -21.71 6.13 -13.53
N GLU F 11 -22.03 7.23 -12.87
CA GLU F 11 -23.38 7.80 -12.88
C GLU F 11 -23.81 8.18 -14.30
N PHE F 12 -23.13 9.17 -14.88
CA PHE F 12 -23.44 9.63 -16.24
C PHE F 12 -23.59 8.41 -17.13
N LYS F 13 -22.47 7.72 -17.35
CA LYS F 13 -22.43 6.51 -18.19
C LYS F 13 -23.57 5.54 -17.84
N GLU F 14 -23.96 5.52 -16.57
CA GLU F 14 -25.03 4.62 -16.11
C GLU F 14 -26.37 4.95 -16.76
N ALA F 15 -26.71 6.24 -16.78
CA ALA F 15 -27.97 6.70 -17.36
C ALA F 15 -27.93 6.75 -18.88
N PHE F 16 -26.73 6.94 -19.42
CA PHE F 16 -26.51 7.03 -20.87
C PHE F 16 -27.10 5.85 -21.63
N SER F 17 -27.30 4.74 -20.93
CA SER F 17 -27.84 3.54 -21.55
C SER F 17 -29.31 3.27 -21.19
N LEU F 18 -29.88 4.12 -20.35
CA LEU F 18 -31.28 3.94 -19.95
C LEU F 18 -32.22 4.21 -21.12
N PHE F 19 -31.78 5.06 -22.04
CA PHE F 19 -32.55 5.40 -23.24
C PHE F 19 -31.57 5.68 -24.37
N ASP F 20 -31.34 4.65 -25.19
CA ASP F 20 -30.44 4.75 -26.34
C ASP F 20 -30.79 3.64 -27.32
N LYS F 21 -31.87 3.83 -28.07
CA LYS F 21 -32.32 2.84 -29.05
C LYS F 21 -31.32 2.77 -30.21
N ASP F 22 -30.03 2.71 -29.85
CA ASP F 22 -28.94 2.63 -30.82
C ASP F 22 -28.02 1.50 -30.40
N GLY F 23 -27.92 1.28 -29.09
CA GLY F 23 -27.07 0.23 -28.57
C GLY F 23 -25.59 0.54 -28.56
N ASP F 24 -25.16 1.48 -29.40
CA ASP F 24 -23.75 1.84 -29.47
C ASP F 24 -23.40 3.07 -28.63
N GLY F 25 -24.22 3.36 -27.63
CA GLY F 25 -23.96 4.50 -26.79
C GLY F 25 -23.69 5.74 -27.63
N THR F 26 -24.56 5.99 -28.60
CA THR F 26 -24.43 7.14 -29.49
C THR F 26 -25.81 7.68 -29.85
N ILE F 27 -26.48 8.26 -28.86
CA ILE F 27 -27.82 8.82 -29.03
C ILE F 27 -27.86 10.08 -29.89
N THR F 28 -28.98 10.80 -29.81
CA THR F 28 -29.17 12.03 -30.58
C THR F 28 -29.34 13.21 -29.63
N THR F 29 -29.31 14.42 -30.19
CA THR F 29 -29.48 15.64 -29.38
C THR F 29 -30.96 15.80 -29.05
N LYS F 30 -31.77 14.90 -29.59
CA LYS F 30 -33.22 14.90 -29.35
C LYS F 30 -33.49 14.42 -27.93
N GLU F 31 -32.58 13.59 -27.43
CA GLU F 31 -32.68 13.00 -26.09
C GLU F 31 -31.58 13.47 -25.15
N LEU F 32 -30.58 14.19 -25.68
CA LEU F 32 -29.48 14.70 -24.87
C LEU F 32 -30.04 15.46 -23.67
N GLY F 33 -31.09 16.23 -23.90
CA GLY F 33 -31.70 16.97 -22.83
C GLY F 33 -32.49 16.04 -21.94
N THR F 34 -33.07 15.00 -22.54
CA THR F 34 -33.85 14.00 -21.82
C THR F 34 -32.97 13.29 -20.80
N VAL F 35 -31.69 13.20 -21.10
CA VAL F 35 -30.72 12.55 -20.21
C VAL F 35 -30.27 13.50 -19.09
N MET F 36 -29.80 14.69 -19.48
CA MET F 36 -29.34 15.68 -18.52
C MET F 36 -30.37 16.03 -17.46
N ARG F 37 -31.65 15.77 -17.75
CA ARG F 37 -32.73 16.08 -16.81
C ARG F 37 -33.11 14.88 -15.93
N SER F 38 -33.09 13.69 -16.51
CA SER F 38 -33.41 12.49 -15.74
C SER F 38 -32.24 12.21 -14.81
N LEU F 39 -31.17 12.99 -14.97
CA LEU F 39 -29.99 12.83 -14.15
C LEU F 39 -29.90 13.91 -13.07
N GLY F 40 -30.65 15.01 -13.24
CA GLY F 40 -30.63 16.06 -12.24
C GLY F 40 -30.40 17.49 -12.71
N GLN F 41 -30.51 17.73 -14.01
CA GLN F 41 -30.31 19.08 -14.54
C GLN F 41 -31.52 19.57 -15.31
N ASN F 42 -31.50 20.85 -15.67
CA ASN F 42 -32.61 21.47 -16.42
C ASN F 42 -32.04 22.48 -17.41
N PRO F 43 -31.31 21.98 -18.44
CA PRO F 43 -30.71 22.84 -19.46
C PRO F 43 -31.73 23.52 -20.37
N THR F 44 -31.43 24.75 -20.78
CA THR F 44 -32.31 25.49 -21.67
C THR F 44 -32.01 25.11 -23.13
N GLU F 45 -33.01 25.22 -23.98
CA GLU F 45 -32.85 24.89 -25.40
C GLU F 45 -31.66 25.58 -26.04
N ALA F 46 -31.31 26.75 -25.52
CA ALA F 46 -30.17 27.52 -26.03
C ALA F 46 -28.85 26.84 -25.67
N GLU F 47 -28.77 26.32 -24.45
CA GLU F 47 -27.57 25.64 -23.96
C GLU F 47 -27.43 24.26 -24.61
N LEU F 48 -28.56 23.59 -24.83
CA LEU F 48 -28.56 22.27 -25.46
C LEU F 48 -28.08 22.42 -26.91
N GLN F 49 -27.87 23.66 -27.31
CA GLN F 49 -27.42 23.98 -28.67
C GLN F 49 -25.96 24.36 -28.80
N ASP F 50 -25.62 25.60 -28.44
CA ASP F 50 -24.25 26.10 -28.54
C ASP F 50 -23.18 25.06 -28.20
N MET F 51 -23.50 24.14 -27.29
CA MET F 51 -22.56 23.10 -26.89
C MET F 51 -22.57 21.92 -27.87
N ILE F 52 -23.76 21.55 -28.33
CA ILE F 52 -23.92 20.44 -29.27
C ILE F 52 -23.42 20.85 -30.67
N ASN F 53 -22.69 21.96 -30.71
CA ASN F 53 -22.15 22.49 -31.97
C ASN F 53 -20.64 22.71 -31.84
N GLU F 54 -20.20 23.06 -30.63
CA GLU F 54 -18.78 23.31 -30.35
C GLU F 54 -18.03 21.98 -30.27
N VAL F 55 -18.28 21.24 -29.19
CA VAL F 55 -17.63 19.95 -28.97
C VAL F 55 -18.11 18.92 -30.01
N ASP F 56 -19.40 18.95 -30.34
CA ASP F 56 -19.98 18.03 -31.32
C ASP F 56 -20.15 18.71 -32.68
N ALA F 57 -19.07 19.28 -33.19
CA ALA F 57 -19.09 19.95 -34.50
C ALA F 57 -19.00 18.86 -35.57
N ASP F 58 -19.13 17.61 -35.12
CA ASP F 58 -19.08 16.43 -35.98
C ASP F 58 -19.91 16.60 -37.25
N GLY F 59 -21.22 16.75 -37.08
CA GLY F 59 -22.10 16.91 -38.23
C GLY F 59 -22.98 15.70 -38.46
N ASN F 60 -23.37 15.05 -37.36
CA ASN F 60 -24.21 13.86 -37.43
C ASN F 60 -25.34 13.94 -36.40
N GLY F 61 -25.02 14.49 -35.23
CA GLY F 61 -26.01 14.62 -34.17
C GLY F 61 -26.00 13.40 -33.27
N THR F 62 -24.95 12.59 -33.39
CA THR F 62 -24.80 11.38 -32.58
C THR F 62 -23.92 11.67 -31.36
N ILE F 63 -24.48 11.43 -30.18
CA ILE F 63 -23.76 11.66 -28.92
C ILE F 63 -23.36 10.36 -28.24
N ASP F 64 -22.05 10.18 -28.06
CA ASP F 64 -21.52 8.99 -27.39
C ASP F 64 -20.92 9.37 -26.04
N PHE F 65 -20.57 8.36 -25.23
CA PHE F 65 -20.01 8.61 -23.91
C PHE F 65 -18.86 9.62 -23.92
N PRO F 66 -17.82 9.37 -24.74
CA PRO F 66 -16.69 10.30 -24.81
C PRO F 66 -17.12 11.76 -24.87
N GLU F 67 -18.17 12.03 -25.66
CA GLU F 67 -18.69 13.39 -25.82
C GLU F 67 -19.42 13.82 -24.56
N PHE F 68 -20.53 13.13 -24.27
CA PHE F 68 -21.36 13.41 -23.12
C PHE F 68 -20.57 13.51 -21.83
N LEU F 69 -19.68 12.55 -21.61
CA LEU F 69 -18.86 12.50 -20.41
C LEU F 69 -17.97 13.74 -20.26
N THR F 70 -17.52 14.28 -21.39
CA THR F 70 -16.66 15.46 -21.37
C THR F 70 -17.47 16.73 -21.14
N MET F 71 -18.67 16.77 -21.71
CA MET F 71 -19.54 17.94 -21.55
C MET F 71 -19.89 18.14 -20.08
N MET F 72 -20.31 17.07 -19.43
CA MET F 72 -20.65 17.12 -18.02
C MET F 72 -19.43 17.63 -17.26
N ALA F 73 -18.25 17.32 -17.80
CA ALA F 73 -16.99 17.71 -17.15
C ALA F 73 -16.93 19.11 -16.59
N ARG F 74 -17.73 19.95 -17.11
CA ARG F 74 -17.61 21.35 -16.86
C ARG F 74 -18.76 21.96 -16.13
N LYS F 75 -19.95 21.50 -16.49
CA LYS F 75 -21.16 21.96 -15.82
C LYS F 75 -21.06 21.56 -14.35
N MET F 76 -20.68 20.30 -14.12
CA MET F 76 -20.51 19.76 -12.76
C MET F 76 -19.36 20.43 -12.03
N LYS F 77 -19.17 21.72 -12.28
CA LYS F 77 -18.08 22.47 -11.65
C LYS F 77 -18.58 23.31 -10.48
N ASP F 78 -19.19 24.46 -10.78
CA ASP F 78 -19.70 25.35 -9.75
C ASP F 78 -20.98 24.79 -9.12
N THR F 79 -21.76 24.08 -9.92
CA THR F 79 -23.02 23.51 -9.47
C THR F 79 -22.84 22.51 -8.31
N ASP F 80 -21.66 21.89 -8.25
CA ASP F 80 -21.37 20.89 -7.21
C ASP F 80 -21.53 21.40 -5.77
N SER F 81 -21.93 22.65 -5.63
CA SER F 81 -22.11 23.23 -4.30
C SER F 81 -23.18 22.46 -3.53
N GLU F 82 -23.61 21.33 -4.08
CA GLU F 82 -24.62 20.50 -3.44
C GLU F 82 -24.29 20.28 -1.96
N GLU F 83 -23.01 20.15 -1.66
CA GLU F 83 -22.57 19.92 -0.28
C GLU F 83 -23.04 21.01 0.68
N GLU F 84 -22.79 22.27 0.33
CA GLU F 84 -23.20 23.40 1.18
C GLU F 84 -24.71 23.51 1.33
N ILE F 85 -25.42 23.32 0.23
CA ILE F 85 -26.87 23.39 0.23
C ILE F 85 -27.44 22.44 1.29
N ARG F 86 -26.93 21.21 1.33
CA ARG F 86 -27.38 20.21 2.29
C ARG F 86 -27.07 20.65 3.72
N GLU F 87 -25.91 21.25 3.93
CA GLU F 87 -25.58 21.71 5.27
C GLU F 87 -26.51 22.86 5.63
N ALA F 88 -26.85 23.67 4.62
CA ALA F 88 -27.77 24.79 4.81
C ALA F 88 -29.13 24.26 5.28
N PHE F 89 -29.65 23.27 4.57
CA PHE F 89 -30.92 22.66 4.94
C PHE F 89 -30.92 22.31 6.43
N ARG F 90 -29.81 21.73 6.89
CA ARG F 90 -29.71 21.34 8.28
C ARG F 90 -29.76 22.50 9.26
N VAL F 91 -29.37 23.69 8.78
CA VAL F 91 -29.40 24.89 9.62
C VAL F 91 -30.86 25.31 9.91
N PHE F 92 -31.71 25.25 8.89
CA PHE F 92 -33.10 25.61 9.04
C PHE F 92 -33.87 24.64 9.94
N ASP F 93 -33.74 23.35 9.65
CA ASP F 93 -34.46 22.33 10.40
C ASP F 93 -34.09 22.25 11.88
N LYS F 94 -34.47 23.27 12.65
CA LYS F 94 -34.12 23.32 14.08
C LYS F 94 -34.48 22.13 14.96
N ASP F 95 -35.55 21.40 14.63
CA ASP F 95 -35.97 20.27 15.44
C ASP F 95 -35.45 18.95 14.89
N GLY F 96 -34.65 19.05 13.84
CA GLY F 96 -34.07 17.86 13.25
C GLY F 96 -35.04 16.75 12.89
N ASN F 97 -36.15 17.11 12.26
CA ASN F 97 -37.17 16.14 11.85
C ASN F 97 -36.97 15.78 10.38
N GLY F 98 -36.04 16.48 9.73
CA GLY F 98 -35.79 16.24 8.32
C GLY F 98 -36.59 17.14 7.39
N TYR F 99 -37.45 17.98 7.97
CA TYR F 99 -38.27 18.88 7.17
C TYR F 99 -38.16 20.32 7.64
N ILE F 100 -38.25 21.28 6.71
CA ILE F 100 -38.20 22.70 7.04
C ILE F 100 -39.62 23.24 7.10
N SER F 101 -40.03 23.69 8.28
CA SER F 101 -41.37 24.22 8.50
C SER F 101 -41.40 25.74 8.46
N ALA F 102 -42.61 26.29 8.30
CA ALA F 102 -42.80 27.73 8.23
C ALA F 102 -42.21 28.42 9.47
N ALA F 103 -42.57 27.92 10.65
CA ALA F 103 -42.08 28.48 11.89
C ALA F 103 -40.55 28.56 11.88
N GLU F 104 -39.89 27.48 11.48
CA GLU F 104 -38.44 27.46 11.46
C GLU F 104 -37.90 28.51 10.49
N LEU F 105 -38.60 28.68 9.38
CA LEU F 105 -38.20 29.64 8.36
C LEU F 105 -38.22 31.04 8.93
N ARG F 106 -39.23 31.33 9.75
CA ARG F 106 -39.34 32.65 10.36
C ARG F 106 -38.09 32.92 11.18
N HIS F 107 -37.75 31.97 12.06
CA HIS F 107 -36.56 32.10 12.90
C HIS F 107 -35.32 32.43 12.08
N VAL F 108 -34.99 31.55 11.15
CA VAL F 108 -33.81 31.76 10.33
C VAL F 108 -33.84 33.15 9.73
N MET F 109 -35.03 33.56 9.27
CA MET F 109 -35.21 34.86 8.65
C MET F 109 -35.08 36.05 9.60
N THR F 110 -35.83 36.05 10.69
CA THR F 110 -35.77 37.17 11.61
C THR F 110 -34.36 37.35 12.16
N ASN F 111 -33.71 36.25 12.51
CA ASN F 111 -32.35 36.30 13.04
C ASN F 111 -31.33 36.85 12.06
N LEU F 112 -31.69 36.85 10.79
CA LEU F 112 -30.81 37.40 9.75
C LEU F 112 -31.20 38.84 9.45
N GLY F 113 -32.24 39.32 10.16
CA GLY F 113 -32.69 40.68 9.97
C GLY F 113 -34.09 40.81 9.38
N GLU F 114 -34.25 40.35 8.15
CA GLU F 114 -35.53 40.42 7.46
C GLU F 114 -36.70 39.87 8.27
N LYS F 115 -37.48 40.75 8.87
CA LYS F 115 -38.64 40.35 9.66
C LYS F 115 -39.82 40.07 8.73
N LEU F 116 -40.53 38.97 8.95
CA LEU F 116 -41.66 38.62 8.09
C LEU F 116 -42.93 38.29 8.85
N THR F 117 -44.06 38.44 8.17
CA THR F 117 -45.37 38.17 8.75
C THR F 117 -45.76 36.73 8.52
N ASP F 118 -46.48 36.14 9.47
CA ASP F 118 -46.92 34.75 9.37
C ASP F 118 -47.52 34.51 7.99
N GLU F 119 -48.02 35.58 7.37
CA GLU F 119 -48.62 35.51 6.05
C GLU F 119 -47.55 35.21 5.01
N GLU F 120 -46.56 36.09 4.94
CA GLU F 120 -45.45 35.97 4.00
C GLU F 120 -44.72 34.64 4.17
N VAL F 121 -44.37 34.30 5.41
CA VAL F 121 -43.68 33.05 5.70
C VAL F 121 -44.41 31.87 5.06
N ASP F 122 -45.66 31.65 5.46
CA ASP F 122 -46.45 30.57 4.91
C ASP F 122 -46.54 30.64 3.39
N GLU F 123 -46.17 31.79 2.84
CA GLU F 123 -46.21 31.96 1.38
C GLU F 123 -44.95 31.35 0.78
N MET F 124 -43.84 31.51 1.49
CA MET F 124 -42.56 30.97 1.05
C MET F 124 -42.54 29.44 1.13
N ILE F 125 -43.00 28.90 2.24
CA ILE F 125 -43.05 27.47 2.43
C ILE F 125 -43.84 26.84 1.29
N ARG F 126 -45.03 27.38 1.05
CA ARG F 126 -45.91 26.88 0.00
C ARG F 126 -45.28 26.93 -1.40
N GLU F 127 -44.50 27.97 -1.66
CA GLU F 127 -43.86 28.08 -2.97
C GLU F 127 -42.84 26.97 -3.17
N ALA F 128 -42.04 26.71 -2.14
CA ALA F 128 -41.02 25.67 -2.18
C ALA F 128 -41.62 24.27 -2.06
N ASP F 129 -42.75 24.17 -1.36
CA ASP F 129 -43.44 22.91 -1.21
C ASP F 129 -43.89 22.40 -2.59
N ILE F 130 -43.58 21.14 -2.88
CA ILE F 130 -43.93 20.54 -4.16
C ILE F 130 -44.97 19.45 -4.06
N ASP F 131 -44.96 18.70 -2.97
CA ASP F 131 -45.92 17.59 -2.79
C ASP F 131 -47.07 17.99 -1.88
N GLY F 132 -47.10 19.28 -1.55
CA GLY F 132 -48.16 19.83 -0.72
C GLY F 132 -48.40 19.30 0.68
N ASP F 133 -47.33 18.92 1.35
CA ASP F 133 -47.47 18.40 2.72
C ASP F 133 -47.30 19.52 3.73
N GLY F 134 -47.19 20.74 3.23
CA GLY F 134 -47.06 21.88 4.12
C GLY F 134 -45.68 22.09 4.69
N GLN F 135 -44.73 21.26 4.29
CA GLN F 135 -43.35 21.38 4.76
C GLN F 135 -42.39 21.11 3.62
N VAL F 136 -41.14 21.52 3.80
CA VAL F 136 -40.12 21.32 2.76
C VAL F 136 -39.06 20.28 3.16
N ASN F 137 -38.93 19.22 2.38
CA ASN F 137 -37.92 18.21 2.67
C ASN F 137 -36.66 18.53 1.88
N TYR F 138 -35.55 17.87 2.18
CA TYR F 138 -34.30 18.15 1.48
C TYR F 138 -34.41 18.10 -0.04
N GLU F 139 -35.11 17.10 -0.56
CA GLU F 139 -35.32 16.96 -2.02
C GLU F 139 -35.84 18.28 -2.61
N GLU F 140 -36.90 18.79 -1.99
CA GLU F 140 -37.51 20.03 -2.41
C GLU F 140 -36.50 21.15 -2.24
N PHE F 141 -36.00 21.32 -1.02
CA PHE F 141 -35.01 22.35 -0.73
C PHE F 141 -33.93 22.41 -1.81
N VAL F 142 -33.59 21.26 -2.37
CA VAL F 142 -32.56 21.20 -3.41
C VAL F 142 -33.06 21.86 -4.69
N GLN F 143 -34.28 21.49 -5.10
CA GLN F 143 -34.90 22.05 -6.29
C GLN F 143 -34.90 23.57 -6.14
N MET F 144 -35.62 24.02 -5.13
CA MET F 144 -35.76 25.43 -4.83
C MET F 144 -34.45 26.18 -4.79
N MET F 145 -33.35 25.46 -4.68
CA MET F 145 -32.06 26.10 -4.59
C MET F 145 -31.20 25.97 -5.84
N THR F 146 -31.27 24.83 -6.50
CA THR F 146 -30.46 24.66 -7.69
C THR F 146 -31.28 24.88 -8.95
N ALA F 147 -32.53 24.42 -8.93
CA ALA F 147 -33.40 24.58 -10.08
C ALA F 147 -33.78 26.06 -10.31
#